data_6Y9Q
# 
_entry.id   6Y9Q 
# 
_audit_conform.dict_name       mmcif_pdbx.dic 
_audit_conform.dict_version    5.383 
_audit_conform.dict_location   http://mmcif.pdb.org/dictionaries/ascii/mmcif_pdbx.dic 
# 
loop_
_database_2.database_id 
_database_2.database_code 
_database_2.pdbx_database_accession 
_database_2.pdbx_DOI 
PDB   6Y9Q         pdb_00006y9q 10.2210/pdb6y9q/pdb 
WWPDB D_1292107205 ?            ?                   
# 
loop_
_pdbx_audit_revision_history.ordinal 
_pdbx_audit_revision_history.data_content_type 
_pdbx_audit_revision_history.major_revision 
_pdbx_audit_revision_history.minor_revision 
_pdbx_audit_revision_history.revision_date 
1 'Structure model' 1 0 2020-10-07 
2 'Structure model' 1 1 2020-11-11 
3 'Structure model' 1 2 2024-01-24 
# 
_pdbx_audit_revision_details.ordinal             1 
_pdbx_audit_revision_details.revision_ordinal    1 
_pdbx_audit_revision_details.data_content_type   'Structure model' 
_pdbx_audit_revision_details.provider            repository 
_pdbx_audit_revision_details.type                'Initial release' 
_pdbx_audit_revision_details.description         ? 
_pdbx_audit_revision_details.details             ? 
# 
loop_
_pdbx_audit_revision_group.ordinal 
_pdbx_audit_revision_group.revision_ordinal 
_pdbx_audit_revision_group.data_content_type 
_pdbx_audit_revision_group.group 
1 2 'Structure model' 'Database references'    
2 3 'Structure model' 'Data collection'        
3 3 'Structure model' 'Database references'    
4 3 'Structure model' 'Refinement description' 
# 
loop_
_pdbx_audit_revision_category.ordinal 
_pdbx_audit_revision_category.revision_ordinal 
_pdbx_audit_revision_category.data_content_type 
_pdbx_audit_revision_category.category 
1 2 'Structure model' citation                      
2 2 'Structure model' citation_author               
3 3 'Structure model' chem_comp_atom                
4 3 'Structure model' chem_comp_bond                
5 3 'Structure model' database_2                    
6 3 'Structure model' pdbx_initial_refinement_model 
# 
loop_
_pdbx_audit_revision_item.ordinal 
_pdbx_audit_revision_item.revision_ordinal 
_pdbx_audit_revision_item.data_content_type 
_pdbx_audit_revision_item.item 
1 2 'Structure model' '_citation.journal_volume'            
2 2 'Structure model' '_citation.page_first'                
3 2 'Structure model' '_citation.page_last'                 
4 2 'Structure model' '_citation_author.name'               
5 3 'Structure model' '_database_2.pdbx_DOI'                
6 3 'Structure model' '_database_2.pdbx_database_accession' 
# 
_pdbx_database_status.status_code                     REL 
_pdbx_database_status.status_code_sf                  REL 
_pdbx_database_status.status_code_mr                  ? 
_pdbx_database_status.entry_id                        6Y9Q 
_pdbx_database_status.recvd_initial_deposition_date   2020-03-10 
_pdbx_database_status.SG_entry                        N 
_pdbx_database_status.deposit_site                    PDBE 
_pdbx_database_status.process_site                    PDBE 
_pdbx_database_status.status_code_cs                  ? 
_pdbx_database_status.status_code_nmr_data            ? 
_pdbx_database_status.methods_development_category    ? 
_pdbx_database_status.pdb_format_compatible           Y 
# 
loop_
_audit_author.name 
_audit_author.pdbx_ordinal 
_audit_author.identifier_ORCID 
'Zhu, Y.'           1 0000-0002-6841-0298 
'Delhommel, F.'     2 0000-0001-7021-087X 
'Haouz, A.'         3 ?                   
'Caillet-Saguy, C.' 4 ?                   
'Vaney, M.'         5 ?                   
'Mechaly, A.E.'     6 ?                   
'Wolff, N.'         7 0000-0002-4950-706X 
# 
_citation.abstract                  ? 
_citation.abstract_id_CAS           ? 
_citation.book_id_ISBN              ? 
_citation.book_publisher            ? 
_citation.book_publisher_city       ? 
_citation.book_title                ? 
_citation.coordinate_linkage        ? 
_citation.country                   UK 
_citation.database_id_Medline       ? 
_citation.details                   ? 
_citation.id                        primary 
_citation.journal_abbrev            J.Mol.Biol. 
_citation.journal_id_ASTM           JMOBAK 
_citation.journal_id_CSD            0070 
_citation.journal_id_ISSN           1089-8638 
_citation.journal_full              ? 
_citation.journal_issue             ? 
_citation.journal_volume            432 
_citation.language                  ? 
_citation.page_first                5920 
_citation.page_last                 5937 
_citation.title                     
'Deciphering the Unexpected Binding Capacity of the Third PDZ Domain of Whirlin to Various Cochlear Hair Cell Partners.' 
_citation.year                      2020 
_citation.database_id_CSD           ? 
_citation.pdbx_database_id_DOI      10.1016/j.jmb.2020.09.012 
_citation.pdbx_database_id_PubMed   32971111 
_citation.unpublished_flag          ? 
# 
loop_
_citation_author.citation_id 
_citation_author.name 
_citation_author.ordinal 
_citation_author.identifier_ORCID 
primary 'Zhu, Y.'                1  ? 
primary 'Delhommel, F.'          2  ? 
primary 'Cordier, F.'            3  ? 
primary 'Luchow, S.'             4  ? 
primary 'Mechaly, A.'            5  ? 
primary 'Colcombet-Cazenave, B.' 6  ? 
primary 'Girault, V.'            7  ? 
primary 'Pepermans, E.'          8  ? 
primary 'Bahloul, A.'            9  ? 
primary 'Gautier, C.'            10 ? 
primary 'Brule, S.'              11 ? 
primary 'Raynal, B.'             12 ? 
primary 'Hoos, S.'               13 ? 
primary 'Haouz, A.'              14 ? 
primary 'Caillet-Saguy, C.'      15 ? 
primary 'Ivarsson, Y.'           16 ? 
primary 'Wolff, N.'              17 ? 
# 
loop_
_entity.id 
_entity.type 
_entity.src_method 
_entity.pdbx_description 
_entity.formula_weight 
_entity.pdbx_number_of_molecules 
_entity.pdbx_ec 
_entity.pdbx_mutation 
_entity.pdbx_fragment 
_entity.details 
1 polymer man Whirlin 11359.070 1   ? ? ? ? 
2 polymer syn Taperin 1845.953  1   ? ? ? ? 
3 water   nat water   18.015    171 ? ? ? ? 
# 
loop_
_entity_poly.entity_id 
_entity_poly.type 
_entity_poly.nstd_linkage 
_entity_poly.nstd_monomer 
_entity_poly.pdbx_seq_one_letter_code 
_entity_poly.pdbx_seq_one_letter_code_can 
_entity_poly.pdbx_strand_id 
_entity_poly.pdbx_target_identifier 
1 'polypeptide(L)' no no 
;GAMGSTSLEPTSTLVRVRKSAATLGIAIEGGANTRQPLPRIVTIQRGGSAHNCGQLKVGHVILEVNGQTLRGKEHKEAAR
IIAEAFKTKERDYIDFLVTEFNVML
;
;GAMGSTSLEPTSTLVRVRKSAATLGIAIEGGANTRQPLPRIVTIQRGGSAHNCGQLKVGHVILEVNGQTLRGKEHKEAAR
IIAEAFKTKERDYIDFLVTEFNVML
;
B ? 
2 'polypeptide(L)' no no GLPVTFIDEVDSEEAPQ GLPVTFIDEVDSEEAPQ D ? 
# 
_pdbx_entity_nonpoly.entity_id   3 
_pdbx_entity_nonpoly.name        water 
_pdbx_entity_nonpoly.comp_id     HOH 
# 
loop_
_entity_poly_seq.entity_id 
_entity_poly_seq.num 
_entity_poly_seq.mon_id 
_entity_poly_seq.hetero 
1 1   GLY n 
1 2   ALA n 
1 3   MET n 
1 4   GLY n 
1 5   SER n 
1 6   THR n 
1 7   SER n 
1 8   LEU n 
1 9   GLU n 
1 10  PRO n 
1 11  THR n 
1 12  SER n 
1 13  THR n 
1 14  LEU n 
1 15  VAL n 
1 16  ARG n 
1 17  VAL n 
1 18  ARG n 
1 19  LYS n 
1 20  SER n 
1 21  ALA n 
1 22  ALA n 
1 23  THR n 
1 24  LEU n 
1 25  GLY n 
1 26  ILE n 
1 27  ALA n 
1 28  ILE n 
1 29  GLU n 
1 30  GLY n 
1 31  GLY n 
1 32  ALA n 
1 33  ASN n 
1 34  THR n 
1 35  ARG n 
1 36  GLN n 
1 37  PRO n 
1 38  LEU n 
1 39  PRO n 
1 40  ARG n 
1 41  ILE n 
1 42  VAL n 
1 43  THR n 
1 44  ILE n 
1 45  GLN n 
1 46  ARG n 
1 47  GLY n 
1 48  GLY n 
1 49  SER n 
1 50  ALA n 
1 51  HIS n 
1 52  ASN n 
1 53  CYS n 
1 54  GLY n 
1 55  GLN n 
1 56  LEU n 
1 57  LYS n 
1 58  VAL n 
1 59  GLY n 
1 60  HIS n 
1 61  VAL n 
1 62  ILE n 
1 63  LEU n 
1 64  GLU n 
1 65  VAL n 
1 66  ASN n 
1 67  GLY n 
1 68  GLN n 
1 69  THR n 
1 70  LEU n 
1 71  ARG n 
1 72  GLY n 
1 73  LYS n 
1 74  GLU n 
1 75  HIS n 
1 76  LYS n 
1 77  GLU n 
1 78  ALA n 
1 79  ALA n 
1 80  ARG n 
1 81  ILE n 
1 82  ILE n 
1 83  ALA n 
1 84  GLU n 
1 85  ALA n 
1 86  PHE n 
1 87  LYS n 
1 88  THR n 
1 89  LYS n 
1 90  GLU n 
1 91  ARG n 
1 92  ASP n 
1 93  TYR n 
1 94  ILE n 
1 95  ASP n 
1 96  PHE n 
1 97  LEU n 
1 98  VAL n 
1 99  THR n 
1 100 GLU n 
1 101 PHE n 
1 102 ASN n 
1 103 VAL n 
1 104 MET n 
1 105 LEU n 
2 1   GLY n 
2 2   LEU n 
2 3   PRO n 
2 4   VAL n 
2 5   THR n 
2 6   PHE n 
2 7   ILE n 
2 8   ASP n 
2 9   GLU n 
2 10  VAL n 
2 11  ASP n 
2 12  SER n 
2 13  GLU n 
2 14  GLU n 
2 15  ALA n 
2 16  PRO n 
2 17  GLN n 
# 
_entity_src_gen.entity_id                          1 
_entity_src_gen.pdbx_src_id                        1 
_entity_src_gen.pdbx_alt_source_flag               sample 
_entity_src_gen.pdbx_seq_type                      'Biological sequence' 
_entity_src_gen.pdbx_beg_seq_num                   1 
_entity_src_gen.pdbx_end_seq_num                   105 
_entity_src_gen.gene_src_common_name               'House mouse' 
_entity_src_gen.gene_src_genus                     ? 
_entity_src_gen.pdbx_gene_src_gene                 'Whrn, Dfnb31, Kiaa1526' 
_entity_src_gen.gene_src_species                   ? 
_entity_src_gen.gene_src_strain                    ? 
_entity_src_gen.gene_src_tissue                    ? 
_entity_src_gen.gene_src_tissue_fraction           ? 
_entity_src_gen.gene_src_details                   ? 
_entity_src_gen.pdbx_gene_src_fragment             ? 
_entity_src_gen.pdbx_gene_src_scientific_name      'Mus musculus' 
_entity_src_gen.pdbx_gene_src_ncbi_taxonomy_id     10090 
_entity_src_gen.pdbx_gene_src_variant              ? 
_entity_src_gen.pdbx_gene_src_cell_line            ? 
_entity_src_gen.pdbx_gene_src_atcc                 ? 
_entity_src_gen.pdbx_gene_src_organ                ? 
_entity_src_gen.pdbx_gene_src_organelle            ? 
_entity_src_gen.pdbx_gene_src_cell                 ? 
_entity_src_gen.pdbx_gene_src_cellular_location    ? 
_entity_src_gen.host_org_common_name               ? 
_entity_src_gen.pdbx_host_org_scientific_name      
;Escherichia coli 'BL21-Gold(DE3)pLysS AG'
;
_entity_src_gen.pdbx_host_org_ncbi_taxonomy_id     866768 
_entity_src_gen.host_org_genus                     ? 
_entity_src_gen.pdbx_host_org_gene                 ? 
_entity_src_gen.pdbx_host_org_organ                ? 
_entity_src_gen.host_org_species                   ? 
_entity_src_gen.pdbx_host_org_tissue               ? 
_entity_src_gen.pdbx_host_org_tissue_fraction      ? 
_entity_src_gen.pdbx_host_org_strain               ? 
_entity_src_gen.pdbx_host_org_variant              ? 
_entity_src_gen.pdbx_host_org_cell_line            ? 
_entity_src_gen.pdbx_host_org_atcc                 ? 
_entity_src_gen.pdbx_host_org_culture_collection   ? 
_entity_src_gen.pdbx_host_org_cell                 ? 
_entity_src_gen.pdbx_host_org_organelle            ? 
_entity_src_gen.pdbx_host_org_cellular_location    ? 
_entity_src_gen.pdbx_host_org_vector_type          ? 
_entity_src_gen.pdbx_host_org_vector               ? 
_entity_src_gen.host_org_details                   ? 
_entity_src_gen.expression_system_id               ? 
_entity_src_gen.plasmid_name                       ? 
_entity_src_gen.plasmid_details                    ? 
_entity_src_gen.pdbx_description                   ? 
# 
_pdbx_entity_src_syn.entity_id              2 
_pdbx_entity_src_syn.pdbx_src_id            1 
_pdbx_entity_src_syn.pdbx_alt_source_flag   sample 
_pdbx_entity_src_syn.pdbx_beg_seq_num       1 
_pdbx_entity_src_syn.pdbx_end_seq_num       17 
_pdbx_entity_src_syn.organism_scientific    'Homo sapiens' 
_pdbx_entity_src_syn.organism_common_name   Human 
_pdbx_entity_src_syn.ncbi_taxonomy_id       9606 
_pdbx_entity_src_syn.details                ? 
# 
loop_
_chem_comp.id 
_chem_comp.type 
_chem_comp.mon_nstd_flag 
_chem_comp.name 
_chem_comp.pdbx_synonyms 
_chem_comp.formula 
_chem_comp.formula_weight 
ALA 'L-peptide linking' y ALANINE         ? 'C3 H7 N O2'     89.093  
ARG 'L-peptide linking' y ARGININE        ? 'C6 H15 N4 O2 1' 175.209 
ASN 'L-peptide linking' y ASPARAGINE      ? 'C4 H8 N2 O3'    132.118 
ASP 'L-peptide linking' y 'ASPARTIC ACID' ? 'C4 H7 N O4'     133.103 
CYS 'L-peptide linking' y CYSTEINE        ? 'C3 H7 N O2 S'   121.158 
GLN 'L-peptide linking' y GLUTAMINE       ? 'C5 H10 N2 O3'   146.144 
GLU 'L-peptide linking' y 'GLUTAMIC ACID' ? 'C5 H9 N O4'     147.129 
GLY 'peptide linking'   y GLYCINE         ? 'C2 H5 N O2'     75.067  
HIS 'L-peptide linking' y HISTIDINE       ? 'C6 H10 N3 O2 1' 156.162 
HOH non-polymer         . WATER           ? 'H2 O'           18.015  
ILE 'L-peptide linking' y ISOLEUCINE      ? 'C6 H13 N O2'    131.173 
LEU 'L-peptide linking' y LEUCINE         ? 'C6 H13 N O2'    131.173 
LYS 'L-peptide linking' y LYSINE          ? 'C6 H15 N2 O2 1' 147.195 
MET 'L-peptide linking' y METHIONINE      ? 'C5 H11 N O2 S'  149.211 
PHE 'L-peptide linking' y PHENYLALANINE   ? 'C9 H11 N O2'    165.189 
PRO 'L-peptide linking' y PROLINE         ? 'C5 H9 N O2'     115.130 
SER 'L-peptide linking' y SERINE          ? 'C3 H7 N O3'     105.093 
THR 'L-peptide linking' y THREONINE       ? 'C4 H9 N O3'     119.119 
TYR 'L-peptide linking' y TYROSINE        ? 'C9 H11 N O3'    181.189 
VAL 'L-peptide linking' y VALINE          ? 'C5 H11 N O2'    117.146 
# 
loop_
_pdbx_poly_seq_scheme.asym_id 
_pdbx_poly_seq_scheme.entity_id 
_pdbx_poly_seq_scheme.seq_id 
_pdbx_poly_seq_scheme.mon_id 
_pdbx_poly_seq_scheme.ndb_seq_num 
_pdbx_poly_seq_scheme.pdb_seq_num 
_pdbx_poly_seq_scheme.auth_seq_num 
_pdbx_poly_seq_scheme.pdb_mon_id 
_pdbx_poly_seq_scheme.auth_mon_id 
_pdbx_poly_seq_scheme.pdb_strand_id 
_pdbx_poly_seq_scheme.pdb_ins_code 
_pdbx_poly_seq_scheme.hetero 
A 1 1   GLY 1   802 ?   ?   ?   B . n 
A 1 2   ALA 2   803 ?   ?   ?   B . n 
A 1 3   MET 3   804 ?   ?   ?   B . n 
A 1 4   GLY 4   805 ?   ?   ?   B . n 
A 1 5   SER 5   806 ?   ?   ?   B . n 
A 1 6   THR 6   807 ?   ?   ?   B . n 
A 1 7   SER 7   808 ?   ?   ?   B . n 
A 1 8   LEU 8   809 ?   ?   ?   B . n 
A 1 9   GLU 9   810 ?   ?   ?   B . n 
A 1 10  PRO 10  811 ?   ?   ?   B . n 
A 1 11  THR 11  812 812 THR THR B . n 
A 1 12  SER 12  813 813 SER SER B . n 
A 1 13  THR 13  814 814 THR THR B . n 
A 1 14  LEU 14  815 815 LEU LEU B . n 
A 1 15  VAL 15  816 816 VAL VAL B . n 
A 1 16  ARG 16  817 817 ARG ARG B . n 
A 1 17  VAL 17  818 818 VAL VAL B . n 
A 1 18  ARG 18  819 819 ARG ARG B . n 
A 1 19  LYS 19  820 820 LYS LYS B . n 
A 1 20  SER 20  821 821 SER SER B . n 
A 1 21  ALA 21  822 822 ALA ALA B . n 
A 1 22  ALA 22  823 823 ALA ALA B . n 
A 1 23  THR 23  824 824 THR THR B . n 
A 1 24  LEU 24  825 825 LEU LEU B . n 
A 1 25  GLY 25  826 826 GLY GLY B . n 
A 1 26  ILE 26  827 827 ILE ILE B . n 
A 1 27  ALA 27  828 828 ALA ALA B . n 
A 1 28  ILE 28  829 829 ILE ILE B . n 
A 1 29  GLU 29  830 830 GLU GLU B . n 
A 1 30  GLY 30  831 831 GLY GLY B . n 
A 1 31  GLY 31  832 832 GLY GLY B . n 
A 1 32  ALA 32  833 833 ALA ALA B . n 
A 1 33  ASN 33  834 834 ASN ASN B . n 
A 1 34  THR 34  835 835 THR THR B . n 
A 1 35  ARG 35  836 836 ARG ARG B . n 
A 1 36  GLN 36  837 837 GLN GLN B . n 
A 1 37  PRO 37  838 838 PRO PRO B . n 
A 1 38  LEU 38  839 839 LEU LEU B . n 
A 1 39  PRO 39  840 840 PRO PRO B . n 
A 1 40  ARG 40  841 841 ARG ARG B . n 
A 1 41  ILE 41  842 842 ILE ILE B . n 
A 1 42  VAL 42  843 843 VAL VAL B . n 
A 1 43  THR 43  844 844 THR THR B . n 
A 1 44  ILE 44  845 845 ILE ILE B . n 
A 1 45  GLN 45  846 846 GLN GLN B . n 
A 1 46  ARG 46  847 847 ARG ARG B . n 
A 1 47  GLY 47  848 848 GLY GLY B . n 
A 1 48  GLY 48  849 849 GLY GLY B . n 
A 1 49  SER 49  850 850 SER SER B . n 
A 1 50  ALA 50  851 851 ALA ALA B . n 
A 1 51  HIS 51  852 852 HIS HIS B . n 
A 1 52  ASN 52  853 853 ASN ASN B . n 
A 1 53  CYS 53  854 854 CYS CYS B . n 
A 1 54  GLY 54  855 855 GLY GLY B . n 
A 1 55  GLN 55  856 856 GLN GLN B . n 
A 1 56  LEU 56  857 857 LEU LEU B . n 
A 1 57  LYS 57  858 858 LYS LYS B . n 
A 1 58  VAL 58  859 859 VAL VAL B . n 
A 1 59  GLY 59  860 860 GLY GLY B . n 
A 1 60  HIS 60  861 861 HIS HIS B . n 
A 1 61  VAL 61  862 862 VAL VAL B . n 
A 1 62  ILE 62  863 863 ILE ILE B . n 
A 1 63  LEU 63  864 864 LEU LEU B . n 
A 1 64  GLU 64  865 865 GLU GLU B . n 
A 1 65  VAL 65  866 866 VAL VAL B . n 
A 1 66  ASN 66  867 867 ASN ASN B . n 
A 1 67  GLY 67  868 868 GLY GLY B . n 
A 1 68  GLN 68  869 869 GLN GLN B . n 
A 1 69  THR 69  870 870 THR THR B . n 
A 1 70  LEU 70  871 871 LEU LEU B . n 
A 1 71  ARG 71  872 872 ARG ARG B . n 
A 1 72  GLY 72  873 873 GLY GLY B . n 
A 1 73  LYS 73  874 874 LYS LYS B . n 
A 1 74  GLU 74  875 875 GLU GLU B . n 
A 1 75  HIS 75  876 876 HIS HIS B . n 
A 1 76  LYS 76  877 877 LYS LYS B . n 
A 1 77  GLU 77  878 878 GLU GLU B . n 
A 1 78  ALA 78  879 879 ALA ALA B . n 
A 1 79  ALA 79  880 880 ALA ALA B . n 
A 1 80  ARG 80  881 881 ARG ARG B . n 
A 1 81  ILE 81  882 882 ILE ILE B . n 
A 1 82  ILE 82  883 883 ILE ILE B . n 
A 1 83  ALA 83  884 884 ALA ALA B . n 
A 1 84  GLU 84  885 885 GLU GLU B . n 
A 1 85  ALA 85  886 886 ALA ALA B . n 
A 1 86  PHE 86  887 887 PHE PHE B . n 
A 1 87  LYS 87  888 888 LYS LYS B . n 
A 1 88  THR 88  889 889 THR THR B . n 
A 1 89  LYS 89  890 890 LYS LYS B . n 
A 1 90  GLU 90  891 891 GLU GLU B . n 
A 1 91  ARG 91  892 892 ARG ARG B . n 
A 1 92  ASP 92  893 893 ASP ASP B . n 
A 1 93  TYR 93  894 894 TYR TYR B . n 
A 1 94  ILE 94  895 895 ILE ILE B . n 
A 1 95  ASP 95  896 896 ASP ASP B . n 
A 1 96  PHE 96  897 897 PHE PHE B . n 
A 1 97  LEU 97  898 898 LEU LEU B . n 
A 1 98  VAL 98  899 899 VAL VAL B . n 
A 1 99  THR 99  900 900 THR THR B . n 
A 1 100 GLU 100 901 901 GLU GLU B . n 
A 1 101 PHE 101 902 902 PHE PHE B . n 
A 1 102 ASN 102 903 903 ASN ASN B . n 
A 1 103 VAL 103 904 904 VAL VAL B . n 
A 1 104 MET 104 905 905 MET MET B . n 
A 1 105 LEU 105 906 ?   ?   ?   B . n 
B 2 1   GLY 1   739 739 GLY GLY D . n 
B 2 2   LEU 2   740 740 LEU LEU D . n 
B 2 3   PRO 3   741 741 PRO PRO D . n 
B 2 4   VAL 4   742 742 VAL VAL D . n 
B 2 5   THR 5   743 743 THR THR D . n 
B 2 6   PHE 6   744 744 PHE PHE D . n 
B 2 7   ILE 7   745 745 ILE ILE D . n 
B 2 8   ASP 8   746 746 ASP ASP D . n 
B 2 9   GLU 9   747 747 GLU GLU D . n 
B 2 10  VAL 10  748 748 VAL VAL D . n 
B 2 11  ASP 11  749 749 ASP ASP D . n 
B 2 12  SER 12  750 ?   ?   ?   D . n 
B 2 13  GLU 13  751 ?   ?   ?   D . n 
B 2 14  GLU 14  752 ?   ?   ?   D . n 
B 2 15  ALA 15  753 ?   ?   ?   D . n 
B 2 16  PRO 16  754 ?   ?   ?   D . n 
B 2 17  GLN 17  755 ?   ?   ?   D . n 
# 
loop_
_pdbx_nonpoly_scheme.asym_id 
_pdbx_nonpoly_scheme.entity_id 
_pdbx_nonpoly_scheme.mon_id 
_pdbx_nonpoly_scheme.ndb_seq_num 
_pdbx_nonpoly_scheme.pdb_seq_num 
_pdbx_nonpoly_scheme.auth_seq_num 
_pdbx_nonpoly_scheme.pdb_mon_id 
_pdbx_nonpoly_scheme.auth_mon_id 
_pdbx_nonpoly_scheme.pdb_strand_id 
_pdbx_nonpoly_scheme.pdb_ins_code 
C 3 HOH 1   1001 85  HOH HOH B . 
C 3 HOH 2   1002 160 HOH HOH B . 
C 3 HOH 3   1003 52  HOH HOH B . 
C 3 HOH 4   1004 10  HOH HOH B . 
C 3 HOH 5   1005 33  HOH HOH B . 
C 3 HOH 6   1006 171 HOH HOH B . 
C 3 HOH 7   1007 94  HOH HOH B . 
C 3 HOH 8   1008 25  HOH HOH B . 
C 3 HOH 9   1009 30  HOH HOH B . 
C 3 HOH 10  1010 32  HOH HOH B . 
C 3 HOH 11  1011 1   HOH HOH B . 
C 3 HOH 12  1012 122 HOH HOH B . 
C 3 HOH 13  1013 46  HOH HOH B . 
C 3 HOH 14  1014 167 HOH HOH B . 
C 3 HOH 15  1015 84  HOH HOH B . 
C 3 HOH 16  1016 40  HOH HOH B . 
C 3 HOH 17  1017 42  HOH HOH B . 
C 3 HOH 18  1018 74  HOH HOH B . 
C 3 HOH 19  1019 35  HOH HOH B . 
C 3 HOH 20  1020 18  HOH HOH B . 
C 3 HOH 21  1021 27  HOH HOH B . 
C 3 HOH 22  1022 178 HOH HOH B . 
C 3 HOH 23  1023 23  HOH HOH B . 
C 3 HOH 24  1024 77  HOH HOH B . 
C 3 HOH 25  1025 2   HOH HOH B . 
C 3 HOH 26  1026 118 HOH HOH B . 
C 3 HOH 27  1027 19  HOH HOH B . 
C 3 HOH 28  1028 80  HOH HOH B . 
C 3 HOH 29  1029 4   HOH HOH B . 
C 3 HOH 30  1030 22  HOH HOH B . 
C 3 HOH 31  1031 34  HOH HOH B . 
C 3 HOH 32  1032 106 HOH HOH B . 
C 3 HOH 33  1033 54  HOH HOH B . 
C 3 HOH 34  1034 21  HOH HOH B . 
C 3 HOH 35  1035 152 HOH HOH B . 
C 3 HOH 36  1036 70  HOH HOH B . 
C 3 HOH 37  1037 9   HOH HOH B . 
C 3 HOH 38  1038 107 HOH HOH B . 
C 3 HOH 39  1039 117 HOH HOH B . 
C 3 HOH 40  1040 162 HOH HOH B . 
C 3 HOH 41  1041 81  HOH HOH B . 
C 3 HOH 42  1042 121 HOH HOH B . 
C 3 HOH 43  1043 49  HOH HOH B . 
C 3 HOH 44  1044 135 HOH HOH B . 
C 3 HOH 45  1045 53  HOH HOH B . 
C 3 HOH 46  1046 48  HOH HOH B . 
C 3 HOH 47  1047 141 HOH HOH B . 
C 3 HOH 48  1048 15  HOH HOH B . 
C 3 HOH 49  1049 5   HOH HOH B . 
C 3 HOH 50  1050 67  HOH HOH B . 
C 3 HOH 51  1051 172 HOH HOH B . 
C 3 HOH 52  1052 161 HOH HOH B . 
C 3 HOH 53  1053 99  HOH HOH B . 
C 3 HOH 54  1054 64  HOH HOH B . 
C 3 HOH 55  1055 45  HOH HOH B . 
C 3 HOH 56  1056 17  HOH HOH B . 
C 3 HOH 57  1057 11  HOH HOH B . 
C 3 HOH 58  1058 28  HOH HOH B . 
C 3 HOH 59  1059 20  HOH HOH B . 
C 3 HOH 60  1060 105 HOH HOH B . 
C 3 HOH 61  1061 29  HOH HOH B . 
C 3 HOH 62  1062 13  HOH HOH B . 
C 3 HOH 63  1063 37  HOH HOH B . 
C 3 HOH 64  1064 14  HOH HOH B . 
C 3 HOH 65  1065 12  HOH HOH B . 
C 3 HOH 66  1066 165 HOH HOH B . 
C 3 HOH 67  1067 8   HOH HOH B . 
C 3 HOH 68  1068 130 HOH HOH B . 
C 3 HOH 69  1069 86  HOH HOH B . 
C 3 HOH 70  1070 91  HOH HOH B . 
C 3 HOH 71  1071 60  HOH HOH B . 
C 3 HOH 72  1072 26  HOH HOH B . 
C 3 HOH 73  1073 102 HOH HOH B . 
C 3 HOH 74  1074 63  HOH HOH B . 
C 3 HOH 75  1075 36  HOH HOH B . 
C 3 HOH 76  1076 69  HOH HOH B . 
C 3 HOH 77  1077 92  HOH HOH B . 
C 3 HOH 78  1078 41  HOH HOH B . 
C 3 HOH 79  1079 163 HOH HOH B . 
C 3 HOH 80  1080 140 HOH HOH B . 
C 3 HOH 81  1081 133 HOH HOH B . 
C 3 HOH 82  1082 55  HOH HOH B . 
C 3 HOH 83  1083 142 HOH HOH B . 
C 3 HOH 84  1084 24  HOH HOH B . 
C 3 HOH 85  1085 164 HOH HOH B . 
C 3 HOH 86  1086 3   HOH HOH B . 
C 3 HOH 87  1087 158 HOH HOH B . 
C 3 HOH 88  1088 150 HOH HOH B . 
C 3 HOH 89  1089 7   HOH HOH B . 
C 3 HOH 90  1090 153 HOH HOH B . 
C 3 HOH 91  1091 170 HOH HOH B . 
C 3 HOH 92  1092 101 HOH HOH B . 
C 3 HOH 93  1093 50  HOH HOH B . 
C 3 HOH 94  1094 47  HOH HOH B . 
C 3 HOH 95  1095 151 HOH HOH B . 
C 3 HOH 96  1096 131 HOH HOH B . 
C 3 HOH 97  1097 137 HOH HOH B . 
C 3 HOH 98  1098 168 HOH HOH B . 
C 3 HOH 99  1099 144 HOH HOH B . 
C 3 HOH 100 1100 148 HOH HOH B . 
C 3 HOH 101 1101 145 HOH HOH B . 
C 3 HOH 102 1102 72  HOH HOH B . 
C 3 HOH 103 1103 123 HOH HOH B . 
C 3 HOH 104 1104 44  HOH HOH B . 
C 3 HOH 105 1105 125 HOH HOH B . 
C 3 HOH 106 1106 177 HOH HOH B . 
C 3 HOH 107 1107 132 HOH HOH B . 
C 3 HOH 108 1108 136 HOH HOH B . 
C 3 HOH 109 1109 38  HOH HOH B . 
C 3 HOH 110 1110 78  HOH HOH B . 
C 3 HOH 111 1111 58  HOH HOH B . 
C 3 HOH 112 1112 128 HOH HOH B . 
C 3 HOH 113 1113 66  HOH HOH B . 
C 3 HOH 114 1114 79  HOH HOH B . 
C 3 HOH 115 1115 93  HOH HOH B . 
C 3 HOH 116 1116 179 HOH HOH B . 
C 3 HOH 117 1117 89  HOH HOH B . 
C 3 HOH 118 1118 127 HOH HOH B . 
C 3 HOH 119 1119 113 HOH HOH B . 
C 3 HOH 120 1120 111 HOH HOH B . 
C 3 HOH 121 1121 76  HOH HOH B . 
C 3 HOH 122 1122 156 HOH HOH B . 
C 3 HOH 123 1123 112 HOH HOH B . 
C 3 HOH 124 1124 124 HOH HOH B . 
C 3 HOH 125 1125 175 HOH HOH B . 
C 3 HOH 126 1126 134 HOH HOH B . 
C 3 HOH 127 1127 95  HOH HOH B . 
C 3 HOH 128 1128 116 HOH HOH B . 
C 3 HOH 129 1129 146 HOH HOH B . 
C 3 HOH 130 1130 147 HOH HOH B . 
C 3 HOH 131 1131 103 HOH HOH B . 
C 3 HOH 132 1132 174 HOH HOH B . 
C 3 HOH 133 1133 115 HOH HOH B . 
C 3 HOH 134 1134 157 HOH HOH B . 
C 3 HOH 135 1135 71  HOH HOH B . 
C 3 HOH 136 1136 96  HOH HOH B . 
C 3 HOH 137 1137 108 HOH HOH B . 
C 3 HOH 138 1138 119 HOH HOH B . 
C 3 HOH 139 1139 39  HOH HOH B . 
C 3 HOH 140 1140 110 HOH HOH B . 
C 3 HOH 141 1141 181 HOH HOH B . 
C 3 HOH 142 1142 6   HOH HOH B . 
C 3 HOH 143 1143 43  HOH HOH B . 
C 3 HOH 144 1144 120 HOH HOH B . 
C 3 HOH 145 1145 75  HOH HOH B . 
C 3 HOH 146 1146 90  HOH HOH B . 
C 3 HOH 147 1147 138 HOH HOH B . 
C 3 HOH 148 1148 59  HOH HOH B . 
C 3 HOH 149 1149 82  HOH HOH B . 
C 3 HOH 150 1150 166 HOH HOH B . 
C 3 HOH 151 1151 176 HOH HOH B . 
C 3 HOH 152 1152 173 HOH HOH B . 
C 3 HOH 153 1153 180 HOH HOH B . 
D 3 HOH 1   801  61  HOH HOH D . 
D 3 HOH 2   802  87  HOH HOH D . 
D 3 HOH 3   803  51  HOH HOH D . 
D 3 HOH 4   804  109 HOH HOH D . 
D 3 HOH 5   805  16  HOH HOH D . 
D 3 HOH 6   806  57  HOH HOH D . 
D 3 HOH 7   807  31  HOH HOH D . 
D 3 HOH 8   808  65  HOH HOH D . 
D 3 HOH 9   809  83  HOH HOH D . 
D 3 HOH 10  810  97  HOH HOH D . 
D 3 HOH 11  811  98  HOH HOH D . 
D 3 HOH 12  812  143 HOH HOH D . 
D 3 HOH 13  813  62  HOH HOH D . 
D 3 HOH 14  814  159 HOH HOH D . 
D 3 HOH 15  815  126 HOH HOH D . 
D 3 HOH 16  816  88  HOH HOH D . 
D 3 HOH 17  817  56  HOH HOH D . 
D 3 HOH 18  818  73  HOH HOH D . 
# 
loop_
_software.citation_id 
_software.classification 
_software.compiler_name 
_software.compiler_version 
_software.contact_author 
_software.contact_author_email 
_software.date 
_software.description 
_software.dependencies 
_software.hardware 
_software.language 
_software.location 
_software.mods 
_software.name 
_software.os 
_software.os_version 
_software.type 
_software.version 
_software.pdbx_ordinal 
? refinement       ? ? ? ? ? ? ? ? ? ? ? BUSTER  ? ? ? . 1 
? 'data reduction' ? ? ? ? ? ? ? ? ? ? ? XDS     ? ? ? . 2 
? 'data scaling'   ? ? ? ? ? ? ? ? ? ? ? Aimless ? ? ? . 3 
? phasing          ? ? ? ? ? ? ? ? ? ? ? PHASER  ? ? ? . 4 
# 
_cell.angle_alpha                  90.000 
_cell.angle_alpha_esd              ? 
_cell.angle_beta                   90.000 
_cell.angle_beta_esd               ? 
_cell.angle_gamma                  120.000 
_cell.angle_gamma_esd              ? 
_cell.entry_id                     6Y9Q 
_cell.details                      ? 
_cell.formula_units_Z              ? 
_cell.length_a                     50.450 
_cell.length_a_esd                 ? 
_cell.length_b                     50.450 
_cell.length_b_esd                 ? 
_cell.length_c                     89.140 
_cell.length_c_esd                 ? 
_cell.volume                       196483.281 
_cell.volume_esd                   ? 
_cell.Z_PDB                        6 
_cell.reciprocal_angle_alpha       ? 
_cell.reciprocal_angle_beta        ? 
_cell.reciprocal_angle_gamma       ? 
_cell.reciprocal_angle_alpha_esd   ? 
_cell.reciprocal_angle_beta_esd    ? 
_cell.reciprocal_angle_gamma_esd   ? 
_cell.reciprocal_length_a          ? 
_cell.reciprocal_length_b          ? 
_cell.reciprocal_length_c          ? 
_cell.reciprocal_length_a_esd      ? 
_cell.reciprocal_length_b_esd      ? 
_cell.reciprocal_length_c_esd      ? 
_cell.pdbx_unique_axis             ? 
# 
_symmetry.entry_id                         6Y9Q 
_symmetry.cell_setting                     ? 
_symmetry.Int_Tables_number                152 
_symmetry.space_group_name_Hall            
;P 31 2"
;
_symmetry.space_group_name_H-M             'P 31 2 1' 
_symmetry.pdbx_full_space_group_name_H-M   ? 
# 
_exptl.absorpt_coefficient_mu     ? 
_exptl.absorpt_correction_T_max   ? 
_exptl.absorpt_correction_T_min   ? 
_exptl.absorpt_correction_type    ? 
_exptl.absorpt_process_details    ? 
_exptl.entry_id                   6Y9Q 
_exptl.crystals_number            1 
_exptl.details                    ? 
_exptl.method                     'X-RAY DIFFRACTION' 
_exptl.method_details             ? 
# 
_exptl_crystal.colour                      ? 
_exptl_crystal.density_diffrn              ? 
_exptl_crystal.density_Matthews            2.48 
_exptl_crystal.density_method              ? 
_exptl_crystal.density_percent_sol         50.40 
_exptl_crystal.description                 ? 
_exptl_crystal.F_000                       ? 
_exptl_crystal.id                          1 
_exptl_crystal.preparation                 ? 
_exptl_crystal.size_max                    ? 
_exptl_crystal.size_mid                    ? 
_exptl_crystal.size_min                    ? 
_exptl_crystal.size_rad                    ? 
_exptl_crystal.colour_lustre               ? 
_exptl_crystal.colour_modifier             ? 
_exptl_crystal.colour_primary              ? 
_exptl_crystal.density_meas                ? 
_exptl_crystal.density_meas_esd            ? 
_exptl_crystal.density_meas_gt             ? 
_exptl_crystal.density_meas_lt             ? 
_exptl_crystal.density_meas_temp           ? 
_exptl_crystal.density_meas_temp_esd       ? 
_exptl_crystal.density_meas_temp_gt        ? 
_exptl_crystal.density_meas_temp_lt        ? 
_exptl_crystal.pdbx_crystal_image_url      ? 
_exptl_crystal.pdbx_crystal_image_format   ? 
_exptl_crystal.pdbx_mosaicity              ? 
_exptl_crystal.pdbx_mosaicity_esd          ? 
# 
_exptl_crystal_grow.apparatus       ? 
_exptl_crystal_grow.atmosphere      ? 
_exptl_crystal_grow.crystal_id      1 
_exptl_crystal_grow.details         ? 
_exptl_crystal_grow.method          'VAPOR DIFFUSION, SITTING DROP' 
_exptl_crystal_grow.method_ref      ? 
_exptl_crystal_grow.pH              ? 
_exptl_crystal_grow.pressure        ? 
_exptl_crystal_grow.pressure_esd    ? 
_exptl_crystal_grow.seeding         ? 
_exptl_crystal_grow.seeding_ref     ? 
_exptl_crystal_grow.temp            277.15 
_exptl_crystal_grow.temp_details    ? 
_exptl_crystal_grow.temp_esd        ? 
_exptl_crystal_grow.time            ? 
_exptl_crystal_grow.pdbx_details    '0.2 M LiCl, 25 %w/v PEG 8000' 
_exptl_crystal_grow.pdbx_pH_range   ? 
# 
_diffrn.ambient_environment              ? 
_diffrn.ambient_temp                     100 
_diffrn.ambient_temp_details             ? 
_diffrn.ambient_temp_esd                 ? 
_diffrn.crystal_id                       1 
_diffrn.crystal_support                  ? 
_diffrn.crystal_treatment                ? 
_diffrn.details                          ? 
_diffrn.id                               1 
_diffrn.ambient_pressure                 ? 
_diffrn.ambient_pressure_esd             ? 
_diffrn.ambient_pressure_gt              ? 
_diffrn.ambient_pressure_lt              ? 
_diffrn.ambient_temp_gt                  ? 
_diffrn.ambient_temp_lt                  ? 
_diffrn.pdbx_serial_crystal_experiment   N 
# 
_diffrn_detector.details                      ? 
_diffrn_detector.detector                     PIXEL 
_diffrn_detector.diffrn_id                    1 
_diffrn_detector.type                         'DECTRIS PILATUS 300K' 
_diffrn_detector.area_resol_mean              ? 
_diffrn_detector.dtime                        ? 
_diffrn_detector.pdbx_frames_total            ? 
_diffrn_detector.pdbx_collection_time_total   ? 
_diffrn_detector.pdbx_collection_date         2019-01-31 
_diffrn_detector.pdbx_frequency               ? 
# 
_diffrn_radiation.collimation                      ? 
_diffrn_radiation.diffrn_id                        1 
_diffrn_radiation.filter_edge                      ? 
_diffrn_radiation.inhomogeneity                    ? 
_diffrn_radiation.monochromator                    ? 
_diffrn_radiation.polarisn_norm                    ? 
_diffrn_radiation.polarisn_ratio                   ? 
_diffrn_radiation.probe                            ? 
_diffrn_radiation.type                             ? 
_diffrn_radiation.xray_symbol                      ? 
_diffrn_radiation.wavelength_id                    1 
_diffrn_radiation.pdbx_monochromatic_or_laue_m_l   M 
_diffrn_radiation.pdbx_wavelength_list             ? 
_diffrn_radiation.pdbx_wavelength                  ? 
_diffrn_radiation.pdbx_diffrn_protocol             'SINGLE WAVELENGTH' 
_diffrn_radiation.pdbx_analyzer                    ? 
_diffrn_radiation.pdbx_scattering_type             x-ray 
# 
_diffrn_radiation_wavelength.id           1 
_diffrn_radiation_wavelength.wavelength   0.9786 
_diffrn_radiation_wavelength.wt           1.0 
# 
_diffrn_source.current                     ? 
_diffrn_source.details                     ? 
_diffrn_source.diffrn_id                   1 
_diffrn_source.power                       ? 
_diffrn_source.size                        ? 
_diffrn_source.source                      SYNCHROTRON 
_diffrn_source.target                      ? 
_diffrn_source.type                        'SOLEIL BEAMLINE PROXIMA 1' 
_diffrn_source.voltage                     ? 
_diffrn_source.take-off_angle              ? 
_diffrn_source.pdbx_wavelength_list        0.9786 
_diffrn_source.pdbx_wavelength             ? 
_diffrn_source.pdbx_synchrotron_beamline   'PROXIMA 1' 
_diffrn_source.pdbx_synchrotron_site       SOLEIL 
# 
_reflns.B_iso_Wilson_estimate            ? 
_reflns.entry_id                         6Y9Q 
_reflns.data_reduction_details           ? 
_reflns.data_reduction_method            ? 
_reflns.d_resolution_high                1.315 
_reflns.d_resolution_low                 29.71 
_reflns.details                          ? 
_reflns.limit_h_max                      ? 
_reflns.limit_h_min                      ? 
_reflns.limit_k_max                      ? 
_reflns.limit_k_min                      ? 
_reflns.limit_l_max                      ? 
_reflns.limit_l_min                      ? 
_reflns.number_all                       ? 
_reflns.number_obs                       31851 
_reflns.observed_criterion               ? 
_reflns.observed_criterion_F_max         ? 
_reflns.observed_criterion_F_min         ? 
_reflns.observed_criterion_I_max         ? 
_reflns.observed_criterion_I_min         ? 
_reflns.observed_criterion_sigma_F       ? 
_reflns.observed_criterion_sigma_I       ? 
_reflns.percent_possible_obs             99.61 
_reflns.R_free_details                   ? 
_reflns.Rmerge_F_all                     ? 
_reflns.Rmerge_F_obs                     ? 
_reflns.Friedel_coverage                 ? 
_reflns.number_gt                        ? 
_reflns.threshold_expression             ? 
_reflns.pdbx_redundancy                  19.5 
_reflns.pdbx_Rmerge_I_obs                ? 
_reflns.pdbx_Rmerge_I_all                ? 
_reflns.pdbx_Rsym_value                  ? 
_reflns.pdbx_netI_over_av_sigmaI         ? 
_reflns.pdbx_netI_over_sigmaI            33.87 
_reflns.pdbx_res_netI_over_av_sigmaI_2   ? 
_reflns.pdbx_res_netI_over_sigmaI_2      ? 
_reflns.pdbx_chi_squared                 ? 
_reflns.pdbx_scaling_rejects             ? 
_reflns.pdbx_d_res_high_opt              ? 
_reflns.pdbx_d_res_low_opt               ? 
_reflns.pdbx_d_res_opt_method            ? 
_reflns.phase_calculation_details        ? 
_reflns.pdbx_Rrim_I_all                  ? 
_reflns.pdbx_Rpim_I_all                  ? 
_reflns.pdbx_d_opt                       ? 
_reflns.pdbx_number_measured_all         ? 
_reflns.pdbx_diffrn_id                   1 
_reflns.pdbx_ordinal                     1 
_reflns.pdbx_CC_half                     1 
_reflns.pdbx_CC_star                     1 
_reflns.pdbx_R_split                     ? 
# 
_reflns_shell.d_res_high                  1.315 
_reflns_shell.d_res_low                   1.362 
_reflns_shell.meanI_over_sigI_all         ? 
_reflns_shell.meanI_over_sigI_obs         ? 
_reflns_shell.number_measured_all         ? 
_reflns_shell.number_measured_obs         ? 
_reflns_shell.number_possible             ? 
_reflns_shell.number_unique_all           ? 
_reflns_shell.number_unique_obs           3089 
_reflns_shell.percent_possible_all        ? 
_reflns_shell.percent_possible_obs        ? 
_reflns_shell.Rmerge_F_all                ? 
_reflns_shell.Rmerge_F_obs                ? 
_reflns_shell.Rmerge_I_all                ? 
_reflns_shell.Rmerge_I_obs                ? 
_reflns_shell.meanI_over_sigI_gt          ? 
_reflns_shell.meanI_over_uI_all           ? 
_reflns_shell.meanI_over_uI_gt            ? 
_reflns_shell.number_measured_gt          ? 
_reflns_shell.number_unique_gt            ? 
_reflns_shell.percent_possible_gt         ? 
_reflns_shell.Rmerge_F_gt                 ? 
_reflns_shell.Rmerge_I_gt                 ? 
_reflns_shell.pdbx_redundancy             ? 
_reflns_shell.pdbx_Rsym_value             ? 
_reflns_shell.pdbx_chi_squared            ? 
_reflns_shell.pdbx_netI_over_sigmaI_all   ? 
_reflns_shell.pdbx_netI_over_sigmaI_obs   ? 
_reflns_shell.pdbx_Rrim_I_all             ? 
_reflns_shell.pdbx_Rpim_I_all             ? 
_reflns_shell.pdbx_rejects                ? 
_reflns_shell.pdbx_ordinal                1 
_reflns_shell.pdbx_diffrn_id              1 
_reflns_shell.pdbx_CC_half                0.975 
_reflns_shell.pdbx_CC_star                0.994 
_reflns_shell.pdbx_R_split                ? 
# 
_refine.aniso_B[1][1]                            ? 
_refine.aniso_B[1][2]                            ? 
_refine.aniso_B[1][3]                            ? 
_refine.aniso_B[2][2]                            ? 
_refine.aniso_B[2][3]                            ? 
_refine.aniso_B[3][3]                            ? 
_refine.B_iso_max                                ? 
_refine.B_iso_mean                               21.88 
_refine.B_iso_min                                ? 
_refine.correlation_coeff_Fo_to_Fc               ? 
_refine.correlation_coeff_Fo_to_Fc_free          ? 
_refine.details                                  ? 
_refine.diff_density_max                         ? 
_refine.diff_density_max_esd                     ? 
_refine.diff_density_min                         ? 
_refine.diff_density_min_esd                     ? 
_refine.diff_density_rms                         ? 
_refine.diff_density_rms_esd                     ? 
_refine.entry_id                                 6Y9Q 
_refine.pdbx_refine_id                           'X-RAY DIFFRACTION' 
_refine.ls_abs_structure_details                 ? 
_refine.ls_abs_structure_Flack                   ? 
_refine.ls_abs_structure_Flack_esd               ? 
_refine.ls_abs_structure_Rogers                  ? 
_refine.ls_abs_structure_Rogers_esd              ? 
_refine.ls_d_res_high                            1.315 
_refine.ls_d_res_low                             29.71 
_refine.ls_extinction_coef                       ? 
_refine.ls_extinction_coef_esd                   ? 
_refine.ls_extinction_expression                 ? 
_refine.ls_extinction_method                     ? 
_refine.ls_goodness_of_fit_all                   ? 
_refine.ls_goodness_of_fit_all_esd               ? 
_refine.ls_goodness_of_fit_obs                   ? 
_refine.ls_goodness_of_fit_obs_esd               ? 
_refine.ls_hydrogen_treatment                    ? 
_refine.ls_matrix_type                           ? 
_refine.ls_number_constraints                    ? 
_refine.ls_number_parameters                     ? 
_refine.ls_number_reflns_all                     ? 
_refine.ls_number_reflns_obs                     31851 
_refine.ls_number_reflns_R_free                  ? 
_refine.ls_number_reflns_R_work                  ? 
_refine.ls_number_restraints                     ? 
_refine.ls_percent_reflns_obs                    99.61 
_refine.ls_percent_reflns_R_free                 ? 
_refine.ls_R_factor_all                          ? 
_refine.ls_R_factor_obs                          ? 
_refine.ls_R_factor_R_free                       0.2370 
_refine.ls_R_factor_R_free_error                 ? 
_refine.ls_R_factor_R_free_error_details         ? 
_refine.ls_R_factor_R_work                       0.2041 
_refine.ls_R_Fsqd_factor_obs                     ? 
_refine.ls_R_I_factor_obs                        ? 
_refine.ls_redundancy_reflns_all                 ? 
_refine.ls_redundancy_reflns_obs                 ? 
_refine.ls_restrained_S_all                      ? 
_refine.ls_restrained_S_obs                      ? 
_refine.ls_shift_over_esd_max                    ? 
_refine.ls_shift_over_esd_mean                   ? 
_refine.ls_structure_factor_coef                 ? 
_refine.ls_weighting_details                     ? 
_refine.ls_weighting_scheme                      ? 
_refine.ls_wR_factor_all                         ? 
_refine.ls_wR_factor_obs                         ? 
_refine.ls_wR_factor_R_free                      ? 
_refine.ls_wR_factor_R_work                      ? 
_refine.occupancy_max                            ? 
_refine.occupancy_min                            ? 
_refine.solvent_model_details                    ? 
_refine.solvent_model_param_bsol                 ? 
_refine.solvent_model_param_ksol                 ? 
_refine.pdbx_R_complete                          ? 
_refine.ls_R_factor_gt                           ? 
_refine.ls_goodness_of_fit_gt                    ? 
_refine.ls_goodness_of_fit_ref                   ? 
_refine.ls_shift_over_su_max                     ? 
_refine.ls_shift_over_su_max_lt                  ? 
_refine.ls_shift_over_su_mean                    ? 
_refine.ls_shift_over_su_mean_lt                 ? 
_refine.pdbx_ls_sigma_I                          ? 
_refine.pdbx_ls_sigma_F                          ? 
_refine.pdbx_ls_sigma_Fsqd                       ? 
_refine.pdbx_data_cutoff_high_absF               ? 
_refine.pdbx_data_cutoff_high_rms_absF           ? 
_refine.pdbx_data_cutoff_low_absF                ? 
_refine.pdbx_isotropic_thermal_model             ? 
_refine.pdbx_ls_cross_valid_method               'FREE R-VALUE' 
_refine.pdbx_method_to_determine_struct          'MOLECULAR REPLACEMENT' 
_refine.pdbx_starting_model                      1UFX 
_refine.pdbx_stereochemistry_target_values       ? 
_refine.pdbx_R_Free_selection_details            ? 
_refine.pdbx_stereochem_target_val_spec_case     ? 
_refine.pdbx_overall_ESU_R                       ? 
_refine.pdbx_overall_ESU_R_Free                  ? 
_refine.pdbx_solvent_vdw_probe_radii             ? 
_refine.pdbx_solvent_ion_probe_radii             ? 
_refine.pdbx_solvent_shrinkage_radii             ? 
_refine.pdbx_real_space_R                        ? 
_refine.pdbx_density_correlation                 ? 
_refine.pdbx_pd_number_of_powder_patterns        ? 
_refine.pdbx_pd_number_of_points                 ? 
_refine.pdbx_pd_meas_number_of_points            ? 
_refine.pdbx_pd_proc_ls_prof_R_factor            ? 
_refine.pdbx_pd_proc_ls_prof_wR_factor           ? 
_refine.pdbx_pd_Marquardt_correlation_coeff      ? 
_refine.pdbx_pd_Fsqrd_R_factor                   ? 
_refine.pdbx_pd_ls_matrix_band_width             ? 
_refine.pdbx_overall_phase_error                 ? 
_refine.pdbx_overall_SU_R_free_Cruickshank_DPI   ? 
_refine.pdbx_overall_SU_R_free_Blow_DPI          ? 
_refine.pdbx_overall_SU_R_Blow_DPI               ? 
_refine.pdbx_TLS_residual_ADP_flag               ? 
_refine.pdbx_diffrn_id                           1 
_refine.overall_SU_B                             ? 
_refine.overall_SU_ML                            ? 
_refine.overall_SU_R_Cruickshank_DPI             ? 
_refine.overall_SU_R_free                        ? 
_refine.overall_FOM_free_R_set                   ? 
_refine.overall_FOM_work_R_set                   ? 
_refine.pdbx_average_fsc_overall                 ? 
_refine.pdbx_average_fsc_work                    ? 
_refine.pdbx_average_fsc_free                    ? 
# 
_refine_hist.pdbx_refine_id                   'X-RAY DIFFRACTION' 
_refine_hist.cycle_id                         LAST 
_refine_hist.pdbx_number_atoms_protein        807 
_refine_hist.pdbx_number_atoms_nucleic_acid   0 
_refine_hist.pdbx_number_atoms_ligand         0 
_refine_hist.number_atoms_solvent             171 
_refine_hist.number_atoms_total               978 
_refine_hist.d_res_high                       1.315 
_refine_hist.d_res_low                        29.71 
# 
loop_
_refine_ls_restr.pdbx_refine_id 
_refine_ls_restr.criterion 
_refine_ls_restr.dev_ideal 
_refine_ls_restr.dev_ideal_target 
_refine_ls_restr.number 
_refine_ls_restr.rejects 
_refine_ls_restr.type 
_refine_ls_restr.weight 
_refine_ls_restr.pdbx_restraint_function 
'X-RAY DIFFRACTION' ? 0.0058  ? 816  ? f_bond_d           ? ? 
'X-RAY DIFFRACTION' ? 1.0510  ? 1099 ? f_angle_d          ? ? 
'X-RAY DIFFRACTION' ? 0.0810  ? 131  ? f_chiral_restr     ? ? 
'X-RAY DIFFRACTION' ? 0.0052  ? 142  ? f_plane_restr      ? ? 
'X-RAY DIFFRACTION' ? 20.5278 ? 305  ? f_dihedral_angle_d ? ? 
# 
_struct.entry_id                     6Y9Q 
_struct.title                        
'Crystal structure of Whirlin PDZ3_C-ter in complex with Taperin internal PDZ binding motif peptide' 
_struct.pdbx_model_details           ? 
_struct.pdbx_formula_weight          ? 
_struct.pdbx_formula_weight_method   ? 
_struct.pdbx_model_type_details      ? 
_struct.pdbx_CASP_flag               N 
# 
_struct_keywords.entry_id        6Y9Q 
_struct_keywords.text            'Whirlin, PDZ, Myosin 15a, complex, STRUCTURAL PROTEIN' 
_struct_keywords.pdbx_keywords   'STRUCTURAL PROTEIN' 
# 
loop_
_struct_asym.id 
_struct_asym.pdbx_blank_PDB_chainid_flag 
_struct_asym.pdbx_modified 
_struct_asym.entity_id 
_struct_asym.details 
A N N 1 ? 
B N N 2 ? 
C N N 3 ? 
D N N 3 ? 
# 
loop_
_struct_ref.id 
_struct_ref.db_name 
_struct_ref.db_code 
_struct_ref.pdbx_db_accession 
_struct_ref.pdbx_db_isoform 
_struct_ref.entity_id 
_struct_ref.pdbx_seq_one_letter_code 
_struct_ref.pdbx_align_begin 
1 UNP WHRN_MOUSE Q80VW5 ? 1 
;LEPTSTLVRVRKSAATLGIAIEGGANTRQPLPRIVTIQRGGSAHNCGQLKVGHVILEVNGQTLRGKEHKEAARIIAEAFK
TKERDYIDFLVTEFNVML
;
821 
2 UNP TPRN_HUMAN Q4KMQ1 ? 2 GLPVTFIDEVDSEEAPQ                                                                                     
452 
# 
loop_
_struct_ref_seq.align_id 
_struct_ref_seq.ref_id 
_struct_ref_seq.pdbx_PDB_id_code 
_struct_ref_seq.pdbx_strand_id 
_struct_ref_seq.seq_align_beg 
_struct_ref_seq.pdbx_seq_align_beg_ins_code 
_struct_ref_seq.seq_align_end 
_struct_ref_seq.pdbx_seq_align_end_ins_code 
_struct_ref_seq.pdbx_db_accession 
_struct_ref_seq.db_align_beg 
_struct_ref_seq.pdbx_db_align_beg_ins_code 
_struct_ref_seq.db_align_end 
_struct_ref_seq.pdbx_db_align_end_ins_code 
_struct_ref_seq.pdbx_auth_seq_align_beg 
_struct_ref_seq.pdbx_auth_seq_align_end 
1 1 6Y9Q B 8 ? 105 ? Q80VW5 821 ? 918 ? 809 906 
2 2 6Y9Q D 1 ? 17  ? Q4KMQ1 452 ? 468 ? 739 755 
# 
loop_
_struct_ref_seq_dif.align_id 
_struct_ref_seq_dif.pdbx_pdb_id_code 
_struct_ref_seq_dif.mon_id 
_struct_ref_seq_dif.pdbx_pdb_strand_id 
_struct_ref_seq_dif.seq_num 
_struct_ref_seq_dif.pdbx_pdb_ins_code 
_struct_ref_seq_dif.pdbx_seq_db_name 
_struct_ref_seq_dif.pdbx_seq_db_accession_code 
_struct_ref_seq_dif.db_mon_id 
_struct_ref_seq_dif.pdbx_seq_db_seq_num 
_struct_ref_seq_dif.details 
_struct_ref_seq_dif.pdbx_auth_seq_num 
_struct_ref_seq_dif.pdbx_ordinal 
1 6Y9Q GLY B 1 ? UNP Q80VW5 ? ? 'expression tag' 802 1 
1 6Y9Q ALA B 2 ? UNP Q80VW5 ? ? 'expression tag' 803 2 
1 6Y9Q MET B 3 ? UNP Q80VW5 ? ? 'expression tag' 804 3 
1 6Y9Q GLY B 4 ? UNP Q80VW5 ? ? 'expression tag' 805 4 
1 6Y9Q SER B 5 ? UNP Q80VW5 ? ? 'expression tag' 806 5 
1 6Y9Q THR B 6 ? UNP Q80VW5 ? ? 'expression tag' 807 6 
1 6Y9Q SER B 7 ? UNP Q80VW5 ? ? 'expression tag' 808 7 
# 
_pdbx_struct_assembly.id                   1 
_pdbx_struct_assembly.details              author_and_software_defined_assembly 
_pdbx_struct_assembly.method_details       PISA 
_pdbx_struct_assembly.oligomeric_details   dimeric 
_pdbx_struct_assembly.oligomeric_count     2 
# 
loop_
_pdbx_struct_assembly_prop.biol_id 
_pdbx_struct_assembly_prop.type 
_pdbx_struct_assembly_prop.value 
_pdbx_struct_assembly_prop.details 
1 'ABSA (A^2)' 1140 ? 
1 MORE         -9   ? 
1 'SSA (A^2)'  6280 ? 
# 
_pdbx_struct_assembly_gen.assembly_id       1 
_pdbx_struct_assembly_gen.oper_expression   1 
_pdbx_struct_assembly_gen.asym_id_list      A,B,C,D 
# 
_pdbx_struct_assembly_auth_evidence.id                     1 
_pdbx_struct_assembly_auth_evidence.assembly_id            1 
_pdbx_struct_assembly_auth_evidence.experimental_support   SAXS 
_pdbx_struct_assembly_auth_evidence.details                ? 
# 
_pdbx_struct_oper_list.id                   1 
_pdbx_struct_oper_list.type                 'identity operation' 
_pdbx_struct_oper_list.name                 1_555 
_pdbx_struct_oper_list.symmetry_operation   x,y,z 
_pdbx_struct_oper_list.matrix[1][1]         1.0000000000 
_pdbx_struct_oper_list.matrix[1][2]         0.0000000000 
_pdbx_struct_oper_list.matrix[1][3]         0.0000000000 
_pdbx_struct_oper_list.vector[1]            0.0000000000 
_pdbx_struct_oper_list.matrix[2][1]         0.0000000000 
_pdbx_struct_oper_list.matrix[2][2]         1.0000000000 
_pdbx_struct_oper_list.matrix[2][3]         0.0000000000 
_pdbx_struct_oper_list.vector[2]            0.0000000000 
_pdbx_struct_oper_list.matrix[3][1]         0.0000000000 
_pdbx_struct_oper_list.matrix[3][2]         0.0000000000 
_pdbx_struct_oper_list.matrix[3][3]         1.0000000000 
_pdbx_struct_oper_list.vector[3]            0.0000000000 
# 
loop_
_struct_conf.conf_type_id 
_struct_conf.id 
_struct_conf.pdbx_PDB_helix_id 
_struct_conf.beg_label_comp_id 
_struct_conf.beg_label_asym_id 
_struct_conf.beg_label_seq_id 
_struct_conf.pdbx_beg_PDB_ins_code 
_struct_conf.end_label_comp_id 
_struct_conf.end_label_asym_id 
_struct_conf.end_label_seq_id 
_struct_conf.pdbx_end_PDB_ins_code 
_struct_conf.beg_auth_comp_id 
_struct_conf.beg_auth_asym_id 
_struct_conf.beg_auth_seq_id 
_struct_conf.end_auth_comp_id 
_struct_conf.end_auth_asym_id 
_struct_conf.end_auth_seq_id 
_struct_conf.pdbx_PDB_helix_class 
_struct_conf.details 
_struct_conf.pdbx_PDB_helix_length 
HELX_P HELX_P1 AA1 GLY A 48 ? CYS A 53 ? GLY B 849 CYS B 854 1 ? 6  
HELX_P HELX_P2 AA2 GLU A 74 ? THR A 88 ? GLU B 875 THR B 889 1 ? 15 
HELX_P HELX_P3 AA3 ASP B 8  ? VAL B 10 ? ASP D 746 VAL D 748 5 ? 3  
# 
_struct_conf_type.id          HELX_P 
_struct_conf_type.criteria    ? 
_struct_conf_type.reference   ? 
# 
loop_
_struct_sheet.id 
_struct_sheet.type 
_struct_sheet.number_strands 
_struct_sheet.details 
AA1 ? 4 ? 
AA2 ? 3 ? 
# 
loop_
_struct_sheet_order.sheet_id 
_struct_sheet_order.range_id_1 
_struct_sheet_order.range_id_2 
_struct_sheet_order.offset 
_struct_sheet_order.sense 
AA1 1 2 ? anti-parallel 
AA1 2 3 ? anti-parallel 
AA1 3 4 ? anti-parallel 
AA2 1 2 ? anti-parallel 
AA2 2 3 ? anti-parallel 
# 
loop_
_struct_sheet_range.sheet_id 
_struct_sheet_range.id 
_struct_sheet_range.beg_label_comp_id 
_struct_sheet_range.beg_label_asym_id 
_struct_sheet_range.beg_label_seq_id 
_struct_sheet_range.pdbx_beg_PDB_ins_code 
_struct_sheet_range.end_label_comp_id 
_struct_sheet_range.end_label_asym_id 
_struct_sheet_range.end_label_seq_id 
_struct_sheet_range.pdbx_end_PDB_ins_code 
_struct_sheet_range.beg_auth_comp_id 
_struct_sheet_range.beg_auth_asym_id 
_struct_sheet_range.beg_auth_seq_id 
_struct_sheet_range.end_auth_comp_id 
_struct_sheet_range.end_auth_asym_id 
_struct_sheet_range.end_auth_seq_id 
AA1 1 THR A 13 ? ARG A 18 ? THR B 814 ARG B 819 
AA1 2 TYR A 93 ? THR A 99 ? TYR B 894 THR B 900 
AA1 3 VAL A 61 ? VAL A 65 ? VAL B 862 VAL B 866 
AA1 4 GLN A 68 ? THR A 69 ? GLN B 869 THR B 870 
AA2 1 ARG A 40 ? ILE A 44 ? ARG B 841 ILE B 845 
AA2 2 ILE A 26 ? GLU A 29 ? ILE B 827 GLU B 830 
AA2 3 VAL B 4  ? PHE B 6  ? VAL D 742 PHE D 744 
# 
loop_
_pdbx_struct_sheet_hbond.sheet_id 
_pdbx_struct_sheet_hbond.range_id_1 
_pdbx_struct_sheet_hbond.range_id_2 
_pdbx_struct_sheet_hbond.range_1_label_atom_id 
_pdbx_struct_sheet_hbond.range_1_label_comp_id 
_pdbx_struct_sheet_hbond.range_1_label_asym_id 
_pdbx_struct_sheet_hbond.range_1_label_seq_id 
_pdbx_struct_sheet_hbond.range_1_PDB_ins_code 
_pdbx_struct_sheet_hbond.range_1_auth_atom_id 
_pdbx_struct_sheet_hbond.range_1_auth_comp_id 
_pdbx_struct_sheet_hbond.range_1_auth_asym_id 
_pdbx_struct_sheet_hbond.range_1_auth_seq_id 
_pdbx_struct_sheet_hbond.range_2_label_atom_id 
_pdbx_struct_sheet_hbond.range_2_label_comp_id 
_pdbx_struct_sheet_hbond.range_2_label_asym_id 
_pdbx_struct_sheet_hbond.range_2_label_seq_id 
_pdbx_struct_sheet_hbond.range_2_PDB_ins_code 
_pdbx_struct_sheet_hbond.range_2_auth_atom_id 
_pdbx_struct_sheet_hbond.range_2_auth_comp_id 
_pdbx_struct_sheet_hbond.range_2_auth_asym_id 
_pdbx_struct_sheet_hbond.range_2_auth_seq_id 
AA1 1 2 N VAL A 17 ? N VAL B 818 O ILE A 94 ? O ILE B 895 
AA1 2 3 O LEU A 97 ? O LEU B 898 N LEU A 63 ? N LEU B 864 
AA1 3 4 N VAL A 65 ? N VAL B 866 O GLN A 68 ? O GLN B 869 
AA2 1 2 O VAL A 42 ? O VAL B 843 N ALA A 27 ? N ALA B 828 
AA2 2 3 N ILE A 28 ? N ILE B 829 O THR B 5  ? O THR D 743 
# 
loop_
_pdbx_validate_close_contact.id 
_pdbx_validate_close_contact.PDB_model_num 
_pdbx_validate_close_contact.auth_atom_id_1 
_pdbx_validate_close_contact.auth_asym_id_1 
_pdbx_validate_close_contact.auth_comp_id_1 
_pdbx_validate_close_contact.auth_seq_id_1 
_pdbx_validate_close_contact.PDB_ins_code_1 
_pdbx_validate_close_contact.label_alt_id_1 
_pdbx_validate_close_contact.auth_atom_id_2 
_pdbx_validate_close_contact.auth_asym_id_2 
_pdbx_validate_close_contact.auth_comp_id_2 
_pdbx_validate_close_contact.auth_seq_id_2 
_pdbx_validate_close_contact.PDB_ins_code_2 
_pdbx_validate_close_contact.label_alt_id_2 
_pdbx_validate_close_contact.dist 
1 1 OE1 B GLU 830  ? ? O B HOH 1001 ? ? 2.03 
2 1 O   B HOH 1137 ? ? O B HOH 1148 ? ? 2.12 
# 
_pdbx_validate_symm_contact.id                1 
_pdbx_validate_symm_contact.PDB_model_num     1 
_pdbx_validate_symm_contact.auth_atom_id_1    O 
_pdbx_validate_symm_contact.auth_asym_id_1    B 
_pdbx_validate_symm_contact.auth_comp_id_1    HOH 
_pdbx_validate_symm_contact.auth_seq_id_1     1112 
_pdbx_validate_symm_contact.PDB_ins_code_1    ? 
_pdbx_validate_symm_contact.label_alt_id_1    ? 
_pdbx_validate_symm_contact.site_symmetry_1   1_555 
_pdbx_validate_symm_contact.auth_atom_id_2    O 
_pdbx_validate_symm_contact.auth_asym_id_2    B 
_pdbx_validate_symm_contact.auth_comp_id_2    HOH 
_pdbx_validate_symm_contact.auth_seq_id_2     1137 
_pdbx_validate_symm_contact.PDB_ins_code_2    ? 
_pdbx_validate_symm_contact.label_alt_id_2    ? 
_pdbx_validate_symm_contact.site_symmetry_2   3_454 
_pdbx_validate_symm_contact.dist              2.19 
# 
loop_
_pdbx_validate_rmsd_angle.id 
_pdbx_validate_rmsd_angle.PDB_model_num 
_pdbx_validate_rmsd_angle.auth_atom_id_1 
_pdbx_validate_rmsd_angle.auth_asym_id_1 
_pdbx_validate_rmsd_angle.auth_comp_id_1 
_pdbx_validate_rmsd_angle.auth_seq_id_1 
_pdbx_validate_rmsd_angle.PDB_ins_code_1 
_pdbx_validate_rmsd_angle.label_alt_id_1 
_pdbx_validate_rmsd_angle.auth_atom_id_2 
_pdbx_validate_rmsd_angle.auth_asym_id_2 
_pdbx_validate_rmsd_angle.auth_comp_id_2 
_pdbx_validate_rmsd_angle.auth_seq_id_2 
_pdbx_validate_rmsd_angle.PDB_ins_code_2 
_pdbx_validate_rmsd_angle.label_alt_id_2 
_pdbx_validate_rmsd_angle.auth_atom_id_3 
_pdbx_validate_rmsd_angle.auth_asym_id_3 
_pdbx_validate_rmsd_angle.auth_comp_id_3 
_pdbx_validate_rmsd_angle.auth_seq_id_3 
_pdbx_validate_rmsd_angle.PDB_ins_code_3 
_pdbx_validate_rmsd_angle.label_alt_id_3 
_pdbx_validate_rmsd_angle.angle_value 
_pdbx_validate_rmsd_angle.angle_target_value 
_pdbx_validate_rmsd_angle.angle_deviation 
_pdbx_validate_rmsd_angle.angle_standard_deviation 
_pdbx_validate_rmsd_angle.linker_flag 
1 1 C  B CYS 854 ? ? N  B GLY 855 ? ? CA  B GLY 855 ? ? 107.58 122.30 -14.72 2.10 Y 
2 1 NE B ARG 892 ? ? CZ B ARG 892 ? ? NH1 B ARG 892 ? ? 116.36 120.30 -3.94  0.50 N 
# 
loop_
_pdbx_validate_torsion.id 
_pdbx_validate_torsion.PDB_model_num 
_pdbx_validate_torsion.auth_comp_id 
_pdbx_validate_torsion.auth_asym_id 
_pdbx_validate_torsion.auth_seq_id 
_pdbx_validate_torsion.PDB_ins_code 
_pdbx_validate_torsion.label_alt_id 
_pdbx_validate_torsion.phi 
_pdbx_validate_torsion.psi 
1 1 GLN B 837 ? ? -117.87 76.67   
2 1 PHE B 902 ? ? -121.11 -119.89 
# 
_pdbx_validate_peptide_omega.id               1 
_pdbx_validate_peptide_omega.PDB_model_num    1 
_pdbx_validate_peptide_omega.auth_comp_id_1   GLY 
_pdbx_validate_peptide_omega.auth_asym_id_1   B 
_pdbx_validate_peptide_omega.auth_seq_id_1    855 
_pdbx_validate_peptide_omega.PDB_ins_code_1   ? 
_pdbx_validate_peptide_omega.label_alt_id_1   ? 
_pdbx_validate_peptide_omega.auth_comp_id_2   GLN 
_pdbx_validate_peptide_omega.auth_asym_id_2   B 
_pdbx_validate_peptide_omega.auth_seq_id_2    856 
_pdbx_validate_peptide_omega.PDB_ins_code_2   ? 
_pdbx_validate_peptide_omega.label_alt_id_2   ? 
_pdbx_validate_peptide_omega.omega            -137.08 
# 
loop_
_pdbx_struct_special_symmetry.id 
_pdbx_struct_special_symmetry.PDB_model_num 
_pdbx_struct_special_symmetry.auth_asym_id 
_pdbx_struct_special_symmetry.auth_comp_id 
_pdbx_struct_special_symmetry.auth_seq_id 
_pdbx_struct_special_symmetry.PDB_ins_code 
_pdbx_struct_special_symmetry.label_asym_id 
_pdbx_struct_special_symmetry.label_comp_id 
_pdbx_struct_special_symmetry.label_seq_id 
1 1 B HOH 1040 ? C HOH . 
2 1 B HOH 1064 ? C HOH . 
3 1 B HOH 1142 ? C HOH . 
# 
loop_
_space_group_symop.id 
_space_group_symop.operation_xyz 
1 x,y,z          
2 -y,x-y,z+1/3   
3 -x+y,-x,z+2/3  
4 x-y,-y,-z+2/3  
5 -x,-x+y,-z+1/3 
6 y,x,-z         
# 
loop_
_pdbx_distant_solvent_atoms.id 
_pdbx_distant_solvent_atoms.PDB_model_num 
_pdbx_distant_solvent_atoms.auth_atom_id 
_pdbx_distant_solvent_atoms.label_alt_id 
_pdbx_distant_solvent_atoms.auth_asym_id 
_pdbx_distant_solvent_atoms.auth_comp_id 
_pdbx_distant_solvent_atoms.auth_seq_id 
_pdbx_distant_solvent_atoms.PDB_ins_code 
_pdbx_distant_solvent_atoms.neighbor_macromolecule_distance 
_pdbx_distant_solvent_atoms.neighbor_ligand_distance 
1 1 O ? B HOH 1151 ? 5.81 . 
2 1 O ? B HOH 1152 ? 6.42 . 
3 1 O ? B HOH 1153 ? 6.42 . 
# 
loop_
_pdbx_unobs_or_zero_occ_residues.id 
_pdbx_unobs_or_zero_occ_residues.PDB_model_num 
_pdbx_unobs_or_zero_occ_residues.polymer_flag 
_pdbx_unobs_or_zero_occ_residues.occupancy_flag 
_pdbx_unobs_or_zero_occ_residues.auth_asym_id 
_pdbx_unobs_or_zero_occ_residues.auth_comp_id 
_pdbx_unobs_or_zero_occ_residues.auth_seq_id 
_pdbx_unobs_or_zero_occ_residues.PDB_ins_code 
_pdbx_unobs_or_zero_occ_residues.label_asym_id 
_pdbx_unobs_or_zero_occ_residues.label_comp_id 
_pdbx_unobs_or_zero_occ_residues.label_seq_id 
1  1 Y 1 B GLY 802 ? A GLY 1   
2  1 Y 1 B ALA 803 ? A ALA 2   
3  1 Y 1 B MET 804 ? A MET 3   
4  1 Y 1 B GLY 805 ? A GLY 4   
5  1 Y 1 B SER 806 ? A SER 5   
6  1 Y 1 B THR 807 ? A THR 6   
7  1 Y 1 B SER 808 ? A SER 7   
8  1 Y 1 B LEU 809 ? A LEU 8   
9  1 Y 1 B GLU 810 ? A GLU 9   
10 1 Y 1 B PRO 811 ? A PRO 10  
11 1 Y 1 B LEU 906 ? A LEU 105 
12 1 Y 1 D SER 750 ? B SER 12  
13 1 Y 1 D GLU 751 ? B GLU 13  
14 1 Y 1 D GLU 752 ? B GLU 14  
15 1 Y 1 D ALA 753 ? B ALA 15  
16 1 Y 1 D PRO 754 ? B PRO 16  
17 1 Y 1 D GLN 755 ? B GLN 17  
# 
loop_
_chem_comp_atom.comp_id 
_chem_comp_atom.atom_id 
_chem_comp_atom.type_symbol 
_chem_comp_atom.pdbx_aromatic_flag 
_chem_comp_atom.pdbx_stereo_config 
_chem_comp_atom.pdbx_ordinal 
ALA N    N N N 1   
ALA CA   C N S 2   
ALA C    C N N 3   
ALA O    O N N 4   
ALA CB   C N N 5   
ALA OXT  O N N 6   
ALA H    H N N 7   
ALA H2   H N N 8   
ALA HA   H N N 9   
ALA HB1  H N N 10  
ALA HB2  H N N 11  
ALA HB3  H N N 12  
ALA HXT  H N N 13  
ARG N    N N N 14  
ARG CA   C N S 15  
ARG C    C N N 16  
ARG O    O N N 17  
ARG CB   C N N 18  
ARG CG   C N N 19  
ARG CD   C N N 20  
ARG NE   N N N 21  
ARG CZ   C N N 22  
ARG NH1  N N N 23  
ARG NH2  N N N 24  
ARG OXT  O N N 25  
ARG H    H N N 26  
ARG H2   H N N 27  
ARG HA   H N N 28  
ARG HB2  H N N 29  
ARG HB3  H N N 30  
ARG HG2  H N N 31  
ARG HG3  H N N 32  
ARG HD2  H N N 33  
ARG HD3  H N N 34  
ARG HE   H N N 35  
ARG HH11 H N N 36  
ARG HH12 H N N 37  
ARG HH21 H N N 38  
ARG HH22 H N N 39  
ARG HXT  H N N 40  
ASN N    N N N 41  
ASN CA   C N S 42  
ASN C    C N N 43  
ASN O    O N N 44  
ASN CB   C N N 45  
ASN CG   C N N 46  
ASN OD1  O N N 47  
ASN ND2  N N N 48  
ASN OXT  O N N 49  
ASN H    H N N 50  
ASN H2   H N N 51  
ASN HA   H N N 52  
ASN HB2  H N N 53  
ASN HB3  H N N 54  
ASN HD21 H N N 55  
ASN HD22 H N N 56  
ASN HXT  H N N 57  
ASP N    N N N 58  
ASP CA   C N S 59  
ASP C    C N N 60  
ASP O    O N N 61  
ASP CB   C N N 62  
ASP CG   C N N 63  
ASP OD1  O N N 64  
ASP OD2  O N N 65  
ASP OXT  O N N 66  
ASP H    H N N 67  
ASP H2   H N N 68  
ASP HA   H N N 69  
ASP HB2  H N N 70  
ASP HB3  H N N 71  
ASP HD2  H N N 72  
ASP HXT  H N N 73  
CYS N    N N N 74  
CYS CA   C N R 75  
CYS C    C N N 76  
CYS O    O N N 77  
CYS CB   C N N 78  
CYS SG   S N N 79  
CYS OXT  O N N 80  
CYS H    H N N 81  
CYS H2   H N N 82  
CYS HA   H N N 83  
CYS HB2  H N N 84  
CYS HB3  H N N 85  
CYS HG   H N N 86  
CYS HXT  H N N 87  
GLN N    N N N 88  
GLN CA   C N S 89  
GLN C    C N N 90  
GLN O    O N N 91  
GLN CB   C N N 92  
GLN CG   C N N 93  
GLN CD   C N N 94  
GLN OE1  O N N 95  
GLN NE2  N N N 96  
GLN OXT  O N N 97  
GLN H    H N N 98  
GLN H2   H N N 99  
GLN HA   H N N 100 
GLN HB2  H N N 101 
GLN HB3  H N N 102 
GLN HG2  H N N 103 
GLN HG3  H N N 104 
GLN HE21 H N N 105 
GLN HE22 H N N 106 
GLN HXT  H N N 107 
GLU N    N N N 108 
GLU CA   C N S 109 
GLU C    C N N 110 
GLU O    O N N 111 
GLU CB   C N N 112 
GLU CG   C N N 113 
GLU CD   C N N 114 
GLU OE1  O N N 115 
GLU OE2  O N N 116 
GLU OXT  O N N 117 
GLU H    H N N 118 
GLU H2   H N N 119 
GLU HA   H N N 120 
GLU HB2  H N N 121 
GLU HB3  H N N 122 
GLU HG2  H N N 123 
GLU HG3  H N N 124 
GLU HE2  H N N 125 
GLU HXT  H N N 126 
GLY N    N N N 127 
GLY CA   C N N 128 
GLY C    C N N 129 
GLY O    O N N 130 
GLY OXT  O N N 131 
GLY H    H N N 132 
GLY H2   H N N 133 
GLY HA2  H N N 134 
GLY HA3  H N N 135 
GLY HXT  H N N 136 
HIS N    N N N 137 
HIS CA   C N S 138 
HIS C    C N N 139 
HIS O    O N N 140 
HIS CB   C N N 141 
HIS CG   C Y N 142 
HIS ND1  N Y N 143 
HIS CD2  C Y N 144 
HIS CE1  C Y N 145 
HIS NE2  N Y N 146 
HIS OXT  O N N 147 
HIS H    H N N 148 
HIS H2   H N N 149 
HIS HA   H N N 150 
HIS HB2  H N N 151 
HIS HB3  H N N 152 
HIS HD1  H N N 153 
HIS HD2  H N N 154 
HIS HE1  H N N 155 
HIS HE2  H N N 156 
HIS HXT  H N N 157 
HOH O    O N N 158 
HOH H1   H N N 159 
HOH H2   H N N 160 
ILE N    N N N 161 
ILE CA   C N S 162 
ILE C    C N N 163 
ILE O    O N N 164 
ILE CB   C N S 165 
ILE CG1  C N N 166 
ILE CG2  C N N 167 
ILE CD1  C N N 168 
ILE OXT  O N N 169 
ILE H    H N N 170 
ILE H2   H N N 171 
ILE HA   H N N 172 
ILE HB   H N N 173 
ILE HG12 H N N 174 
ILE HG13 H N N 175 
ILE HG21 H N N 176 
ILE HG22 H N N 177 
ILE HG23 H N N 178 
ILE HD11 H N N 179 
ILE HD12 H N N 180 
ILE HD13 H N N 181 
ILE HXT  H N N 182 
LEU N    N N N 183 
LEU CA   C N S 184 
LEU C    C N N 185 
LEU O    O N N 186 
LEU CB   C N N 187 
LEU CG   C N N 188 
LEU CD1  C N N 189 
LEU CD2  C N N 190 
LEU OXT  O N N 191 
LEU H    H N N 192 
LEU H2   H N N 193 
LEU HA   H N N 194 
LEU HB2  H N N 195 
LEU HB3  H N N 196 
LEU HG   H N N 197 
LEU HD11 H N N 198 
LEU HD12 H N N 199 
LEU HD13 H N N 200 
LEU HD21 H N N 201 
LEU HD22 H N N 202 
LEU HD23 H N N 203 
LEU HXT  H N N 204 
LYS N    N N N 205 
LYS CA   C N S 206 
LYS C    C N N 207 
LYS O    O N N 208 
LYS CB   C N N 209 
LYS CG   C N N 210 
LYS CD   C N N 211 
LYS CE   C N N 212 
LYS NZ   N N N 213 
LYS OXT  O N N 214 
LYS H    H N N 215 
LYS H2   H N N 216 
LYS HA   H N N 217 
LYS HB2  H N N 218 
LYS HB3  H N N 219 
LYS HG2  H N N 220 
LYS HG3  H N N 221 
LYS HD2  H N N 222 
LYS HD3  H N N 223 
LYS HE2  H N N 224 
LYS HE3  H N N 225 
LYS HZ1  H N N 226 
LYS HZ2  H N N 227 
LYS HZ3  H N N 228 
LYS HXT  H N N 229 
MET N    N N N 230 
MET CA   C N S 231 
MET C    C N N 232 
MET O    O N N 233 
MET CB   C N N 234 
MET CG   C N N 235 
MET SD   S N N 236 
MET CE   C N N 237 
MET OXT  O N N 238 
MET H    H N N 239 
MET H2   H N N 240 
MET HA   H N N 241 
MET HB2  H N N 242 
MET HB3  H N N 243 
MET HG2  H N N 244 
MET HG3  H N N 245 
MET HE1  H N N 246 
MET HE2  H N N 247 
MET HE3  H N N 248 
MET HXT  H N N 249 
PHE N    N N N 250 
PHE CA   C N S 251 
PHE C    C N N 252 
PHE O    O N N 253 
PHE CB   C N N 254 
PHE CG   C Y N 255 
PHE CD1  C Y N 256 
PHE CD2  C Y N 257 
PHE CE1  C Y N 258 
PHE CE2  C Y N 259 
PHE CZ   C Y N 260 
PHE OXT  O N N 261 
PHE H    H N N 262 
PHE H2   H N N 263 
PHE HA   H N N 264 
PHE HB2  H N N 265 
PHE HB3  H N N 266 
PHE HD1  H N N 267 
PHE HD2  H N N 268 
PHE HE1  H N N 269 
PHE HE2  H N N 270 
PHE HZ   H N N 271 
PHE HXT  H N N 272 
PRO N    N N N 273 
PRO CA   C N S 274 
PRO C    C N N 275 
PRO O    O N N 276 
PRO CB   C N N 277 
PRO CG   C N N 278 
PRO CD   C N N 279 
PRO OXT  O N N 280 
PRO H    H N N 281 
PRO HA   H N N 282 
PRO HB2  H N N 283 
PRO HB3  H N N 284 
PRO HG2  H N N 285 
PRO HG3  H N N 286 
PRO HD2  H N N 287 
PRO HD3  H N N 288 
PRO HXT  H N N 289 
SER N    N N N 290 
SER CA   C N S 291 
SER C    C N N 292 
SER O    O N N 293 
SER CB   C N N 294 
SER OG   O N N 295 
SER OXT  O N N 296 
SER H    H N N 297 
SER H2   H N N 298 
SER HA   H N N 299 
SER HB2  H N N 300 
SER HB3  H N N 301 
SER HG   H N N 302 
SER HXT  H N N 303 
THR N    N N N 304 
THR CA   C N S 305 
THR C    C N N 306 
THR O    O N N 307 
THR CB   C N R 308 
THR OG1  O N N 309 
THR CG2  C N N 310 
THR OXT  O N N 311 
THR H    H N N 312 
THR H2   H N N 313 
THR HA   H N N 314 
THR HB   H N N 315 
THR HG1  H N N 316 
THR HG21 H N N 317 
THR HG22 H N N 318 
THR HG23 H N N 319 
THR HXT  H N N 320 
TYR N    N N N 321 
TYR CA   C N S 322 
TYR C    C N N 323 
TYR O    O N N 324 
TYR CB   C N N 325 
TYR CG   C Y N 326 
TYR CD1  C Y N 327 
TYR CD2  C Y N 328 
TYR CE1  C Y N 329 
TYR CE2  C Y N 330 
TYR CZ   C Y N 331 
TYR OH   O N N 332 
TYR OXT  O N N 333 
TYR H    H N N 334 
TYR H2   H N N 335 
TYR HA   H N N 336 
TYR HB2  H N N 337 
TYR HB3  H N N 338 
TYR HD1  H N N 339 
TYR HD2  H N N 340 
TYR HE1  H N N 341 
TYR HE2  H N N 342 
TYR HH   H N N 343 
TYR HXT  H N N 344 
VAL N    N N N 345 
VAL CA   C N S 346 
VAL C    C N N 347 
VAL O    O N N 348 
VAL CB   C N N 349 
VAL CG1  C N N 350 
VAL CG2  C N N 351 
VAL OXT  O N N 352 
VAL H    H N N 353 
VAL H2   H N N 354 
VAL HA   H N N 355 
VAL HB   H N N 356 
VAL HG11 H N N 357 
VAL HG12 H N N 358 
VAL HG13 H N N 359 
VAL HG21 H N N 360 
VAL HG22 H N N 361 
VAL HG23 H N N 362 
VAL HXT  H N N 363 
# 
loop_
_chem_comp_bond.comp_id 
_chem_comp_bond.atom_id_1 
_chem_comp_bond.atom_id_2 
_chem_comp_bond.value_order 
_chem_comp_bond.pdbx_aromatic_flag 
_chem_comp_bond.pdbx_stereo_config 
_chem_comp_bond.pdbx_ordinal 
ALA N   CA   sing N N 1   
ALA N   H    sing N N 2   
ALA N   H2   sing N N 3   
ALA CA  C    sing N N 4   
ALA CA  CB   sing N N 5   
ALA CA  HA   sing N N 6   
ALA C   O    doub N N 7   
ALA C   OXT  sing N N 8   
ALA CB  HB1  sing N N 9   
ALA CB  HB2  sing N N 10  
ALA CB  HB3  sing N N 11  
ALA OXT HXT  sing N N 12  
ARG N   CA   sing N N 13  
ARG N   H    sing N N 14  
ARG N   H2   sing N N 15  
ARG CA  C    sing N N 16  
ARG CA  CB   sing N N 17  
ARG CA  HA   sing N N 18  
ARG C   O    doub N N 19  
ARG C   OXT  sing N N 20  
ARG CB  CG   sing N N 21  
ARG CB  HB2  sing N N 22  
ARG CB  HB3  sing N N 23  
ARG CG  CD   sing N N 24  
ARG CG  HG2  sing N N 25  
ARG CG  HG3  sing N N 26  
ARG CD  NE   sing N N 27  
ARG CD  HD2  sing N N 28  
ARG CD  HD3  sing N N 29  
ARG NE  CZ   sing N N 30  
ARG NE  HE   sing N N 31  
ARG CZ  NH1  sing N N 32  
ARG CZ  NH2  doub N N 33  
ARG NH1 HH11 sing N N 34  
ARG NH1 HH12 sing N N 35  
ARG NH2 HH21 sing N N 36  
ARG NH2 HH22 sing N N 37  
ARG OXT HXT  sing N N 38  
ASN N   CA   sing N N 39  
ASN N   H    sing N N 40  
ASN N   H2   sing N N 41  
ASN CA  C    sing N N 42  
ASN CA  CB   sing N N 43  
ASN CA  HA   sing N N 44  
ASN C   O    doub N N 45  
ASN C   OXT  sing N N 46  
ASN CB  CG   sing N N 47  
ASN CB  HB2  sing N N 48  
ASN CB  HB3  sing N N 49  
ASN CG  OD1  doub N N 50  
ASN CG  ND2  sing N N 51  
ASN ND2 HD21 sing N N 52  
ASN ND2 HD22 sing N N 53  
ASN OXT HXT  sing N N 54  
ASP N   CA   sing N N 55  
ASP N   H    sing N N 56  
ASP N   H2   sing N N 57  
ASP CA  C    sing N N 58  
ASP CA  CB   sing N N 59  
ASP CA  HA   sing N N 60  
ASP C   O    doub N N 61  
ASP C   OXT  sing N N 62  
ASP CB  CG   sing N N 63  
ASP CB  HB2  sing N N 64  
ASP CB  HB3  sing N N 65  
ASP CG  OD1  doub N N 66  
ASP CG  OD2  sing N N 67  
ASP OD2 HD2  sing N N 68  
ASP OXT HXT  sing N N 69  
CYS N   CA   sing N N 70  
CYS N   H    sing N N 71  
CYS N   H2   sing N N 72  
CYS CA  C    sing N N 73  
CYS CA  CB   sing N N 74  
CYS CA  HA   sing N N 75  
CYS C   O    doub N N 76  
CYS C   OXT  sing N N 77  
CYS CB  SG   sing N N 78  
CYS CB  HB2  sing N N 79  
CYS CB  HB3  sing N N 80  
CYS SG  HG   sing N N 81  
CYS OXT HXT  sing N N 82  
GLN N   CA   sing N N 83  
GLN N   H    sing N N 84  
GLN N   H2   sing N N 85  
GLN CA  C    sing N N 86  
GLN CA  CB   sing N N 87  
GLN CA  HA   sing N N 88  
GLN C   O    doub N N 89  
GLN C   OXT  sing N N 90  
GLN CB  CG   sing N N 91  
GLN CB  HB2  sing N N 92  
GLN CB  HB3  sing N N 93  
GLN CG  CD   sing N N 94  
GLN CG  HG2  sing N N 95  
GLN CG  HG3  sing N N 96  
GLN CD  OE1  doub N N 97  
GLN CD  NE2  sing N N 98  
GLN NE2 HE21 sing N N 99  
GLN NE2 HE22 sing N N 100 
GLN OXT HXT  sing N N 101 
GLU N   CA   sing N N 102 
GLU N   H    sing N N 103 
GLU N   H2   sing N N 104 
GLU CA  C    sing N N 105 
GLU CA  CB   sing N N 106 
GLU CA  HA   sing N N 107 
GLU C   O    doub N N 108 
GLU C   OXT  sing N N 109 
GLU CB  CG   sing N N 110 
GLU CB  HB2  sing N N 111 
GLU CB  HB3  sing N N 112 
GLU CG  CD   sing N N 113 
GLU CG  HG2  sing N N 114 
GLU CG  HG3  sing N N 115 
GLU CD  OE1  doub N N 116 
GLU CD  OE2  sing N N 117 
GLU OE2 HE2  sing N N 118 
GLU OXT HXT  sing N N 119 
GLY N   CA   sing N N 120 
GLY N   H    sing N N 121 
GLY N   H2   sing N N 122 
GLY CA  C    sing N N 123 
GLY CA  HA2  sing N N 124 
GLY CA  HA3  sing N N 125 
GLY C   O    doub N N 126 
GLY C   OXT  sing N N 127 
GLY OXT HXT  sing N N 128 
HIS N   CA   sing N N 129 
HIS N   H    sing N N 130 
HIS N   H2   sing N N 131 
HIS CA  C    sing N N 132 
HIS CA  CB   sing N N 133 
HIS CA  HA   sing N N 134 
HIS C   O    doub N N 135 
HIS C   OXT  sing N N 136 
HIS CB  CG   sing N N 137 
HIS CB  HB2  sing N N 138 
HIS CB  HB3  sing N N 139 
HIS CG  ND1  sing Y N 140 
HIS CG  CD2  doub Y N 141 
HIS ND1 CE1  doub Y N 142 
HIS ND1 HD1  sing N N 143 
HIS CD2 NE2  sing Y N 144 
HIS CD2 HD2  sing N N 145 
HIS CE1 NE2  sing Y N 146 
HIS CE1 HE1  sing N N 147 
HIS NE2 HE2  sing N N 148 
HIS OXT HXT  sing N N 149 
HOH O   H1   sing N N 150 
HOH O   H2   sing N N 151 
ILE N   CA   sing N N 152 
ILE N   H    sing N N 153 
ILE N   H2   sing N N 154 
ILE CA  C    sing N N 155 
ILE CA  CB   sing N N 156 
ILE CA  HA   sing N N 157 
ILE C   O    doub N N 158 
ILE C   OXT  sing N N 159 
ILE CB  CG1  sing N N 160 
ILE CB  CG2  sing N N 161 
ILE CB  HB   sing N N 162 
ILE CG1 CD1  sing N N 163 
ILE CG1 HG12 sing N N 164 
ILE CG1 HG13 sing N N 165 
ILE CG2 HG21 sing N N 166 
ILE CG2 HG22 sing N N 167 
ILE CG2 HG23 sing N N 168 
ILE CD1 HD11 sing N N 169 
ILE CD1 HD12 sing N N 170 
ILE CD1 HD13 sing N N 171 
ILE OXT HXT  sing N N 172 
LEU N   CA   sing N N 173 
LEU N   H    sing N N 174 
LEU N   H2   sing N N 175 
LEU CA  C    sing N N 176 
LEU CA  CB   sing N N 177 
LEU CA  HA   sing N N 178 
LEU C   O    doub N N 179 
LEU C   OXT  sing N N 180 
LEU CB  CG   sing N N 181 
LEU CB  HB2  sing N N 182 
LEU CB  HB3  sing N N 183 
LEU CG  CD1  sing N N 184 
LEU CG  CD2  sing N N 185 
LEU CG  HG   sing N N 186 
LEU CD1 HD11 sing N N 187 
LEU CD1 HD12 sing N N 188 
LEU CD1 HD13 sing N N 189 
LEU CD2 HD21 sing N N 190 
LEU CD2 HD22 sing N N 191 
LEU CD2 HD23 sing N N 192 
LEU OXT HXT  sing N N 193 
LYS N   CA   sing N N 194 
LYS N   H    sing N N 195 
LYS N   H2   sing N N 196 
LYS CA  C    sing N N 197 
LYS CA  CB   sing N N 198 
LYS CA  HA   sing N N 199 
LYS C   O    doub N N 200 
LYS C   OXT  sing N N 201 
LYS CB  CG   sing N N 202 
LYS CB  HB2  sing N N 203 
LYS CB  HB3  sing N N 204 
LYS CG  CD   sing N N 205 
LYS CG  HG2  sing N N 206 
LYS CG  HG3  sing N N 207 
LYS CD  CE   sing N N 208 
LYS CD  HD2  sing N N 209 
LYS CD  HD3  sing N N 210 
LYS CE  NZ   sing N N 211 
LYS CE  HE2  sing N N 212 
LYS CE  HE3  sing N N 213 
LYS NZ  HZ1  sing N N 214 
LYS NZ  HZ2  sing N N 215 
LYS NZ  HZ3  sing N N 216 
LYS OXT HXT  sing N N 217 
MET N   CA   sing N N 218 
MET N   H    sing N N 219 
MET N   H2   sing N N 220 
MET CA  C    sing N N 221 
MET CA  CB   sing N N 222 
MET CA  HA   sing N N 223 
MET C   O    doub N N 224 
MET C   OXT  sing N N 225 
MET CB  CG   sing N N 226 
MET CB  HB2  sing N N 227 
MET CB  HB3  sing N N 228 
MET CG  SD   sing N N 229 
MET CG  HG2  sing N N 230 
MET CG  HG3  sing N N 231 
MET SD  CE   sing N N 232 
MET CE  HE1  sing N N 233 
MET CE  HE2  sing N N 234 
MET CE  HE3  sing N N 235 
MET OXT HXT  sing N N 236 
PHE N   CA   sing N N 237 
PHE N   H    sing N N 238 
PHE N   H2   sing N N 239 
PHE CA  C    sing N N 240 
PHE CA  CB   sing N N 241 
PHE CA  HA   sing N N 242 
PHE C   O    doub N N 243 
PHE C   OXT  sing N N 244 
PHE CB  CG   sing N N 245 
PHE CB  HB2  sing N N 246 
PHE CB  HB3  sing N N 247 
PHE CG  CD1  doub Y N 248 
PHE CG  CD2  sing Y N 249 
PHE CD1 CE1  sing Y N 250 
PHE CD1 HD1  sing N N 251 
PHE CD2 CE2  doub Y N 252 
PHE CD2 HD2  sing N N 253 
PHE CE1 CZ   doub Y N 254 
PHE CE1 HE1  sing N N 255 
PHE CE2 CZ   sing Y N 256 
PHE CE2 HE2  sing N N 257 
PHE CZ  HZ   sing N N 258 
PHE OXT HXT  sing N N 259 
PRO N   CA   sing N N 260 
PRO N   CD   sing N N 261 
PRO N   H    sing N N 262 
PRO CA  C    sing N N 263 
PRO CA  CB   sing N N 264 
PRO CA  HA   sing N N 265 
PRO C   O    doub N N 266 
PRO C   OXT  sing N N 267 
PRO CB  CG   sing N N 268 
PRO CB  HB2  sing N N 269 
PRO CB  HB3  sing N N 270 
PRO CG  CD   sing N N 271 
PRO CG  HG2  sing N N 272 
PRO CG  HG3  sing N N 273 
PRO CD  HD2  sing N N 274 
PRO CD  HD3  sing N N 275 
PRO OXT HXT  sing N N 276 
SER N   CA   sing N N 277 
SER N   H    sing N N 278 
SER N   H2   sing N N 279 
SER CA  C    sing N N 280 
SER CA  CB   sing N N 281 
SER CA  HA   sing N N 282 
SER C   O    doub N N 283 
SER C   OXT  sing N N 284 
SER CB  OG   sing N N 285 
SER CB  HB2  sing N N 286 
SER CB  HB3  sing N N 287 
SER OG  HG   sing N N 288 
SER OXT HXT  sing N N 289 
THR N   CA   sing N N 290 
THR N   H    sing N N 291 
THR N   H2   sing N N 292 
THR CA  C    sing N N 293 
THR CA  CB   sing N N 294 
THR CA  HA   sing N N 295 
THR C   O    doub N N 296 
THR C   OXT  sing N N 297 
THR CB  OG1  sing N N 298 
THR CB  CG2  sing N N 299 
THR CB  HB   sing N N 300 
THR OG1 HG1  sing N N 301 
THR CG2 HG21 sing N N 302 
THR CG2 HG22 sing N N 303 
THR CG2 HG23 sing N N 304 
THR OXT HXT  sing N N 305 
TYR N   CA   sing N N 306 
TYR N   H    sing N N 307 
TYR N   H2   sing N N 308 
TYR CA  C    sing N N 309 
TYR CA  CB   sing N N 310 
TYR CA  HA   sing N N 311 
TYR C   O    doub N N 312 
TYR C   OXT  sing N N 313 
TYR CB  CG   sing N N 314 
TYR CB  HB2  sing N N 315 
TYR CB  HB3  sing N N 316 
TYR CG  CD1  doub Y N 317 
TYR CG  CD2  sing Y N 318 
TYR CD1 CE1  sing Y N 319 
TYR CD1 HD1  sing N N 320 
TYR CD2 CE2  doub Y N 321 
TYR CD2 HD2  sing N N 322 
TYR CE1 CZ   doub Y N 323 
TYR CE1 HE1  sing N N 324 
TYR CE2 CZ   sing Y N 325 
TYR CE2 HE2  sing N N 326 
TYR CZ  OH   sing N N 327 
TYR OH  HH   sing N N 328 
TYR OXT HXT  sing N N 329 
VAL N   CA   sing N N 330 
VAL N   H    sing N N 331 
VAL N   H2   sing N N 332 
VAL CA  C    sing N N 333 
VAL CA  CB   sing N N 334 
VAL CA  HA   sing N N 335 
VAL C   O    doub N N 336 
VAL C   OXT  sing N N 337 
VAL CB  CG1  sing N N 338 
VAL CB  CG2  sing N N 339 
VAL CB  HB   sing N N 340 
VAL CG1 HG11 sing N N 341 
VAL CG1 HG12 sing N N 342 
VAL CG1 HG13 sing N N 343 
VAL CG2 HG21 sing N N 344 
VAL CG2 HG22 sing N N 345 
VAL CG2 HG23 sing N N 346 
VAL OXT HXT  sing N N 347 
# 
_pdbx_audit_support.funding_organization   'Marie Sklodowska-Curie Actions, FragNET ITN' 
_pdbx_audit_support.country                France 
_pdbx_audit_support.grant_number           675341 
_pdbx_audit_support.ordinal                1 
# 
_pdbx_initial_refinement_model.id               1 
_pdbx_initial_refinement_model.entity_id_list   ? 
_pdbx_initial_refinement_model.type             'experimental model' 
_pdbx_initial_refinement_model.source_name      PDB 
_pdbx_initial_refinement_model.accession_code   1UFX 
_pdbx_initial_refinement_model.details          ? 
# 
_space_group.crystal_system   trigonal 
_space_group.name_H-M_alt     'P 31 2 1' 
_space_group.IT_number        152 
_space_group.name_Hall        
;P 31 2"
;
_space_group.id               1 
# 
_atom_sites.entry_id                    6Y9Q 
_atom_sites.Cartn_transf_matrix[1][1]   ? 
_atom_sites.Cartn_transf_matrix[1][2]   ? 
_atom_sites.Cartn_transf_matrix[1][3]   ? 
_atom_sites.Cartn_transf_matrix[2][1]   ? 
_atom_sites.Cartn_transf_matrix[2][2]   ? 
_atom_sites.Cartn_transf_matrix[2][3]   ? 
_atom_sites.Cartn_transf_matrix[3][1]   ? 
_atom_sites.Cartn_transf_matrix[3][2]   ? 
_atom_sites.Cartn_transf_matrix[3][3]   ? 
_atom_sites.Cartn_transf_vector[1]      ? 
_atom_sites.Cartn_transf_vector[2]      ? 
_atom_sites.Cartn_transf_vector[3]      ? 
_atom_sites.fract_transf_matrix[1][1]   -0.02159381 
_atom_sites.fract_transf_matrix[1][2]   -0.00712254 
_atom_sites.fract_transf_matrix[1][3]   -0.00261793 
_atom_sites.fract_transf_matrix[2][1]   -0.01719838 
_atom_sites.fract_transf_matrix[2][2]   0.01199277 
_atom_sites.fract_transf_matrix[2][3]   0.00917876 
_atom_sites.fract_transf_matrix[3][1]   -0.00084020 
_atom_sites.fract_transf_matrix[3][2]   0.00601416 
_atom_sites.fract_transf_matrix[3][3]   -0.00943226 
_atom_sites.fract_transf_vector[1]      -0.236984 
_atom_sites.fract_transf_vector[2]      0.308755 
_atom_sites.fract_transf_vector[3]      -0.202346 
_atom_sites.solution_primary            ? 
_atom_sites.solution_secondary          ? 
_atom_sites.solution_hydrogens          ? 
_atom_sites.special_details             ? 
# 
loop_
_atom_type.symbol 
C 
N 
O 
S 
# 
loop_
_atom_site.group_PDB 
_atom_site.id 
_atom_site.type_symbol 
_atom_site.label_atom_id 
_atom_site.label_alt_id 
_atom_site.label_comp_id 
_atom_site.label_asym_id 
_atom_site.label_entity_id 
_atom_site.label_seq_id 
_atom_site.pdbx_PDB_ins_code 
_atom_site.Cartn_x 
_atom_site.Cartn_y 
_atom_site.Cartn_z 
_atom_site.occupancy 
_atom_site.B_iso_or_equiv 
_atom_site.pdbx_formal_charge 
_atom_site.auth_seq_id 
_atom_site.auth_comp_id 
_atom_site.auth_asym_id 
_atom_site.auth_atom_id 
_atom_site.pdbx_PDB_model_num 
ATOM   1   N N   . THR A 1 11  ? 11.11893  11.80828  7.88188   1.000 33.22000 ? 812  THR B N   1 
ATOM   2   C CA  . THR A 1 11  ? 10.25705  12.33181  6.82723   1.000 30.97000 ? 812  THR B CA  1 
ATOM   3   C C   . THR A 1 11  ? 9.57230   11.19383  6.07105   1.000 31.28000 ? 812  THR B C   1 
ATOM   4   O O   . THR A 1 11  ? 8.37705   11.26997  5.77174   1.000 28.45000 ? 812  THR B O   1 
ATOM   5   C CB  . THR A 1 11  ? 11.04955  13.19548  5.81472   1.000 30.07000 ? 812  THR B CB  1 
ATOM   6   O OG1 . THR A 1 11  ? 11.85742  14.14983  6.51539   1.000 33.10000 ? 812  THR B OG1 1 
ATOM   7   C CG2 . THR A 1 11  ? 10.10636  13.93298  4.86924   1.000 30.16000 ? 812  THR B CG2 1 
ATOM   8   N N   . SER A 1 12  ? 10.34279  10.14370  5.78478   1.000 30.21000 ? 813  SER B N   1 
ATOM   9   C CA  . SER A 1 12  ? 9.92644   9.02920   4.94474   1.000 30.74000 ? 813  SER B CA  1 
ATOM   10  C C   . SER A 1 12  ? 10.60614  7.76408   5.45001   1.000 30.84000 ? 813  SER B C   1 
ATOM   11  O O   . SER A 1 12  ? 11.74637  7.80895   5.91700   1.000 30.70000 ? 813  SER B O   1 
ATOM   12  C CB  . SER A 1 12  ? 10.34274  9.28960   3.49189   1.000 30.21000 ? 813  SER B CB  1 
ATOM   13  O OG  . SER A 1 12  ? 10.00699  8.21283   2.64137   1.000 35.38000 ? 813  SER B OG  1 
ATOM   14  N N   . THR A 1 13  ? 9.90440   6.62965   5.35055   1.000 22.80000 ? 814  THR B N   1 
ATOM   15  C CA  . THR A 1 13  ? 10.41336  5.36274   5.86989   1.000 22.86000 ? 814  THR B CA  1 
ATOM   16  C C   . THR A 1 13  ? 10.17793  4.24877   4.85946   1.000 19.16000 ? 814  THR B C   1 
ATOM   17  O O   . THR A 1 13  ? 9.07152   4.11671   4.32791   1.000 19.36000 ? 814  THR B O   1 
ATOM   18  C CB  . THR A 1 13  ? 9.72922   4.99337   7.19267   1.000 26.35000 ? 814  THR B CB  1 
ATOM   19  O OG1 . THR A 1 13  ? 9.85558   6.07509   8.12565   1.000 29.95000 ? 814  THR B OG1 1 
ATOM   20  C CG2 . THR A 1 13  ? 10.35206  3.73961   7.79350   1.000 24.88000 ? 814  THR B CG2 1 
ATOM   21  N N   . LEU A 1 14  ? 11.20855  3.43961   4.60614   1.000 18.95000 ? 815  LEU B N   1 
ATOM   22  C CA  . LEU A 1 14  ? 11.09302  2.27173   3.73619   1.000 17.89000 ? 815  LEU B CA  1 
ATOM   23  C C   . LEU A 1 14  ? 10.77258  1.05320   4.59574   1.000 17.77000 ? 815  LEU B C   1 
ATOM   24  O O   . LEU A 1 14  ? 11.58617  0.64276   5.42710   1.000 19.13000 ? 815  LEU B O   1 
ATOM   25  C CB  . LEU A 1 14  ? 12.37942  2.05011   2.94509   1.000 19.47000 ? 815  LEU B CB  1 
ATOM   26  C CG  . LEU A 1 14  ? 12.35633  0.94630   1.88536   1.000 20.26000 ? 815  LEU B CG  1 
ATOM   27  C CD1 . LEU A 1 14  ? 11.32399  1.23005   0.80717   1.000 20.26000 ? 815  LEU B CD1 1 
ATOM   28  C CD2 . LEU A 1 14  ? 13.73723  0.75668   1.26443   1.000 25.82000 ? 815  LEU B CD2 1 
ATOM   29  N N   . VAL A 1 15  ? 9.58932   0.47585   4.39723   1.000 15.51000 ? 816  VAL B N   1 
ATOM   30  C CA  . VAL A 1 15  ? 9.09458   -0.63919  5.20391   1.000 15.42000 ? 816  VAL B CA  1 
ATOM   31  C C   . VAL A 1 15  ? 9.07116   -1.89009  4.33824   1.000 15.35000 ? 816  VAL B C   1 
ATOM   32  O O   . VAL A 1 15  ? 8.38181   -1.92248  3.31335   1.000 15.60000 ? 816  VAL B O   1 
ATOM   33  C CB  . VAL A 1 15  ? 7.69245   -0.33993  5.75154   1.000 15.59000 ? 816  VAL B CB  1 
ATOM   34  C CG1 . VAL A 1 15  ? 7.12594   -1.57413  6.46722   1.000 16.18000 ? 816  VAL B CG1 1 
ATOM   35  C CG2 . VAL A 1 15  ? 7.72484   0.86522   6.67882   1.000 17.87000 ? 816  VAL B CG2 1 
ATOM   36  N N   . ARG A 1 16  ? 9.80428   -2.92334  4.74040   1.000 15.99000 ? 817  ARG B N   1 
ATOM   37  C CA  . ARG A 1 16  ? 9.76607   -4.20184  4.04517   1.000 15.70000 ? 817  ARG B CA  1 
ATOM   38  C C   . ARG A 1 16  ? 8.73782   -5.11121  4.71057   1.000 14.82000 ? 817  ARG B C   1 
ATOM   39  O O   . ARG A 1 16  ? 8.88556   -5.47387  5.88266   1.000 16.48000 ? 817  ARG B O   1 
ATOM   40  C CB  . ARG A 1 16  ? 11.13808  -4.86909  4.02913   1.000 16.31000 ? 817  ARG B CB  1 
ATOM   41  C CG  . ARG A 1 16  ? 11.10789  -6.21537  3.33278   1.000 18.83000 ? 817  ARG B CG  1 
ATOM   42  C CD  . ARG A 1 16  ? 12.47320  -6.64658  2.83869   1.000 20.25000 ? 817  ARG B CD  1 
ATOM   43  N NE  . ARG A 1 16  ? 12.94795  -5.79502  1.75281   1.000 18.87000 ? 817  ARG B NE  1 
ATOM   44  C CZ  . ARG A 1 16  ? 14.03672  -6.04069  1.03178   1.000 20.38000 ? 817  ARG B CZ  1 
ATOM   45  N NH1 . ARG A 1 16  ? 14.76780  -7.11633  1.28103   1.000 24.98000 ? 817  ARG B NH1 1 
ATOM   46  N NH2 . ARG A 1 16  ? 14.39480  -5.21405  0.06410   1.000 22.94000 ? 817  ARG B NH2 1 
ATOM   47  N N   . VAL A 1 17  ? 7.70609   -5.48140  3.97177   1.000 13.71000 ? 818  VAL B N   1 
ATOM   48  C CA  . VAL A 1 17  ? 6.67824   -6.40950  4.42302   1.000 14.55000 ? 818  VAL B CA  1 
ATOM   49  C C   . VAL A 1 17  ? 7.01002   -7.77136  3.83673   1.000 13.86000 ? 818  VAL B C   1 
ATOM   50  O O   . VAL A 1 17  ? 6.92189   -7.97095  2.62076   1.000 15.87000 ? 818  VAL B O   1 
ATOM   51  C CB  . VAL A 1 17  ? 5.28742   -5.94262  3.98234   1.000 14.24000 ? 818  VAL B CB  1 
ATOM   52  C CG1 . VAL A 1 17  ? 4.21930   -6.95664  4.39309   1.000 16.02000 ? 818  VAL B CG1 1 
ATOM   53  C CG2 . VAL A 1 17  ? 4.98483   -4.57725  4.55638   1.000 16.58000 ? 818  VAL B CG2 1 
ATOM   54  N N   . ARG A 1 18  ? 7.39558   -8.71110  4.68984   1.000 14.69000 ? 819  ARG B N   1 
ATOM   55  C CA  . ARG A 1 18  ? 7.57053   -10.08188 4.24028   1.000 14.84000 ? 819  ARG B CA  1 
ATOM   56  C C   . ARG A 1 18  ? 6.20182   -10.69972 4.00155   1.000 14.42000 ? 819  ARG B C   1 
ATOM   57  O O   . ARG A 1 18  ? 5.22967   -10.38970 4.69495   1.000 14.82000 ? 819  ARG B O   1 
ATOM   58  C CB  . ARG A 1 18  ? 8.30939   -10.89179 5.30645   1.000 15.19000 ? 819  ARG B CB  1 
ATOM   59  C CG  . ARG A 1 18  ? 9.75148   -10.47729 5.49699   1.000 20.57000 ? 819  ARG B CG  1 
ATOM   60  C CD  . ARG A 1 18  ? 10.44395  -11.41898 6.47138   1.000 25.36000 ? 819  ARG B CD  1 
ATOM   61  N NE  . ARG A 1 18  ? 11.49702  -10.75716 7.24318   1.000 30.40000 ? 819  ARG B NE  1 
ATOM   62  C CZ  . ARG A 1 18  ? 11.97828  -11.22254 8.39142   1.000 31.02000 ? 819  ARG B CZ  1 
ATOM   63  N NH1 . ARG A 1 18  ? 11.49294  -12.34613 8.90518   1.000 29.68000 ? 819  ARG B NH1 1 
ATOM   64  N NH2 . ARG A 1 18  ? 12.93662  -10.56482 9.03346   1.000 33.59000 ? 819  ARG B NH2 1 
ATOM   65  N N   . LYS A 1 19  ? 6.12329   -11.58251 3.00799   1.000 14.61000 ? 820  LYS B N   1 
ATOM   66  C CA  . LYS A 1 19  ? 4.86366   -12.25535 2.68643   1.000 15.72000 ? 820  LYS B CA  1 
ATOM   67  C C   . LYS A 1 19  ? 4.65514   -13.43712 3.64032   1.000 18.13000 ? 820  LYS B C   1 
ATOM   68  O O   . LYS A 1 19  ? 4.72705   -14.61181 3.27264   1.000 19.67000 ? 820  LYS B O   1 
ATOM   69  C CB  . LYS A 1 19  ? 4.83305   -12.66214 1.21310   1.000 15.87000 ? 820  LYS B CB  1 
ATOM   70  C CG  . LYS A 1 19  ? 4.98358   -11.49289 0.22427   1.000 16.44000 ? 820  LYS B CG  1 
ATOM   71  C CD  . LYS A 1 19  ? 4.99150   -12.00545 -1.20575  1.000 17.75000 ? 820  LYS B CD  1 
ATOM   72  C CE  . LYS A 1 19  ? 5.37151   -10.91716 -2.20242  1.000 17.57000 ? 820  LYS B CE  1 
ATOM   73  N NZ  . LYS A 1 19  ? 5.32439   -11.47826 -3.58237  1.000 19.45000 ? 820  LYS B NZ  1 
ATOM   74  N N   . SER A 1 20  ? 4.37763   -13.09803 4.90407   1.000 16.17000 ? 821  SER B N   1 
ATOM   75  C CA  . SER A 1 20  ? 4.28587   -14.08230 5.97826   1.000 16.58000 ? 821  SER B CA  1 
ATOM   76  C C   . SER A 1 20  ? 2.90825   -14.71199 6.08243   1.000 16.47000 ? 821  SER B C   1 
ATOM   77  O O   . SER A 1 20  ? 2.72636   -15.66195 6.86064   1.000 18.81000 ? 821  SER B O   1 
ATOM   78  C CB  . SER A 1 20  ? 4.64515   -13.42671 7.31097   1.000 17.11000 ? 821  SER B CB  1 
ATOM   79  O OG  . SER A 1 20  ? 3.74845   -12.36738 7.61554   1.000 17.21000 ? 821  SER B OG  1 
ATOM   80  N N   . ALA A 1 21  ? 1.93525   -14.18516 5.35138   1.000 17.62000 ? 822  ALA B N   1 
ATOM   81  C CA  . ALA A 1 21  ? 0.58395   -14.71293 5.32433   1.000 17.06000 ? 822  ALA B CA  1 
ATOM   82  C C   . ALA A 1 21  ? 0.10296   -14.77206 3.88445   1.000 17.22000 ? 822  ALA B C   1 
ATOM   83  O O   . ALA A 1 21  ? 0.70343   -14.19122 2.97393   1.000 17.13000 ? 822  ALA B O   1 
ATOM   84  C CB  . ALA A 1 21  ? -0.37185  -13.86289 6.16317   1.000 17.29000 ? 822  ALA B CB  1 
ATOM   85  N N   . ALA A 1 22  ? -1.01915  -15.45899 3.68437   1.000 17.62000 ? 823  ALA B N   1 
ATOM   86  C CA  . ALA A 1 22  ? -1.58547  -15.61186 2.35168   1.000 17.99000 ? 823  ALA B CA  1 
ATOM   87  C C   . ALA A 1 22  ? -2.23063  -14.33492 1.82589   1.000 18.06000 ? 823  ALA B C   1 
ATOM   88  O O   . ALA A 1 22  ? -2.55344  -14.27276 0.63360   1.000 18.85000 ? 823  ALA B O   1 
ATOM   89  C CB  . ALA A 1 22  ? -2.60365  -16.75274 2.35598   1.000 20.37000 ? 823  ALA B CB  1 
ATOM   90  N N   . THR A 1 23  ? -2.42790  -13.33070 2.67763   1.000 17.84000 ? 824  THR B N   1 
ATOM   91  C CA  . THR A 1 23  ? -3.02385  -12.06065 2.29292   1.000 17.98000 ? 824  THR B CA  1 
ATOM   92  C C   . THR A 1 23  ? -2.10224  -10.93266 2.72549   1.000 16.57000 ? 824  THR B C   1 
ATOM   93  O O   . THR A 1 23  ? -1.28830  -11.08299 3.64655   1.000 16.15000 ? 824  THR B O   1 
ATOM   94  C CB  . THR A 1 23  ? -4.37458  -11.85363 2.99005   1.000 20.05000 ? 824  THR B CB  1 
ATOM   95  O OG1 . THR A 1 23  ? -4.22281  -12.06184 4.40178   1.000 21.39000 ? 824  THR B OG1 1 
ATOM   96  C CG2 . THR A 1 23  ? -5.43222  -12.81508 2.43911   1.000 22.39000 ? 824  THR B CG2 1 
ATOM   97  N N   . LEU A 1 24  ? -2.24799  -9.79031  2.04204   1.000 17.08000 ? 825  LEU B N   1 
ATOM   98  C CA  . LEU A 1 24  ? -1.57105  -8.56502  2.45259   1.000 15.24000 ? 825  LEU B CA  1 
ATOM   99  C C   . LEU A 1 24  ? -2.33817  -7.88127  3.57297   1.000 14.20000 ? 825  LEU B C   1 
ATOM   100 O O   . LEU A 1 24  ? -1.74219  -7.42966  4.55592   1.000 15.46000 ? 825  LEU B O   1 
ATOM   101 C CB  . LEU A 1 24  ? -1.41357  -7.61603  1.26086   1.000 17.39000 ? 825  LEU B CB  1 
ATOM   102 C CG  . LEU A 1 24  ? -0.76170  -6.27109  1.57035   1.000 13.96000 ? 825  LEU B CG  1 
ATOM   103 C CD1 . LEU A 1 24  ? 0.64649   -6.47800  2.12529   1.000 16.87000 ? 825  LEU B CD1 1 
ATOM   104 C CD2 . LEU A 1 24  ? -0.73016  -5.40990  0.31720   1.000 16.48000 ? 825  LEU B CD2 1 
ATOM   105 N N   . GLY A 1 25  ? -3.66026  -7.81019  3.45656   1.000 16.49000 ? 826  GLY B N   1 
ATOM   106 C CA  . GLY A 1 25  ? -4.48051  -7.25068  4.50007   1.000 15.60000 ? 826  GLY B CA  1 
ATOM   107 C C   . GLY A 1 25  ? -4.34365  -5.76071  4.73978   1.000 16.81000 ? 826  GLY B C   1 
ATOM   108 O O   . GLY A 1 25  ? -4.20741  -5.32499  5.88200   1.000 17.76000 ? 826  GLY B O   1 
ATOM   109 N N   . ILE A 1 26  ? -4.35865  -4.96012  3.67811   1.000 15.72000 ? 827  ILE B N   1 
ATOM   110 C CA  . ILE A 1 26  ? -4.52107  -3.51814  3.81873   1.000 16.06000 ? 827  ILE B CA  1 
ATOM   111 C C   . ILE A 1 26  ? -5.64217  -3.04334  2.91308   1.000 14.21000 ? 827  ILE B C   1 
ATOM   112 O O   . ILE A 1 26  ? -5.96111  -3.66932  1.89655   1.000 14.95000 ? 827  ILE B O   1 
ATOM   113 C CB  . ILE A 1 26  ? -3.24031  -2.70335  3.56052   1.000 16.52000 ? 827  ILE B CB  1 
ATOM   114 C CG1 . ILE A 1 26  ? -2.83825  -2.77936  2.09663   1.000 17.63000 ? 827  ILE B CG1 1 
ATOM   115 C CG2 . ILE A 1 26  ? -2.12703  -3.16941  4.44509   1.000 18.16000 ? 827  ILE B CG2 1 
ATOM   116 C CD1 . ILE A 1 26  ? -1.72211  -1.81898  1.74373   1.000 17.37000 ? 827  ILE B CD1 1 
ATOM   117 N N   . ALA A 1 27  ? -6.25400  -1.94019  3.32011   1.000 13.56000 ? 828  ALA B N   1 
ATOM   118 C CA  . ALA A 1 27  ? -7.12248  -1.15974  2.45602   1.000 13.82000 ? 828  ALA B CA  1 
ATOM   119 C C   . ALA A 1 27  ? -6.51315  0.22212   2.29095   1.000 13.51000 ? 828  ALA B C   1 
ATOM   120 O O   . ALA A 1 27  ? -5.92935  0.77165   3.23038   1.000 14.72000 ? 828  ALA B O   1 
ATOM   121 C CB  . ALA A 1 27  ? -8.53996  -1.05394  3.02319   1.000 16.15000 ? 828  ALA B CB  1 
ATOM   122 N N   . ILE A 1 28  ? -6.64048  0.76516   1.08101   1.000 13.74000 ? 829  ILE B N   1 
ATOM   123 C CA  . ILE A 1 28  ? -6.12023  2.07916   0.71053   1.000 14.82000 ? 829  ILE B CA  1 
ATOM   124 C C   . ILE A 1 28  ? -7.26229  2.96537   0.23795   1.000 14.39000 ? 829  ILE B C   1 
ATOM   125 O O   . ILE A 1 28  ? -8.25167  2.49672   -0.34024  1.000 15.79000 ? 829  ILE B O   1 
ATOM   126 C CB  . ILE A 1 28  ? -5.01965  1.99927   -0.37206  1.000 15.50000 ? 829  ILE B CB  1 
ATOM   127 C CG1 . ILE A 1 28  ? -5.53155  1.30742   -1.64413  1.000 16.16000 ? 829  ILE B CG1 1 
ATOM   128 C CG2 . ILE A 1 28  ? -3.77726  1.32711   0.19833   1.000 18.76000 ? 829  ILE B CG2 1 
ATOM   129 C CD1 . ILE A 1 28  ? -4.66479  1.54831   -2.88076  1.000 18.45000 ? 829  ILE B CD1 1 
ATOM   130 N N   . GLU A 1 29  ? -7.10806  4.26232   0.47315   1.000 14.79000 ? 830  GLU B N   1 
ATOM   131 C CA  . GLU A 1 29  ? -8.02808  5.26168   -0.05290  1.000 15.24000 ? 830  GLU B CA  1 
ATOM   132 C C   . GLU A 1 29  ? -7.28346  6.28113   -0.90235  1.000 16.02000 ? 830  GLU B C   1 
ATOM   133 O O   . GLU A 1 29  ? -6.10449  6.55923   -0.68495  1.000 15.96000 ? 830  GLU B O   1 
ATOM   134 C CB  . GLU A 1 29  ? -8.81554  5.98919   1.05199   1.000 19.25000 ? 830  GLU B CB  1 
ATOM   135 C CG  . GLU A 1 29  ? -8.03458  7.06298   1.79553   1.000 21.03000 ? 830  GLU B CG  1 
ATOM   136 C CD  . GLU A 1 29  ? -8.84733  7.77976   2.87205   1.000 20.42000 ? 830  GLU B CD  1 
ATOM   137 O OE1 . GLU A 1 29  ? -10.07270 7.57145   2.95780   1.000 24.68000 ? 830  GLU B OE1 1 
ATOM   138 O OE2 . GLU A 1 29  ? -8.24686  8.57164   3.62081   1.000 27.12000 ? 830  GLU B OE2 1 
ATOM   139 N N   . GLY A 1 30  ? -7.98490  6.83716   -1.87089  1.000 15.10000 ? 831  GLY B N   1 
ATOM   140 C CA  . GLY A 1 30  ? -7.41841  7.89213   -2.68658  1.000 16.69000 ? 831  GLY B CA  1 
ATOM   141 C C   . GLY A 1 30  ? -6.63315  7.37507   -3.87355  1.000 16.28000 ? 831  GLY B C   1 
ATOM   142 O O   . GLY A 1 30  ? -6.75630  6.23404   -4.31657  1.000 18.00000 ? 831  GLY B O   1 
ATOM   143 N N   . GLY A 1 31  ? -5.80265  8.26505   -4.40288  1.000 16.06000 ? 832  GLY B N   1 
ATOM   144 C CA  . GLY A 1 31  ? -5.11750  8.02669   -5.65536  1.000 16.36000 ? 832  GLY B CA  1 
ATOM   145 C C   . GLY A 1 31  ? -5.14601  9.25592   -6.55431  1.000 15.87000 ? 832  GLY B C   1 
ATOM   146 O O   . GLY A 1 31  ? -5.70502  10.30693  -6.19712  1.000 15.40000 ? 832  GLY B O   1 
ATOM   147 N N   . ALA A 1 32  ? -4.54308  9.13838   -7.72719  1.000 15.40000 ? 833  ALA B N   1 
ATOM   148 C CA  . ALA A 1 32  ? -4.41088  10.29549  -8.59487  1.000 15.34000 ? 833  ALA B CA  1 
ATOM   149 C C   . ALA A 1 32  ? -5.77637  10.84098  -8.99601  1.000 16.08000 ? 833  ALA B C   1 
ATOM   150 O O   . ALA A 1 32  ? -6.76565  10.11435  -9.10479  1.000 16.85000 ? 833  ALA B O   1 
ATOM   151 C CB  . ALA A 1 32  ? -3.59560  9.92329   -9.83010  1.000 17.40000 ? 833  ALA B CB  1 
ATOM   152 N N   . ASN A 1 33  ? -5.80783  12.14838  -9.23711  1.000 15.94000 ? 834  ASN B N   1 
ATOM   153 C CA  . ASN A 1 33  ? -7.01143  12.88278  -9.61666  1.000 15.93000 ? 834  ASN B CA  1 
ATOM   154 C C   . ASN A 1 33  ? -8.00113  13.02285  -8.47227  1.000 16.25000 ? 834  ASN B C   1 
ATOM   155 O O   . ASN A 1 33  ? -9.18481  13.29718  -8.70213  1.000 18.43000 ? 834  ASN B O   1 
ATOM   156 C CB  . ASN A 1 33  ? -7.68795  12.34627  -10.89395 1.000 16.45000 ? 834  ASN B CB  1 
ATOM   157 C CG  . ASN A 1 33  ? -7.33623  13.14984  -12.13267 1.000 15.26000 ? 834  ASN B CG  1 
ATOM   158 O OD1 . ASN A 1 33  ? -7.16335  14.35443  -12.07100 1.000 15.29000 ? 834  ASN B OD1 1 
ATOM   159 N ND2 . ASN A 1 33  ? -7.19553  12.46285  -13.24807 1.000 17.32000 ? 834  ASN B ND2 1 
ATOM   160 N N   . THR A 1 34  ? -7.53978  12.81445  -7.23332  1.000 14.78000 ? 835  THR B N   1 
ATOM   161 C CA  . THR A 1 34  ? -8.31854  13.10711  -6.04017  1.000 16.11000 ? 835  THR B CA  1 
ATOM   162 C C   . THR A 1 34  ? -7.50362  14.02294  -5.13633  1.000 15.60000 ? 835  THR B C   1 
ATOM   163 O O   . THR A 1 34  ? -6.30850  14.23716  -5.34882  1.000 15.43000 ? 835  THR B O   1 
ATOM   164 C CB  . THR A 1 34  ? -8.69878  11.83214  -5.25884  1.000 16.72000 ? 835  THR B CB  1 
ATOM   165 O OG1 . THR A 1 34  ? -7.58549  11.39299  -4.46178  1.000 16.61000 ? 835  THR B OG1 1 
ATOM   166 C CG2 . THR A 1 34  ? -9.12442  10.71566  -6.18852  1.000 16.72000 ? 835  THR B CG2 1 
ATOM   167 N N   . ARG A 1 35  ? -8.15654  14.53642  -4.09069  1.000 16.50000 ? 836  ARG B N   1 
ATOM   168 C CA  . ARG A 1 35  ? -7.46567  15.37886  -3.12389  1.000 18.57000 ? 836  ARG B CA  1 
ATOM   169 C C   . ARG A 1 35  ? -6.50388  14.60293  -2.23550  1.000 18.66000 ? 836  ARG B C   1 
ATOM   170 O O   . ARG A 1 35  ? -5.79677  15.22634  -1.43834  1.000 20.20000 ? 836  ARG B O   1 
ATOM   171 C CB  . ARG A 1 35  ? -8.47763  16.11440  -2.25316  1.000 21.22000 ? 836  ARG B CB  1 
ATOM   172 C CG  . ARG A 1 35  ? -9.51187  15.19608  -1.63217  1.000 28.02000 ? 836  ARG B CG  1 
ATOM   173 C CD  . ARG A 1 35  ? -10.46120 15.95514  -0.72466  1.000 34.91000 ? 836  ARG B CD  1 
ATOM   174 N NE  . ARG A 1 35  ? -11.25543 15.04069  0.08911   1.000 37.46000 ? 836  ARG B NE  1 
ATOM   175 C CZ  . ARG A 1 35  ? -10.80778 14.43190  1.18221   1.000 37.37000 ? 836  ARG B CZ  1 
ATOM   176 N NH1 . ARG A 1 35  ? -9.56466  14.63926  1.59974   1.000 38.74000 ? 836  ARG B NH1 1 
ATOM   177 N NH2 . ARG A 1 35  ? -11.60384 13.61520  1.85986   1.000 39.23000 ? 836  ARG B NH2 1 
ATOM   178 N N   . GLN A 1 36  ? -6.46240  13.27233  -2.34428  1.000 17.27000 ? 837  GLN B N   1 
ATOM   179 C CA  . GLN A 1 36  ? -5.47698  12.43018  -1.66672  1.000 15.87000 ? 837  GLN B CA  1 
ATOM   180 C C   . GLN A 1 36  ? -4.69819  11.75045  -2.78794  1.000 16.28000 ? 837  GLN B C   1 
ATOM   181 O O   . GLN A 1 36  ? -4.95427  10.58757  -3.12483  1.000 15.69000 ? 837  GLN B O   1 
ATOM   182 C CB  . GLN A 1 36  ? -6.16038  11.42513  -0.73386  1.000 18.51000 ? 837  GLN B CB  1 
ATOM   183 C CG  . GLN A 1 36  ? -5.21215  10.51461  0.03068   1.000 18.71000 ? 837  GLN B CG  1 
ATOM   184 C CD  . GLN A 1 36  ? -4.18381  11.28930  0.82313   1.000 20.35000 ? 837  GLN B CD  1 
ATOM   185 O OE1 . GLN A 1 36  ? -4.52950  12.16212  1.62334   1.000 22.00000 ? 837  GLN B OE1 1 
ATOM   186 N NE2 . GLN A 1 36  ? -2.91230  10.99870  0.58048   1.000 19.01000 ? 837  GLN B NE2 1 
ATOM   187 N N   . PRO A 1 37  ? -3.77990  12.47230  -3.44181  1.000 16.54000 ? 838  PRO B N   1 
ATOM   188 C CA  . PRO A 1 37  ? -3.24364  11.97715  -4.71751  1.000 16.08000 ? 838  PRO B CA  1 
ATOM   189 C C   . PRO A 1 37  ? -2.31210  10.78957  -4.61219  1.000 18.05000 ? 838  PRO B C   1 
ATOM   190 O O   . PRO A 1 37  ? -2.03297  10.16362  -5.64273  1.000 18.69000 ? 838  PRO B O   1 
ATOM   191 C CB  . PRO A 1 37  ? -2.52503  13.19553  -5.30459  1.000 17.48000 ? 838  PRO B CB  1 
ATOM   192 C CG  . PRO A 1 37  ? -2.28034  14.08741  -4.17613  1.000 19.62000 ? 838  PRO B CG  1 
ATOM   193 C CD  . PRO A 1 37  ? -3.33951  13.84612  -3.14740  1.000 18.06000 ? 838  PRO B CD  1 
ATOM   194 N N   . LEU A 1 38  ? -1.77968  10.49339  -3.42960  1.000 16.33000 ? 839  LEU B N   1 
ATOM   195 C CA  . LEU A 1 38  ? -1.10486  9.23321   -3.16932  1.000 17.22000 ? 839  LEU B CA  1 
ATOM   196 C C   . LEU A 1 38  ? -1.94018  8.42012   -2.19092  1.000 15.02000 ? 839  LEU B C   1 
ATOM   197 O O   . LEU A 1 38  ? -2.54424  8.99285   -1.28074  1.000 17.15000 ? 839  LEU B O   1 
ATOM   198 C CB  . LEU A 1 38  ? 0.28241   9.46374   -2.56432  1.000 17.99000 ? 839  LEU B CB  1 
ATOM   199 C CG  . LEU A 1 38  ? 1.31199   10.06305  -3.52031  1.000 19.05000 ? 839  LEU B CG  1 
ATOM   200 C CD1 . LEU A 1 38  ? 2.51531   10.53019  -2.73379  1.000 25.17000 ? 839  LEU B CD1 1 
ATOM   201 C CD2 . LEU A 1 38  ? 1.70427   9.03998   -4.56557  1.000 21.51000 ? 839  LEU B CD2 1 
ATOM   202 N N   . PRO A 1 39  ? -2.01820  7.10074   -2.36872  1.000 15.65000 ? 840  PRO B N   1 
ATOM   203 C CA  . PRO A 1 39  ? -2.94120  6.30500   -1.54985  1.000 15.65000 ? 840  PRO B CA  1 
ATOM   204 C C   . PRO A 1 39  ? -2.56217  6.34045   -0.07554  1.000 15.03000 ? 840  PRO B C   1 
ATOM   205 O O   . PRO A 1 39  ? -1.38292  6.31983   0.28081   1.000 15.74000 ? 840  PRO B O   1 
ATOM   206 C CB  . PRO A 1 39  ? -2.79403  4.88854   -2.11645  1.000 19.24000 ? 840  PRO B CB  1 
ATOM   207 C CG  . PRO A 1 39  ? -2.14136  5.05468   -3.44708  1.000 18.58000 ? 840  PRO B CG  1 
ATOM   208 C CD  . PRO A 1 39  ? -1.28447  6.27700   -3.33633  1.000 15.69000 ? 840  PRO B CD  1 
ATOM   209 N N   . ARG A 1 40  ? -3.57820  6.41621   0.77686   1.000 15.01000 ? 841  ARG B N   1 
ATOM   210 C CA  . ARG A 1 40  ? -3.40339  6.38003   2.21893   1.000 15.30000 ? 841  ARG B CA  1 
ATOM   211 C C   . ARG A 1 40  ? -3.96893  5.07575   2.76615   1.000 14.59000 ? 841  ARG B C   1 
ATOM   212 O O   . ARG A 1 40  ? -5.07229  4.65834   2.39372   1.000 15.03000 ? 841  ARG B O   1 
ATOM   213 C CB  . ARG A 1 40  ? -4.11711  7.57324   2.86848   1.000 18.03000 ? 841  ARG B CB  1 
ATOM   214 C CG  . ARG A 1 40  ? -3.84401  7.71713   4.36666   1.000 19.60000 ? 841  ARG B CG  1 
ATOM   215 C CD  . ARG A 1 40  ? -4.55520  8.92521   4.97909   1.000 22.95000 ? 841  ARG B CD  1 
ATOM   216 N NE  . ARG A 1 40  ? -4.20569  10.19980  4.35012   1.000 24.24000 ? 841  ARG B NE  1 
ATOM   217 C CZ  . ARG A 1 40  ? -3.22069  10.99948  4.75442   1.000 22.86000 ? 841  ARG B CZ  1 
ATOM   218 N NH1 . ARG A 1 40  ? -2.46436  10.65636  5.79199   1.000 24.71000 ? 841  ARG B NH1 1 
ATOM   219 N NH2 . ARG A 1 40  ? -2.99045  12.14823  4.12125   1.000 24.78000 ? 841  ARG B NH2 1 
ATOM   220 N N   . ILE A 1 41  ? -3.21366  4.44547   3.66828   1.000 14.78000 ? 842  ILE B N   1 
ATOM   221 C CA  . ILE A 1 41  ? -3.66583  3.20998   4.29566   1.000 14.35000 ? 842  ILE B CA  1 
ATOM   222 C C   . ILE A 1 41  ? -4.75490  3.53621   5.30237   1.000 14.30000 ? 842  ILE B C   1 
ATOM   223 O O   . ILE A 1 41  ? -4.57549  4.39408   6.17591   1.000 17.54000 ? 842  ILE B O   1 
ATOM   224 C CB  . ILE A 1 41  ? -2.49097  2.48360   4.95999   1.000 15.02000 ? 842  ILE B CB  1 
ATOM   225 C CG1 . ILE A 1 41  ? -1.48479  2.07200   3.88956   1.000 16.20000 ? 842  ILE B CG1 1 
ATOM   226 C CG2 . ILE A 1 41  ? -2.99144  1.26477   5.75689   1.000 16.55000 ? 842  ILE B CG2 1 
ATOM   227 C CD1 . ILE A 1 41  ? -0.24635  1.40619   4.44176   1.000 17.97000 ? 842  ILE B CD1 1 
ATOM   228 N N   . VAL A 1 42  ? -5.90795  2.89542   5.15112   1.000 15.09000 ? 843  VAL B N   1 
ATOM   229 C CA  . VAL A 1 42  ? -7.04086  3.14141   6.03090   1.000 16.44000 ? 843  VAL B CA  1 
ATOM   230 C C   . VAL A 1 42  ? -7.37114  1.95098   6.91757   1.000 16.15000 ? 843  VAL B C   1 
ATOM   231 O O   . VAL A 1 42  ? -8.06914  2.13769   7.92418   1.000 17.49000 ? 843  VAL B O   1 
ATOM   232 C CB  . VAL A 1 42  ? -8.29453  3.63037   5.26977   1.000 17.57000 ? 843  VAL B CB  1 
ATOM   233 C CG1 . VAL A 1 42  ? -8.04967  4.99257   4.63700   1.000 19.92000 ? 843  VAL B CG1 1 
ATOM   234 C CG2 . VAL A 1 42  ? -8.73246  2.62050   4.21769   1.000 19.29000 ? 843  VAL B CG2 1 
ATOM   235 N N   . THR A 1 43  ? -6.90415  0.75017   6.58367   1.000 15.14000 ? 844  THR B N   1 
ATOM   236 C CA  . THR A 1 43  ? -7.12405  -0.44139  7.39437   1.000 15.83000 ? 844  THR B CA  1 
ATOM   237 C C   . THR A 1 43  ? -5.88188  -1.31444  7.29674   1.000 15.32000 ? 844  THR B C   1 
ATOM   238 O O   . THR A 1 43  ? -5.30809  -1.46578  6.21314   1.000 15.64000 ? 844  THR B O   1 
ATOM   239 C CB  . THR A 1 43  ? -8.31403  -1.23483  6.84223   1.000 20.01000 ? 844  THR B CB  1 
ATOM   240 O OG1 . THR A 1 43  ? -9.44856  -0.36597  6.69569   1.000 24.49000 ? 844  THR B OG1 1 
ATOM   241 C CG2 . THR A 1 43  ? -8.68035  -2.39245  7.75065   1.000 20.84000 ? 844  THR B CG2 1 
ATOM   242 N N   . ILE A 1 44  ? -5.48234  -1.89389  8.42591   1.000 16.28000 ? 845  ILE B N   1 
ATOM   243 C CA  . ILE A 1 44  ? -4.46671  -2.93977  8.47374   1.000 16.58000 ? 845  ILE B CA  1 
ATOM   244 C C   . ILE A 1 44  ? -5.08146  -4.12415  9.21597   1.000 16.47000 ? 845  ILE B C   1 
ATOM   245 O O   . ILE A 1 44  ? -5.35013  -4.03585  10.42249  1.000 19.61000 ? 845  ILE B O   1 
ATOM   246 C CB  . ILE A 1 44  ? -3.17273  -2.46541  9.14142   1.000 16.43000 ? 845  ILE B CB  1 
ATOM   247 C CG1 . ILE A 1 44  ? -2.61102  -1.25912  8.38340   1.000 17.27000 ? 845  ILE B CG1 1 
ATOM   248 C CG2 . ILE A 1 44  ? -2.14732  -3.59760  9.18568   1.000 17.78000 ? 845  ILE B CG2 1 
ATOM   249 C CD1 . ILE A 1 44  ? -1.34718  -0.73223  8.99330   1.000 20.51000 ? 845  ILE B CD1 1 
ATOM   250 N N   . GLN A 1 45  ? -5.33181  -5.21126  8.49159   1.000 17.68000 ? 846  GLN B N   1 
ATOM   251 C CA  . GLN A 1 45  ? -6.14444  -6.32507  8.97533   1.000 20.57000 ? 846  GLN B CA  1 
ATOM   252 C C   . GLN A 1 45  ? -5.28469  -7.30409  9.76830   1.000 19.30000 ? 846  GLN B C   1 
ATOM   253 O O   . GLN A 1 45  ? -4.29179  -7.82764  9.25564   1.000 17.34000 ? 846  GLN B O   1 
ATOM   254 C CB  . GLN A 1 45  ? -6.80803  -7.03327  7.79198   1.000 21.36000 ? 846  GLN B CB  1 
ATOM   255 C CG  . GLN A 1 45  ? -7.64612  -6.12584  6.88126   1.000 23.99000 ? 846  GLN B CG  1 
ATOM   256 C CD  . GLN A 1 45  ? -8.42906  -6.88802  5.82161   1.000 28.58000 ? 846  GLN B CD  1 
ATOM   257 O OE1 . GLN A 1 45  ? -8.17993  -6.74558  4.62361   1.000 33.02000 ? 846  GLN B OE1 1 
ATOM   258 N NE2 . GLN A 1 45  ? -9.39177  -7.69276  6.26364   1.000 33.61000 ? 846  GLN B NE2 1 
ATOM   259 N N   . ARG A 1 46  ? -5.69521  -7.58872  11.00180  1.000 21.21000 ? 847  ARG B N   1 
ATOM   260 C CA  . ARG A 1 46  ? -4.97883  -8.56559  11.81010  1.000 19.90000 ? 847  ARG B CA  1 
ATOM   261 C C   . ARG A 1 46  ? -4.93696  -9.91736  11.10383  1.000 19.13000 ? 847  ARG B C   1 
ATOM   262 O O   . ARG A 1 46  ? -5.92817  -10.36837 10.52159  1.000 21.46000 ? 847  ARG B O   1 
ATOM   263 C CB  . ARG A 1 46  ? -5.64925  -8.71576  13.17390  1.000 23.69000 ? 847  ARG B CB  1 
ATOM   264 C CG  . ARG A 1 46  ? -5.03074  -9.80263  14.01236  1.000 23.57000 ? 847  ARG B CG  1 
ATOM   265 C CD  . ARG A 1 46  ? -5.40026  -9.66155  15.46965  1.000 26.35000 ? 847  ARG B CD  1 
ATOM   266 N NE  . ARG A 1 46  ? -4.74130  -10.68984 16.25503  1.000 24.96000 ? 847  ARG B NE  1 
ATOM   267 C CZ  . ARG A 1 46  ? -4.30308  -10.51034 17.49242  1.000 26.11000 ? 847  ARG B CZ  1 
ATOM   268 N NH1 . ARG A 1 46  ? -4.44437  -9.32928  18.08086  1.000 30.60000 ? 847  ARG B NH1 1 
ATOM   269 N NH2 . ARG A 1 46  ? -3.71213  -11.50768 18.13233  1.000 24.42000 ? 847  ARG B NH2 1 
ATOM   270 N N   . GLY A 1 47  ? -3.76327  -10.54651 11.12024  1.000 17.22000 ? 848  GLY B N   1 
ATOM   271 C CA  . GLY A 1 47  ? -3.55735  -11.83001 10.49997  1.000 20.51000 ? 848  GLY B CA  1 
ATOM   272 C C   . GLY A 1 47  ? -2.92801  -11.75700 9.12512   1.000 18.39000 ? 848  GLY B C   1 
ATOM   273 O O   . GLY A 1 47  ? -2.41669  -12.77175 8.63117   1.000 19.08000 ? 848  GLY B O   1 
ATOM   274 N N   . GLY A 1 48  ? -2.97239  -10.57897 8.48275   1.000 16.78000 ? 849  GLY B N   1 
ATOM   275 C CA  . GLY A 1 48  ? -2.36260  -10.39482 7.18289   1.000 16.48000 ? 849  GLY B CA  1 
ATOM   276 C C   . GLY A 1 48  ? -0.88614  -10.05881 7.28107   1.000 14.72000 ? 849  GLY B C   1 
ATOM   277 O O   . GLY A 1 48  ? -0.33900  -9.80265  8.35307   1.000 14.47000 ? 849  GLY B O   1 
ATOM   278 N N   . SER A 1 49  ? -0.22513  -10.05440 6.12250   1.000 13.98000 ? 850  SER B N   1 
ATOM   279 C CA  . SER A 1 49  ? 1.21357   -9.81650  6.09608   1.000 13.55000 ? 850  SER B CA  1 
ATOM   280 C C   . SER A 1 49  ? 1.55806   -8.42190  6.60258   1.000 14.11000 ? 850  SER B C   1 
ATOM   281 O O   . SER A 1 49  ? 2.57153   -8.23534  7.28776   1.000 13.77000 ? 850  SER B O   1 
ATOM   282 C CB  . SER A 1 49  ? 1.74319   -9.99498  4.66848   1.000 14.30000 ? 850  SER B CB  1 
ATOM   283 O OG  . SER A 1 49  ? 1.58135   -11.31823 4.18407   1.000 14.13000 ? 850  SER B OG  1 
ATOM   284 N N   . ALA A 1 50  ? 0.74411   -7.41918  6.25594   1.000 13.16000 ? 851  ALA B N   1 
ATOM   285 C CA  . ALA A 1 50  ? 1.03319   -6.06157  6.70691   1.000 13.24000 ? 851  ALA B CA  1 
ATOM   286 C C   . ALA A 1 50  ? 0.97075   -5.96914  8.22714   1.000 14.74000 ? 851  ALA B C   1 
ATOM   287 O O   . ALA A 1 50  ? 1.84856   -5.37044  8.85775   1.000 14.90000 ? 851  ALA B O   1 
ATOM   288 C CB  . ALA A 1 50  ? 0.07473   -5.06487  6.06246   1.000 13.85000 ? 851  ALA B CB  1 
ATOM   289 N N   . HIS A 1 51  ? -0.08020  -6.53267  8.83202   1.000 14.22000 ? 852  HIS B N   1 
ATOM   290 C CA  . HIS A 1 51  ? -0.18024  -6.49510  10.28613  1.000 14.10000 ? 852  HIS B CA  1 
ATOM   291 C C   . HIS A 1 51  ? 0.97797   -7.23719  10.93480  1.000 15.10000 ? 852  HIS B C   1 
ATOM   292 O O   . HIS A 1 51  ? 1.56041   -6.75061  11.91152  1.000 16.78000 ? 852  HIS B O   1 
ATOM   293 C CB  . HIS A 1 51  ? -1.51757  -7.08210  10.72673  1.000 17.56000 ? 852  HIS B CB  1 
ATOM   294 C CG  . HIS A 1 51  ? -1.86616  -6.78586  12.15264  1.000 24.41000 ? 852  HIS B CG  1 
ATOM   295 N ND1 . HIS A 1 51  ? -1.51260  -7.61722  13.19070  1.000 27.93000 ? 852  HIS B ND1 1 
ATOM   296 C CD2 . HIS A 1 51  ? -2.53109  -5.74580  12.70971  1.000 24.78000 ? 852  HIS B CD2 1 
ATOM   297 C CE1 . HIS A 1 51  ? -1.95080  -7.10858  14.32830  1.000 26.20000 ? 852  HIS B CE1 1 
ATOM   298 N NE2 . HIS A 1 51  ? -2.57102  -5.97149  14.06435  1.000 27.88000 ? 852  HIS B NE2 1 
ATOM   299 N N   . ASN A 1 52  ? 1.34394   -8.39428  10.38444  1.000 13.61000 ? 853  ASN B N   1 
ATOM   300 C CA  . ASN A 1 52  ? 2.44714   -9.17256  10.94238  1.000 15.12000 ? 853  ASN B CA  1 
ATOM   301 C C   . ASN A 1 52  ? 3.74264   -8.38591  10.92062  1.000 14.54000 ? 853  ASN B C   1 
ATOM   302 O O   . ASN A 1 52  ? 4.59318   -8.55063  11.80190  1.000 15.79000 ? 853  ASN B O   1 
ATOM   303 C CB  . ASN A 1 52  ? 2.64412   -10.47120 10.17054  1.000 15.16000 ? 853  ASN B CB  1 
ATOM   304 C CG  . ASN A 1 52  ? 1.56281   -11.49182 10.43554  1.000 15.88000 ? 853  ASN B CG  1 
ATOM   305 O OD1 . ASN A 1 52  ? 0.75259   -11.33766 11.35171  1.000 17.95000 ? 853  ASN B OD1 1 
ATOM   306 N ND2 . ASN A 1 52  ? 1.54398   -12.54026 9.63313   1.000 15.74000 ? 853  ASN B ND2 1 
ATOM   307 N N   . CYS A 1 53  ? 3.94879   -7.58594  9.88763   1.000 15.87000 ? 854  CYS B N   1 
ATOM   308 C CA  . CYS A 1 53  ? 5.09170   -6.70623  9.86982   1.000 13.86000 ? 854  CYS B CA  1 
ATOM   309 C C   . CYS A 1 53  ? 4.84783   -5.66450  10.95181  1.000 15.33000 ? 854  CYS B C   1 
ATOM   310 O O   . CYS A 1 53  ? 3.72094   -5.27596  11.22024  1.000 19.00000 ? 854  CYS B O   1 
ATOM   311 C CB  . CYS A 1 53  ? 5.14301   -6.06780  8.48596   1.000 14.33000 ? 854  CYS B CB  1 
ATOM   312 S SG  . CYS A 1 53  ? 6.16318   -4.64780  8.27530   1.000 20.22000 ? 854  CYS B SG  1 
ATOM   313 N N   . GLY A 1 54  ? 5.86912   -5.18801  11.60946  1.000 17.73000 ? 855  GLY B N   1 
ATOM   314 C CA  . GLY A 1 54  ? 5.35152   -4.33370  12.66531  1.000 27.67000 ? 855  GLY B CA  1 
ATOM   315 C C   . GLY A 1 54  ? 4.97555   -2.90486  12.31825  1.000 22.70000 ? 855  GLY B C   1 
ATOM   316 O O   . GLY A 1 54  ? 4.50024   -2.16260  13.18829  1.000 22.56000 ? 855  GLY B O   1 
ATOM   317 N N   . GLN A 1 55  ? 5.16104   -2.49345  11.08096  1.000 16.64000 ? 856  GLN B N   1 
ATOM   318 C CA  . GLN A 1 55  ? 5.72301   -1.18381  10.84670  1.000 18.70000 ? 856  GLN B CA  1 
ATOM   319 C C   . GLN A 1 55  ? 4.88292   -0.28534  9.96138   1.000 17.27000 ? 856  GLN B C   1 
ATOM   320 O O   . GLN A 1 55  ? 5.29321   0.85090   9.69191   1.000 20.78000 ? 856  GLN B O   1 
ATOM   321 C CB  . GLN A 1 55  ? 7.13630   -1.33490  10.27600  1.000 18.58000 ? 856  GLN B CB  1 
ATOM   322 C CG  . GLN A 1 55  ? 8.03053   -2.18732  11.17516  1.000 21.58000 ? 856  GLN B CG  1 
ATOM   323 C CD  . GLN A 1 55  ? 9.39190   -2.45390  10.57826  1.000 29.34000 ? 856  GLN B CD  1 
ATOM   324 O OE1 . GLN A 1 55  ? 9.65710   -2.09778  9.43540   1.000 29.12000 ? 856  GLN B OE1 1 
ATOM   325 N NE2 . GLN A 1 55  ? 10.26768  -3.08660  11.35276  1.000 32.39000 ? 856  GLN B NE2 1 
ATOM   326 N N   . LEU A 1 56  ? 3.73686   -0.74257  9.49362   1.000 16.30000 ? 857  LEU B N   1 
ATOM   327 C CA  . LEU A 1 56  ? 2.83360   0.11210   8.74418   1.000 16.11000 ? 857  LEU B CA  1 
ATOM   328 C C   . LEU A 1 56  ? 1.75136   0.58581   9.69566   1.000 18.57000 ? 857  LEU B C   1 
ATOM   329 O O   . LEU A 1 56  ? 1.44669   -0.07386  10.69488  1.000 20.76000 ? 857  LEU B O   1 
ATOM   330 C CB  . LEU A 1 56  ? 2.21880   -0.64820  7.57321   1.000 18.11000 ? 857  LEU B CB  1 
ATOM   331 C CG  . LEU A 1 56  ? 3.16800   -0.95828  6.41799   1.000 18.81000 ? 857  LEU B CG  1 
ATOM   332 C CD1 . LEU A 1 56  ? 2.43105   -1.74654  5.36139   1.000 18.96000 ? 857  LEU B CD1 1 
ATOM   333 C CD2 . LEU A 1 56  ? 3.73276   0.32979   5.80817   1.000 17.98000 ? 857  LEU B CD2 1 
ATOM   334 N N   . LYS A 1 57  ? 1.19326   1.74736   9.39895   1.000 19.39000 ? 858  LYS B N   1 
ATOM   335 C CA  . LYS A 1 57  ? 0.22918   2.39365   10.27155  1.000 20.67000 ? 858  LYS B CA  1 
ATOM   336 C C   . LYS A 1 57  ? -0.94221  2.87949   9.43927   1.000 17.20000 ? 858  LYS B C   1 
ATOM   337 O O   . LYS A 1 57  ? -0.75897  3.33407   8.30344   1.000 17.30000 ? 858  LYS B O   1 
ATOM   338 C CB  . LYS A 1 57  ? 0.84137   3.62314   10.96172  1.000 24.51000 ? 858  LYS B CB  1 
ATOM   339 C CG  . LYS A 1 57  ? 2.14366   3.39632   11.71083  1.000 26.26000 ? 858  LYS B CG  1 
ATOM   340 C CD  . LYS A 1 57  ? 2.68908   4.74091   12.18537  1.000 30.53000 ? 858  LYS B CD  1 
ATOM   341 C CE  . LYS A 1 57  ? 4.17596   4.68926   12.50286  1.000 35.11000 ? 858  LYS B CE  1 
ATOM   342 N NZ  . LYS A 1 57  ? 4.44513   4.17911   13.87574  1.000 39.11000 ? 858  LYS B NZ  1 
ATOM   343 N N   . VAL A 1 58  ? -2.14560  2.80273   10.00774  1.000 17.92000 ? 859  VAL B N   1 
ATOM   344 C CA  . VAL A 1 58  ? -3.26528  3.53522   9.43634   1.000 19.12000 ? 859  VAL B CA  1 
ATOM   345 C C   . VAL A 1 58  ? -2.87200  5.00162   9.36939   1.000 18.30000 ? 859  VAL B C   1 
ATOM   346 O O   . VAL A 1 58  ? -2.34920  5.56566   10.34015  1.000 20.38000 ? 859  VAL B O   1 
ATOM   347 C CB  . VAL A 1 58  ? -4.53572  3.31548   10.27047  1.000 21.35000 ? 859  VAL B CB  1 
ATOM   348 C CG1 . VAL A 1 58  ? -5.60314  4.33786   9.89948   1.000 22.06000 ? 859  VAL B CG1 1 
ATOM   349 C CG2 . VAL A 1 58  ? -5.04837  1.90533   10.06518  1.000 22.34000 ? 859  VAL B CG2 1 
ATOM   350 N N   . GLY A 1 59  ? -3.05867  5.61100   8.20347   1.000 17.66000 ? 860  GLY B N   1 
ATOM   351 C CA  . GLY A 1 59  ? -2.64351  6.96961   7.97426   1.000 18.86000 ? 860  GLY B CA  1 
ATOM   352 C C   . GLY A 1 59  ? -1.36510  7.11042   7.17592   1.000 17.02000 ? 860  GLY B C   1 
ATOM   353 O O   . GLY A 1 59  ? -1.09638  8.20109   6.65334   1.000 18.73000 ? 860  GLY B O   1 
ATOM   354 N N   . HIS A 1 60  ? -0.58036  6.04351   7.04300   1.000 17.15000 ? 861  HIS B N   1 
ATOM   355 C CA  . HIS A 1 60  ? 0.59642   6.08929   6.18836   1.000 16.39000 ? 861  HIS B CA  1 
ATOM   356 C C   . HIS A 1 60  ? 0.17449   6.34151   4.74906   1.000 16.96000 ? 861  HIS B C   1 
ATOM   357 O O   . HIS A 1 60  ? -0.78405  5.74781   4.25490   1.000 15.33000 ? 861  HIS B O   1 
ATOM   358 C CB  . HIS A 1 60  ? 1.35040   4.75718   6.24707   1.000 15.33000 ? 861  HIS B CB  1 
ATOM   359 C CG  . HIS A 1 60  ? 2.47353   4.73266   7.23151   1.000 16.44000 ? 861  HIS B CG  1 
ATOM   360 N ND1 . HIS A 1 60  ? 2.89343   3.57382   7.84672   1.000 17.39000 ? 861  HIS B ND1 1 
ATOM   361 C CD2 . HIS A 1 60  ? 3.28875   5.71645   7.67557   1.000 18.38000 ? 861  HIS B CD2 1 
ATOM   362 C CE1 . HIS A 1 60  ? 3.90462   3.85191   8.64993   1.000 17.70000 ? 861  HIS B CE1 1 
ATOM   363 N NE2 . HIS A 1 60  ? 4.16230   5.14562   8.56702   1.000 18.26000 ? 861  HIS B NE2 1 
ATOM   364 N N   . VAL A 1 61  ? 0.90735   7.21792   4.07944   1.000 15.25000 ? 862  VAL B N   1 
ATOM   365 C CA  . VAL A 1 61  ? 0.71429   7.49859   2.66526   1.000 14.95000 ? 862  VAL B CA  1 
ATOM   366 C C   . VAL A 1 61  ? 1.78506   6.73723   1.90602   1.000 14.93000 ? 862  VAL B C   1 
ATOM   367 O O   . VAL A 1 61  ? 2.96594   6.79604   2.26887   1.000 16.00000 ? 862  VAL B O   1 
ATOM   368 C CB  . VAL A 1 61  ? 0.80810   9.00849   2.40177   1.000 16.72000 ? 862  VAL B CB  1 
ATOM   369 C CG1 . VAL A 1 61  ? 0.74177   9.29757   0.91981   1.000 16.46000 ? 862  VAL B CG1 1 
ATOM   370 C CG2 . VAL A 1 61  ? -0.31345  9.72310   3.13691   1.000 19.36000 ? 862  VAL B CG2 1 
ATOM   371 N N   . ILE A 1 62  ? 1.37818   6.00375   0.87516   1.000 14.86000 ? 863  ILE B N   1 
ATOM   372 C CA  . ILE A 1 62  ? 2.28313   5.14426   0.12046   1.000 15.51000 ? 863  ILE B CA  1 
ATOM   373 C C   . ILE A 1 62  ? 2.86909   5.94316   -1.03982  1.000 15.58000 ? 863  ILE B C   1 
ATOM   374 O O   . ILE A 1 62  ? 2.17452   6.26097   -2.01340  1.000 16.04000 ? 863  ILE B O   1 
ATOM   375 C CB  . ILE A 1 62  ? 1.57989   3.87500   -0.37168  1.000 14.53000 ? 863  ILE B CB  1 
ATOM   376 C CG1 . ILE A 1 62  ? 0.97881   3.10645   0.81287   1.000 15.74000 ? 863  ILE B CG1 1 
ATOM   377 C CG2 . ILE A 1 62  ? 2.55689   3.00171   -1.14041  1.000 16.15000 ? 863  ILE B CG2 1 
ATOM   378 C CD1 . ILE A 1 62  ? 0.12616   1.93616   0.38525   1.000 17.74000 ? 863  ILE B CD1 1 
ATOM   379 N N   . LEU A 1 63  ? 4.16413   6.25047   -0.94734  1.000 15.22000 ? 864  LEU B N   1 
ATOM   380 C CA  . LEU A 1 63  ? 4.86011   6.99510   -1.99265  1.000 15.68000 ? 864  LEU B CA  1 
ATOM   381 C C   . LEU A 1 63  ? 5.31766   6.07488   -3.11730  1.000 16.00000 ? 864  LEU B C   1 
ATOM   382 O O   . LEU A 1 63  ? 5.21127   6.42677   -4.29756  1.000 16.41000 ? 864  LEU B O   1 
ATOM   383 C CB  . LEU A 1 63  ? 6.07348   7.69167   -1.37235  1.000 18.51000 ? 864  LEU B CB  1 
ATOM   384 C CG  . LEU A 1 63  ? 5.76602   8.65408   -0.22109  1.000 20.59000 ? 864  LEU B CG  1 
ATOM   385 C CD1 . LEU A 1 63  ? 6.96326   8.82118   0.70172   1.000 23.94000 ? 864  LEU B CD1 1 
ATOM   386 C CD2 . LEU A 1 63  ? 5.33878   10.00252  -0.76114  1.000 27.40000 ? 864  LEU B CD2 1 
ATOM   387 N N   . GLU A 1 64  ? 5.84080   4.89931   -2.77052  1.000 15.65000 ? 865  GLU B N   1 
ATOM   388 C CA  . GLU A 1 64  ? 6.39070   3.96377   -3.73951  1.000 15.59000 ? 865  GLU B CA  1 
ATOM   389 C C   . GLU A 1 64  ? 6.11905   2.53367   -3.29513  1.000 14.68000 ? 865  GLU B C   1 
ATOM   390 O O   . GLU A 1 64  ? 6.09263   2.22235   -2.09502  1.000 14.93000 ? 865  GLU B O   1 
ATOM   391 C CB  . GLU A 1 64  ? 7.91123   4.11321   -3.90098  1.000 16.55000 ? 865  GLU B CB  1 
ATOM   392 C CG  . GLU A 1 64  ? 8.35894   5.49525   -4.31677  1.000 17.97000 ? 865  GLU B CG  1 
ATOM   393 C CD  . GLU A 1 64  ? 9.86295   5.64317   -4.40995  1.000 19.40000 ? 865  GLU B CD  1 
ATOM   394 O OE1 . GLU A 1 64  ? 10.60348  4.66929   -4.17871  1.000 21.60000 ? 865  GLU B OE1 1 
ATOM   395 O OE2 . GLU A 1 64  ? 10.29736  6.76483   -4.73486  1.000 21.11000 ? 865  GLU B OE2 1 
ATOM   396 N N   . VAL A 1 65  ? 5.95927   1.65607   -4.27814  1.000 13.39000 ? 866  VAL B N   1 
ATOM   397 C CA  . VAL A 1 65  ? 5.85296   0.21504   -4.07072  1.000 14.63000 ? 866  VAL B CA  1 
ATOM   398 C C   . VAL A 1 65  ? 6.99970   -0.42961  -4.83010  1.000 14.70000 ? 866  VAL B C   1 
ATOM   399 O O   . VAL A 1 65  ? 7.07400   -0.31060  -6.06076  1.000 15.20000 ? 866  VAL B O   1 
ATOM   400 C CB  . VAL A 1 65  ? 4.50424   -0.32306  -4.57317  1.000 15.72000 ? 866  VAL B CB  1 
ATOM   401 C CG1 . VAL A 1 65  ? 4.40301   -1.82966  -4.36282  1.000 19.22000 ? 866  VAL B CG1 1 
ATOM   402 C CG2 . VAL A 1 65  ? 3.35965   0.40066   -3.89559  1.000 18.39000 ? 866  VAL B CG2 1 
ATOM   403 N N   . ASN A 1 66  ? 7.90736   -1.08232  -4.10689  1.000 16.05000 ? 867  ASN B N   1 
ATOM   404 C CA  . ASN A 1 66  ? 9.09957   -1.68278  -4.70417  1.000 15.40000 ? 867  ASN B CA  1 
ATOM   405 C C   . ASN A 1 66  ? 9.84552   -0.68481  -5.58289  1.000 17.41000 ? 867  ASN B C   1 
ATOM   406 O O   . ASN A 1 66  ? 10.31328  -1.01833  -6.67450  1.000 18.90000 ? 867  ASN B O   1 
ATOM   407 C CB  . ASN A 1 66  ? 8.77445   -2.96227  -5.47438  1.000 17.07000 ? 867  ASN B CB  1 
ATOM   408 C CG  . ASN A 1 66  ? 8.29153   -4.08464  -4.57116  1.000 15.33000 ? 867  ASN B CG  1 
ATOM   409 O OD1 . ASN A 1 66  ? 8.76403   -4.25351  -3.43526  1.000 16.03000 ? 867  ASN B OD1 1 
ATOM   410 N ND2 . ASN A 1 66  ? 7.36548   -4.87613  -5.08016  1.000 16.69000 ? 867  ASN B ND2 1 
ATOM   411 N N   . GLY A 1 67  ? 9.93135   0.56106   -5.11489  1.000 16.43000 ? 868  GLY B N   1 
ATOM   412 C CA  . GLY A 1 67  ? 10.65211  1.60402   -5.81283  1.000 17.14000 ? 868  GLY B CA  1 
ATOM   413 C C   . GLY A 1 67  ? 9.87982   2.29580   -6.91447  1.000 17.31000 ? 868  GLY B C   1 
ATOM   414 O O   . GLY A 1 67  ? 10.41667  3.22896   -7.52927  1.000 20.34000 ? 868  GLY B O   1 
ATOM   415 N N   . GLN A 1 68  ? 8.65140   1.87275   -7.19968  1.000 16.36000 ? 869  GLN B N   1 
ATOM   416 C CA  . GLN A 1 68  ? 7.84630   2.45259   -8.26392  1.000 15.66000 ? 869  GLN B CA  1 
ATOM   417 C C   . GLN A 1 68  ? 6.93552   3.51218   -7.65942  1.000 16.14000 ? 869  GLN B C   1 
ATOM   418 O O   . GLN A 1 68  ? 6.09451   3.19961   -6.81451  1.000 14.69000 ? 869  GLN B O   1 
ATOM   419 C CB  . GLN A 1 68  ? 7.00896   1.36555   -8.93121  1.000 14.93000 ? 869  GLN B CB  1 
ATOM   420 C CG  . GLN A 1 68  ? 6.15828   1.92111   -10.06160 1.000 17.09000 ? 869  GLN B CG  1 
ATOM   421 C CD  . GLN A 1 68  ? 5.33661   0.86636   -10.76916 1.000 17.06000 ? 869  GLN B CD  1 
ATOM   422 O OE1 . GLN A 1 68  ? 5.29249   -0.30509  -10.38349 1.000 20.02000 ? 869  GLN B OE1 1 
ATOM   423 N NE2 . GLN A 1 68  ? 4.65468   1.28903   -11.81615 1.000 19.15000 ? 869  GLN B NE2 1 
ATOM   424 N N   . THR A 1 69  ? 7.07952   4.75835   -8.10267  1.000 16.35000 ? 870  THR B N   1 
ATOM   425 C CA  . THR A 1 69  ? 6.21555   5.81489   -7.59348  1.000 15.54000 ? 870  THR B CA  1 
ATOM   426 C C   . THR A 1 69  ? 4.76162   5.52377   -7.93502  1.000 16.18000 ? 870  THR B C   1 
ATOM   427 O O   . THR A 1 69  ? 4.44699   4.99722   -9.01104  1.000 17.63000 ? 870  THR B O   1 
ATOM   428 C CB  . THR A 1 69  ? 6.61071   7.18169   -8.17010  1.000 18.34000 ? 870  THR B CB  1 
ATOM   429 O OG1 . THR A 1 69  ? 5.75734   8.18063   -7.60819  1.000 18.39000 ? 870  THR B OG1 1 
ATOM   430 C CG2 . THR A 1 69  ? 6.48892   7.21313   -9.69365  1.000 22.00000 ? 870  THR B CG2 1 
ATOM   431 N N   . LEU A 1 70  ? 3.87160   5.89701   -7.02072  1.000 15.81000 ? 871  LEU B N   1 
ATOM   432 C CA  . LEU A 1 70  ? 2.44112   5.82932   -7.26114  1.000 16.12000 ? 871  LEU B CA  1 
ATOM   433 C C   . LEU A 1 70  ? 1.87227   7.16006   -7.73920  1.000 17.99000 ? 871  LEU B C   1 
ATOM   434 O O   . LEU A 1 70  ? 0.66829   7.24795   -8.00289  1.000 16.95000 ? 871  LEU B O   1 
ATOM   435 C CB  . LEU A 1 70  ? 1.70731   5.33870   -6.00768  1.000 17.46000 ? 871  LEU B CB  1 
ATOM   436 C CG  . LEU A 1 70  ? 2.01192   3.88988   -5.61110  1.000 17.53000 ? 871  LEU B CG  1 
ATOM   437 C CD1 . LEU A 1 70  ? 1.09915   3.47373   -4.47856  1.000 18.63000 ? 871  LEU B CD1 1 
ATOM   438 C CD2 . LEU A 1 70  ? 1.85721   2.94581   -6.78204  1.000 18.99000 ? 871  LEU B CD2 1 
ATOM   439 N N   . ARG A 1 71  ? 2.70816   8.19221   -7.86320  1.000 18.35000 ? 872  ARG B N   1 
ATOM   440 C CA  . ARG A 1 71  ? 2.24826   9.45176   -8.43560  1.000 17.08000 ? 872  ARG B CA  1 
ATOM   441 C C   . ARG A 1 71  ? 1.68726   9.21994   -9.83219  1.000 17.61000 ? 872  ARG B C   1 
ATOM   442 O O   . ARG A 1 71  ? 2.30068   8.55113   -10.66412 1.000 19.39000 ? 872  ARG B O   1 
ATOM   443 C CB  . ARG A 1 71  ? 3.40073   10.45140  -8.50743  1.000 19.73000 ? 872  ARG B CB  1 
ATOM   444 C CG  . ARG A 1 71  ? 3.12072   11.58884  -9.47343  1.000 28.79000 ? 872  ARG B CG  1 
ATOM   445 C CD  . ARG A 1 71  ? 4.20037   12.65680  -9.43931  1.000 30.51000 ? 872  ARG B CD  1 
ATOM   446 N NE  . ARG A 1 71  ? 3.73372   13.90516  -10.03966 1.000 33.25000 ? 872  ARG B NE  1 
ATOM   447 C CZ  . ARG A 1 71  ? 3.08059   14.85486  -9.37237  1.000 29.97000 ? 872  ARG B CZ  1 
ATOM   448 N NH1 . ARG A 1 71  ? 2.81844   14.70292  -8.08412  1.000 36.84000 ? 872  ARG B NH1 1 
ATOM   449 N NH2 . ARG A 1 71  ? 2.69053   15.96049  -9.99681  1.000 36.66000 ? 872  ARG B NH2 1 
ATOM   450 N N   . GLY A 1 72  ? 0.49682   9.72577   -10.07796 1.000 15.94000 ? 873  GLY B N   1 
ATOM   451 C CA  . GLY A 1 72  ? -0.07850  9.54676   -11.39084 1.000 18.27000 ? 873  GLY B CA  1 
ATOM   452 C C   . GLY A 1 72  ? -0.98379  8.36420   -11.54448 1.000 17.59000 ? 873  GLY B C   1 
ATOM   453 O O   . GLY A 1 72  ? -1.70285  8.27879   -12.54581 1.000 18.21000 ? 873  GLY B O   1 
ATOM   454 N N   . LYS A 1 73  ? -0.97394  7.45125   -10.58254 1.000 16.99000 ? 874  LYS B N   1 
ATOM   455 C CA  . LYS A 1 73  ? -1.75582  6.22888   -10.65243 1.000 18.42000 ? 874  LYS B CA  1 
ATOM   456 C C   . LYS A 1 73  ? -3.09936  6.50187   -10.00309 1.000 16.65000 ? 874  LYS B C   1 
ATOM   457 O O   . LYS A 1 73  ? -3.16798  6.81564   -8.80859  1.000 16.36000 ? 874  LYS B O   1 
ATOM   458 C CB  . LYS A 1 73  ? -1.02154  5.09529   -9.93496  1.000 18.43000 ? 874  LYS B CB  1 
ATOM   459 C CG  . LYS A 1 73  ? 0.41419   4.91314   -10.41804 1.000 20.56000 ? 874  LYS B CG  1 
ATOM   460 C CD  . LYS A 1 73  ? 0.45008   4.54541   -11.89261 1.000 24.66000 ? 874  LYS B CD  1 
ATOM   461 C CE  . LYS A 1 73  ? 1.79894   4.85457   -12.52209 1.000 33.18000 ? 874  LYS B CE  1 
ATOM   462 N NZ  . LYS A 1 73  ? 2.91762   4.21351   -11.78527 1.000 31.97000 ? 874  LYS B NZ  1 
ATOM   463 N N   . GLU A 1 74  ? -4.16074  6.40718   -10.78836 1.000 15.99000 ? 875  GLU B N   1 
ATOM   464 C CA  . GLU A 1 74  ? -5.47027  6.54425   -10.18946 1.000 17.19000 ? 875  GLU B CA  1 
ATOM   465 C C   . GLU A 1 74  ? -5.74405  5.33767   -9.29552  1.000 15.92000 ? 875  GLU B C   1 
ATOM   466 O O   . GLU A 1 74  ? -5.06682  4.31032   -9.36986  1.000 16.09000 ? 875  GLU B O   1 
ATOM   467 C CB  . GLU A 1 74  ? -6.54077  6.74716   -11.26347 1.000 21.26000 ? 875  GLU B CB  1 
ATOM   468 C CG  . GLU A 1 74  ? -6.44463  8.10659   -11.96682 1.000 24.27000 ? 875  GLU B CG  1 
ATOM   469 C CD  . GLU A 1 74  ? -7.63228  8.39285   -12.86306 1.000 31.21000 ? 875  GLU B CD  1 
ATOM   470 O OE1 . GLU A 1 74  ? -8.49815  7.50462   -13.01571 1.000 35.87000 ? 875  GLU B OE1 1 
ATOM   471 O OE2 . GLU A 1 74  ? -7.69624  9.50913   -13.42651 1.000 29.32000 ? 875  GLU B OE2 1 
ATOM   472 N N   . HIS A 1 75  ? -6.76869  5.48969   -8.45914  1.000 14.76000 ? 876  HIS B N   1 
ATOM   473 C CA  . HIS A 1 75  ? -7.02663  4.55108   -7.37196  1.000 14.04000 ? 876  HIS B CA  1 
ATOM   474 C C   . HIS A 1 75  ? -6.95529  3.09094   -7.82408  1.000 16.20000 ? 876  HIS B C   1 
ATOM   475 O O   . HIS A 1 75  ? -6.21522  2.28100   -7.24684  1.000 14.70000 ? 876  HIS B O   1 
ATOM   476 C CB  . HIS A 1 75  ? -8.39425  4.85937   -6.77645  1.000 15.41000 ? 876  HIS B CB  1 
ATOM   477 C CG  . HIS A 1 75  ? -8.79193  3.89855   -5.70765  1.000 14.93000 ? 876  HIS B CG  1 
ATOM   478 N ND1 . HIS A 1 75  ? -8.35030  4.01600   -4.41022  1.000 16.49000 ? 876  HIS B ND1 1 
ATOM   479 C CD2 . HIS A 1 75  ? -9.56012  2.78330   -5.74971  1.000 15.49000 ? 876  HIS B CD2 1 
ATOM   480 C CE1 . HIS A 1 75  ? -8.83973  3.01902   -3.69050  1.000 16.53000 ? 876  HIS B CE1 1 
ATOM   481 N NE2 . HIS A 1 75  ? -9.57500  2.25729   -4.47938  1.000 14.75000 ? 876  HIS B NE2 1 
ATOM   482 N N   . LYS A 1 76  ? -7.72298  2.73297   -8.85215  1.000 16.97000 ? 877  LYS B N   1 
ATOM   483 C CA  . LYS A 1 76  ? -7.78037  1.33840   -9.27954  1.000 17.27000 ? 877  LYS B CA  1 
ATOM   484 C C   . LYS A 1 76  ? -6.41763  0.84107   -9.73944  1.000 17.58000 ? 877  LYS B C   1 
ATOM   485 O O   . LYS A 1 76  ? -6.05414  -0.31351  -9.49232  1.000 16.27000 ? 877  LYS B O   1 
ATOM   486 C CB  . LYS A 1 76  ? -8.80920  1.18403   -10.39715 1.000 20.53000 ? 877  LYS B CB  1 
ATOM   487 C CG  . LYS A 1 76  ? -9.23281  -0.23537  -10.68287 1.000 24.75000 ? 877  LYS B CG  1 
ATOM   488 C CD  . LYS A 1 76  ? -10.43383 -0.21457  -11.61636 1.000 28.01000 ? 877  LYS B CD  1 
ATOM   489 C CE  . LYS A 1 76  ? -10.31714 -1.27398  -12.68165 1.000 34.13000 ? 877  LYS B CE  1 
ATOM   490 N NZ  . LYS A 1 76  ? -10.18498 -2.61662  -12.07118 1.000 35.10000 ? 877  LYS B NZ  1 
ATOM   491 N N   . GLU A 1 77  ? -5.65015  1.69697   -10.41215 1.000 15.77000 ? 878  GLU B N   1 
ATOM   492 C CA  . GLU A 1 77  ? -4.33774  1.29420   -10.89290 1.000 14.96000 ? 878  GLU B CA  1 
ATOM   493 C C   . GLU A 1 77  ? -3.34064  1.14940   -9.74557  1.000 16.68000 ? 878  GLU B C   1 
ATOM   494 O O   . GLU A 1 77  ? -2.51907  0.22224   -9.74272  1.000 15.73000 ? 878  GLU B O   1 
ATOM   495 C CB  . GLU A 1 77  ? -3.86243  2.31153   -11.93498 1.000 17.86000 ? 878  GLU B CB  1 
ATOM   496 C CG  . GLU A 1 77  ? -2.46831  2.08081   -12.47744 1.000 18.74000 ? 878  GLU B CG  1 
ATOM   497 C CD  . GLU A 1 77  ? -2.35705  0.84648   -13.34930 1.000 22.94000 ? 878  GLU B CD  1 
ATOM   498 O OE1 . GLU A 1 77  ? -3.37370  0.15593   -13.57893 1.000 21.72000 ? 878  GLU B OE1 1 
ATOM   499 O OE2 . GLU A 1 77  ? -1.23540  0.57210   -13.82159 1.000 25.45000 ? 878  GLU B OE2 1 
ATOM   500 N N   . ALA A 1 78  ? -3.37299  2.06816   -8.77986  1.000 15.33000 ? 879  ALA B N   1 
ATOM   501 C CA  . ALA A 1 78  ? -2.52715  1.90854   -7.60235  1.000 14.76000 ? 879  ALA B CA  1 
ATOM   502 C C   . ALA A 1 78  ? -2.83424  0.60331   -6.88132  1.000 14.85000 ? 879  ALA B C   1 
ATOM   503 O O   . ALA A 1 78  ? -1.91833  -0.14123  -6.50640  1.000 15.38000 ? 879  ALA B O   1 
ATOM   504 C CB  . ALA A 1 78  ? -2.71046  3.09863   -6.66307  1.000 17.92000 ? 879  ALA B CB  1 
ATOM   505 N N   . ALA A 1 79  ? -4.12150  0.29363   -6.71674  1.000 13.08000 ? 880  ALA B N   1 
ATOM   506 C CA  . ALA A 1 79  ? -4.49982  -0.96021  -6.07910  1.000 13.32000 ? 880  ALA B CA  1 
ATOM   507 C C   . ALA A 1 79  ? -4.01405  -2.16073  -6.88190  1.000 13.98000 ? 880  ALA B C   1 
ATOM   508 O O   . ALA A 1 79  ? -3.53886  -3.14740  -6.30574  1.000 14.71000 ? 880  ALA B O   1 
ATOM   509 C CB  . ALA A 1 79  ? -6.01239  -0.99777  -5.87436  1.000 15.35000 ? 880  ALA B CB  1 
ATOM   510 N N   . ARG A 1 80  ? -4.09742  -2.08508  -8.21418  1.000 15.41000 ? 881  ARG B N   1 
ATOM   511 C CA  . ARG A 1 80  ? -3.63033  -3.17898  -9.05912  1.000 14.41000 ? 881  ARG B CA  1 
ATOM   512 C C   . ARG A 1 80  ? -2.14092  -3.42465  -8.87985  1.000 14.78000 ? 881  ARG B C   1 
ATOM   513 O O   . ARG A 1 80  ? -1.70220  -4.57554  -8.78335  1.000 15.62000 ? 881  ARG B O   1 
ATOM   514 C CB  . ARG A 1 80  ? -3.93192  -2.85683  -10.52639 1.000 16.92000 ? 881  ARG B CB  1 
ATOM   515 C CG  . ARG A 1 80  ? -3.60655  -3.99991  -11.48284 1.000 17.57000 ? 881  ARG B CG  1 
ATOM   516 C CD  . ARG A 1 80  ? -3.67457  -3.57256  -12.94665 1.000 19.94000 ? 881  ARG B CD  1 
ATOM   517 N NE  . ARG A 1 80  ? -2.61888  -2.62979  -13.31253 1.000 19.13000 ? 881  ARG B NE  1 
ATOM   518 C CZ  . ARG A 1 80  ? -1.35591  -2.97393  -13.53861 1.000 19.41000 ? 881  ARG B CZ  1 
ATOM   519 N NH1 . ARG A 1 80  ? -0.98261  -4.24461  -13.43061 1.000 20.27000 ? 881  ARG B NH1 1 
ATOM   520 N NH2 . ARG A 1 80  ? -0.46584  -2.04864  -13.86282 1.000 22.26000 ? 881  ARG B NH2 1 
ATOM   521 N N   . ILE A 1 81  ? -1.35068  -2.35588  -8.84797  1.000 14.53000 ? 882  ILE B N   1 
ATOM   522 C CA  . ILE A 1 81  ? 0.09252   -2.48676  -8.70080  1.000 15.29000 ? 882  ILE B CA  1 
ATOM   523 C C   . ILE A 1 81  ? 0.43052   -3.12040  -7.35927  1.000 15.25000 ? 882  ILE B C   1 
ATOM   524 O O   . ILE A 1 81  ? 1.27976   -4.01112  -7.27737  1.000 14.60000 ? 882  ILE B O   1 
ATOM   525 C CB  . ILE A 1 81  ? 0.77524   -1.11802  -8.88079  1.000 16.15000 ? 882  ILE B CB  1 
ATOM   526 C CG1 . ILE A 1 81  ? 0.69229   -0.67654  -10.34615 1.000 18.30000 ? 882  ILE B CG1 1 
ATOM   527 C CG2 . ILE A 1 81  ? 2.21627   -1.17636  -8.44098  1.000 18.27000 ? 882  ILE B CG2 1 
ATOM   528 C CD1 . ILE A 1 81  ? 0.99506   0.80069   -10.56940 1.000 21.40000 ? 882  ILE B CD1 1 
ATOM   529 N N   . ILE A 1 82  ? -0.21453  -2.65771  -6.28488  1.000 14.25000 ? 883  ILE B N   1 
ATOM   530 C CA  . ILE A 1 82  ? 0.04125   -3.24257  -4.96914  1.000 14.48000 ? 883  ILE B CA  1 
ATOM   531 C C   . ILE A 1 82  ? -0.35174  -4.71465  -4.93914  1.000 15.14000 ? 883  ILE B C   1 
ATOM   532 O O   . ILE A 1 82  ? 0.38567   -5.55571  -4.41599  1.000 15.52000 ? 883  ILE B O   1 
ATOM   533 C CB  . ILE A 1 82  ? -0.67481  -2.42858  -3.88088  1.000 14.77000 ? 883  ILE B CB  1 
ATOM   534 C CG1 . ILE A 1 82  ? -0.07768  -1.02258  -3.80113  1.000 15.85000 ? 883  ILE B CG1 1 
ATOM   535 C CG2 . ILE A 1 82  ? -0.57367  -3.13134  -2.53378  1.000 15.54000 ? 883  ILE B CG2 1 
ATOM   536 C CD1 . ILE A 1 82  ? -0.92252  -0.04593  -3.02703  1.000 18.21000 ? 883  ILE B CD1 1 
ATOM   537 N N   . ALA A 1 83  ? -1.51606  -5.04647  -5.49775  1.000 14.53000 ? 884  ALA B N   1 
ATOM   538 C CA  . ALA A 1 83  ? -1.93413  -6.43900  -5.55632  1.000 15.41000 ? 884  ALA B CA  1 
ATOM   539 C C   . ALA A 1 83  ? -0.93197  -7.29287  -6.32324  1.000 15.42000 ? 884  ALA B C   1 
ATOM   540 O O   . ALA A 1 83  ? -0.61294  -8.41044  -5.90107  1.000 16.89000 ? 884  ALA B O   1 
ATOM   541 C CB  . ALA A 1 83  ? -3.33154  -6.54388  -6.15998  1.000 16.15000 ? 884  ALA B CB  1 
ATOM   542 N N   . GLU A 1 84  ? -0.41903  -6.78431  -7.45044  1.000 15.56000 ? 885  GLU B N   1 
ATOM   543 C CA  . GLU A 1 84  ? 0.57178   -7.53574  -8.21287  1.000 15.63000 ? 885  GLU B CA  1 
ATOM   544 C C   . GLU A 1 84  ? 1.85433   -7.71338  -7.41043  1.000 15.91000 ? 885  GLU B C   1 
ATOM   545 O O   . GLU A 1 84  ? 2.45562   -8.79507  -7.41393  1.000 16.10000 ? 885  GLU B O   1 
ATOM   546 C CB  . GLU A 1 84  ? 0.86413   -6.83197  -9.53967  1.000 17.61000 ? 885  GLU B CB  1 
ATOM   547 C CG  . GLU A 1 84  ? -0.25264  -6.86696  -10.58403 1.000 23.29000 ? 885  GLU B CG  1 
ATOM   548 C CD  . GLU A 1 84  ? -0.57798  -8.26697  -11.08498 1.000 28.87000 ? 885  GLU B CD  1 
ATOM   549 O OE1 . GLU A 1 84  ? -1.71518  -8.46808  -11.55909 1.000 32.82000 ? 885  GLU B OE1 1 
ATOM   550 O OE2 . GLU A 1 84  ? 0.29299   -9.15920  -11.02025 1.000 29.83000 ? 885  GLU B OE2 1 
ATOM   551 N N   . ALA A 1 85  ? 2.29466   -6.65464  -6.72939  1.000 14.44000 ? 886  ALA B N   1 
ATOM   552 C CA  . ALA A 1 85  ? 3.47923   -6.75718  -5.88698  1.000 15.25000 ? 886  ALA B CA  1 
ATOM   553 C C   . ALA A 1 85  ? 3.30611   -7.83607  -4.82664  1.000 15.80000 ? 886  ALA B C   1 
ATOM   554 O O   . ALA A 1 85  ? 4.26510   -8.53531  -4.48257  1.000 15.96000 ? 886  ALA B O   1 
ATOM   555 C CB  . ALA A 1 85  ? 3.77476   -5.40749  -5.24896  1.000 16.43000 ? 886  ALA B CB  1 
ATOM   556 N N   . PHE A 1 86  ? 2.08580   -8.01005  -4.31746  1.000 14.95000 ? 887  PHE B N   1 
ATOM   557 C CA  . PHE A 1 86  ? 1.88842   -9.04708  -3.31984  1.000 14.61000 ? 887  PHE B CA  1 
ATOM   558 C C   . PHE A 1 86  ? 1.82486   -10.43729 -3.93656  1.000 17.51000 ? 887  PHE B C   1 
ATOM   559 O O   . PHE A 1 86  ? 2.39459   -11.38584 -3.38020  1.000 17.59000 ? 887  PHE B O   1 
ATOM   560 C CB  . PHE A 1 86  ? 0.62725   -8.77268  -2.50804  1.000 16.47000 ? 887  PHE B CB  1 
ATOM   561 C CG  . PHE A 1 86  ? 0.43716   -9.76071  -1.40371  1.000 16.46000 ? 887  PHE B CG  1 
ATOM   562 C CD1 . PHE A 1 86  ? 1.26225   -9.72535  -0.28794  1.000 15.77000 ? 887  PHE B CD1 1 
ATOM   563 C CD2 . PHE A 1 86  ? -0.50423  -10.76534 -1.51086  1.000 17.56000 ? 887  PHE B CD2 1 
ATOM   564 C CE1 . PHE A 1 86  ? 1.12311   -10.65671 0.72311   1.000 17.81000 ? 887  PHE B CE1 1 
ATOM   565 C CE2 . PHE A 1 86  ? -0.64776  -11.70370 -0.50389  1.000 19.31000 ? 887  PHE B CE2 1 
ATOM   566 C CZ  . PHE A 1 86  ? 0.17080   -11.64725 0.60451   1.000 19.50000 ? 887  PHE B CZ  1 
ATOM   567 N N   . LYS A 1 87  ? 1.14860   -10.57694 -5.07858  1.000 16.86000 ? 888  LYS B N   1 
ATOM   568 C CA  . LYS A 1 87  ? 0.90280   -11.89514 -5.65457  1.000 18.15000 ? 888  LYS B CA  1 
ATOM   569 C C   . LYS A 1 87  ? 2.10323   -12.44353 -6.41919  1.000 21.13000 ? 888  LYS B C   1 
ATOM   570 O O   . LYS A 1 87  ? 2.21659   -13.66526 -6.57794  1.000 20.88000 ? 888  LYS B O   1 
ATOM   571 C CB  . LYS A 1 87  ? -0.31175  -11.85111 -6.58394  1.000 22.19000 ? 888  LYS B CB  1 
ATOM   572 C CG  . LYS A 1 87  ? -1.63769  -11.55353 -5.90382  1.000 26.10000 ? 888  LYS B CG  1 
ATOM   573 C CD  . LYS A 1 87  ? -1.74631  -12.24321 -4.56538  1.000 31.37000 ? 888  LYS B CD  1 
ATOM   574 C CE  . LYS A 1 87  ? -3.15969  -12.72875 -4.31259  1.000 34.02000 ? 888  LYS B CE  1 
ATOM   575 N NZ  . LYS A 1 87  ? -3.36721  -13.13707 -2.90367  1.000 36.46000 ? 888  LYS B NZ  1 
ATOM   576 N N   . THR A 1 88  ? 2.98922   -11.57246 -6.90962  1.000 21.26000 ? 889  THR B N   1 
ATOM   577 C CA  . THR A 1 88  ? 4.07082   -11.99903 -7.79175  1.000 22.53000 ? 889  THR B CA  1 
ATOM   578 C C   . THR A 1 88  ? 4.95322   -13.02889 -7.10933  1.000 22.22000 ? 889  THR B C   1 
ATOM   579 O O   . THR A 1 88  ? 5.19135   -12.95673 -5.90710  1.000 19.64000 ? 889  THR B O   1 
ATOM   580 C CB  . THR A 1 88  ? 4.93527   -10.79132 -8.19882  1.000 17.47000 ? 889  THR B CB  1 
ATOM   581 O OG1 . THR A 1 88  ? 6.04815   -11.24451 -8.96511  1.000 23.26000 ? 889  THR B OG1 1 
ATOM   582 C CG2 . THR A 1 88  ? 5.45959   -10.04967 -6.97103  1.000 25.30000 ? 889  THR B CG2 1 
ATOM   583 N N   . LYS A 1 89  ? 5.44832   -13.98400 -7.88612  1.000 19.85000 ? 890  LYS B N   1 
ATOM   584 C CA  . LYS A 1 89  ? 6.48507   -14.88358 -7.41387  1.000 21.76000 ? 890  LYS B CA  1 
ATOM   585 C C   . LYS A 1 89  ? 7.88224   -14.33399 -7.66601  1.000 18.93000 ? 890  LYS B C   1 
ATOM   586 O O   . LYS A 1 89  ? 8.86332   -15.06874 -7.53089  1.000 20.10000 ? 890  LYS B O   1 
ATOM   587 C CB  . LYS A 1 89  ? 6.31420   -16.27468 -8.03350  1.000 25.88000 ? 890  LYS B CB  1 
ATOM   588 C CG  . LYS A 1 89  ? 5.00783   -16.95688 -7.63495  1.000 29.95000 ? 890  LYS B CG  1 
ATOM   589 C CD  . LYS A 1 89  ? 4.79203   -18.27624 -8.37016  1.000 34.22000 ? 890  LYS B CD  1 
ATOM   590 C CE  . LYS A 1 89  ? 4.07265   -18.06943 -9.69654  1.000 34.45000 ? 890  LYS B CE  1 
ATOM   591 N NZ  . LYS A 1 89  ? 4.95673   -17.49045 -10.74649 1.000 37.55000 ? 890  LYS B NZ  1 
ATOM   592 N N   . GLU A 1 90  ? 7.99592   -13.05076 -8.01751  1.000 17.92000 ? 891  GLU B N   1 
ATOM   593 C CA  . GLU A 1 90  ? 9.31574   -12.47339 -8.21650  1.000 17.25000 ? 891  GLU B CA  1 
ATOM   594 C C   . GLU A 1 90  ? 10.11049  -12.40435 -6.91481  1.000 17.79000 ? 891  GLU B C   1 
ATOM   595 O O   . GLU A 1 90  ? 11.31852  -12.65562 -6.91384  1.000 17.20000 ? 891  GLU B O   1 
ATOM   596 C CB  . GLU A 1 90  ? 9.19785   -11.09718 -8.86155  1.000 18.09000 ? 891  GLU B CB  1 
ATOM   597 C CG  . GLU A 1 90  ? 10.53698  -10.51126 -9.26493  1.000 19.14000 ? 891  GLU B CG  1 
ATOM   598 C CD  . GLU A 1 90  ? 10.42913  -9.09068  -9.76959  1.000 20.26000 ? 891  GLU B CD  1 
ATOM   599 O OE1 . GLU A 1 90  ? 11.42164  -8.34700  -9.63715  1.000 19.24000 ? 891  GLU B OE1 1 
ATOM   600 O OE2 . GLU A 1 90  ? 9.34363   -8.71215  -10.25337 1.000 19.97000 ? 891  GLU B OE2 1 
ATOM   601 N N   . ARG A 1 91  ? 9.46104   -12.03230 -5.80504  1.000 20.09000 ? 892  ARG B N   1 
ATOM   602 C CA  . ARG A 1 91  ? 10.10723  -11.98983 -4.49516  1.000 20.02000 ? 892  ARG B CA  1 
ATOM   603 C C   . ARG A 1 91  ? 9.10603   -12.36106 -3.42243  1.000 18.55000 ? 892  ARG B C   1 
ATOM   604 O O   . ARG A 1 91  ? 7.89250   -12.36680 -3.64149  1.000 17.35000 ? 892  ARG B O   1 
ATOM   605 C CB  . ARG A 1 91  ? 10.55896  -10.59319 -4.06470  1.000 23.04000 ? 892  ARG B CB  1 
ATOM   606 C CG  . ARG A 1 91  ? 10.87990  -9.64553  -5.12794  1.000 29.93000 ? 892  ARG B CG  1 
ATOM   607 C CD  . ARG A 1 91  ? 10.51321  -8.22110  -4.76861  1.000 27.17000 ? 892  ARG B CD  1 
ATOM   608 N NE  . ARG A 1 91  ? 10.63104  -7.58774  -6.04865  1.000 32.01000 ? 892  ARG B NE  1 
ATOM   609 C CZ  . ARG A 1 91  ? 9.64133   -7.44193  -6.91412  1.000 30.78000 ? 892  ARG B CZ  1 
ATOM   610 N NH1 . ARG A 1 91  ? 9.95274   -6.93513  -8.06255  1.000 32.78000 ? 892  ARG B NH1 1 
ATOM   611 N NH2 . ARG A 1 91  ? 8.38217   -7.77372  -6.60319  1.000 28.58000 ? 892  ARG B NH2 1 
ATOM   612 N N   . ASP A 1 92  ? 9.63755   -12.58506 -2.22109  1.000 17.90000 ? 893  ASP B N   1 
ATOM   613 C CA  . ASP A 1 92  ? 8.83985   -12.95663 -1.06086  1.000 15.78000 ? 893  ASP B CA  1 
ATOM   614 C C   . ASP A 1 92  ? 8.58224   -11.78849 -0.10993  1.000 16.12000 ? 893  ASP B C   1 
ATOM   615 O O   . ASP A 1 92  ? 8.26642   -12.01190 1.06141   1.000 16.93000 ? 893  ASP B O   1 
ATOM   616 C CB  . ASP A 1 92  ? 9.43486   -14.16467 -0.32255  1.000 20.71000 ? 893  ASP B CB  1 
ATOM   617 C CG  . ASP A 1 92  ? 10.84196  -13.92235 0.18949   1.000 27.98000 ? 893  ASP B CG  1 
ATOM   618 O OD1 . ASP A 1 92  ? 11.23661  -12.75848 0.39573   1.000 29.16000 ? 893  ASP B OD1 1 
ATOM   619 O OD2 . ASP A 1 92  ? 11.56213  -14.92234 0.41421   1.000 37.06000 ? 893  ASP B OD2 1 
ATOM   620 N N   . TYR A 1 93  ? 8.67228   -10.55347 -0.59235  1.000 15.36000 ? 894  TYR B N   1 
ATOM   621 C CA  . TYR A 1 93  ? 8.46933   -9.36876  0.22988   1.000 15.50000 ? 894  TYR B CA  1 
ATOM   622 C C   . TYR A 1 93  ? 7.95606   -8.25700  -0.67583  1.000 14.60000 ? 894  TYR B C   1 
ATOM   623 O O   . TYR A 1 93  ? 8.03044   -8.34939  -1.90690  1.000 15.03000 ? 894  TYR B O   1 
ATOM   624 C CB  . TYR A 1 93  ? 9.77879   -8.92190  0.89767   1.000 15.97000 ? 894  TYR B CB  1 
ATOM   625 C CG  . TYR A 1 93  ? 10.88866  -8.56835  -0.08302  1.000 15.81000 ? 894  TYR B CG  1 
ATOM   626 C CD1 . TYR A 1 93  ? 11.78688  -9.52716  -0.52106  1.000 17.65000 ? 894  TYR B CD1 1 
ATOM   627 C CD2 . TYR A 1 93  ? 11.02218  -7.26642  -0.58136  1.000 16.50000 ? 894  TYR B CD2 1 
ATOM   628 C CE1 . TYR A 1 93  ? 12.79332  -9.20651  -1.42313  1.000 19.07000 ? 894  TYR B CE1 1 
ATOM   629 C CE2 . TYR A 1 93  ? 12.02748  -6.93567  -1.48878  1.000 16.59000 ? 894  TYR B CE2 1 
ATOM   630 C CZ  . TYR A 1 93  ? 12.90972  -7.91914  -1.89712  1.000 17.89000 ? 894  TYR B CZ  1 
ATOM   631 O OH  . TYR A 1 93  ? 13.92253  -7.64688  -2.79136  1.000 20.93000 ? 894  TYR B OH  1 
ATOM   632 N N   . ILE A 1 94  ? 7.43699   -7.19593  -0.06245  1.000 14.61000 ? 895  ILE B N   1 
ATOM   633 C CA  . ILE A 1 94  ? 7.10783   -5.94392  -0.74408  1.000 15.36000 ? 895  ILE B CA  1 
ATOM   634 C C   . ILE A 1 94  ? 7.72125   -4.81342  0.05531   1.000 16.60000 ? 895  ILE B C   1 
ATOM   635 O O   . ILE A 1 94  ? 7.54101   -4.76042  1.27664   1.000 16.44000 ? 895  ILE B O   1 
ATOM   636 C CB  . ILE A 1 94  ? 5.59790   -5.66719  -0.80539  1.000 16.94000 ? 895  ILE B CB  1 
ATOM   637 C CG1 . ILE A 1 94  ? 4.81251   -6.81843  -1.38622  1.000 17.49000 ? 895  ILE B CG1 1 
ATOM   638 C CG2 . ILE A 1 94  ? 5.32334   -4.38835  -1.60679  1.000 16.89000 ? 895  ILE B CG2 1 
ATOM   639 C CD1 . ILE A 1 94  ? 3.33261   -6.60534  -1.22081  1.000 19.01000 ? 895  ILE B CD1 1 
ATOM   640 N N   . ASP A 1 95  ? 8.38272   -3.87761  -0.62122  1.000 16.53000 ? 896  ASP B N   1 
ATOM   641 C CA  . ASP A 1 95  ? 8.89096   -2.66769  0.01696   1.000 16.37000 ? 896  ASP B CA  1 
ATOM   642 C C   . ASP A 1 95  ? 7.91788   -1.52518  -0.23946  1.000 17.34000 ? 896  ASP B C   1 
ATOM   643 O O   . ASP A 1 95  ? 7.66698   -1.17904  -1.39624  1.000 18.93000 ? 896  ASP B O   1 
ATOM   644 C CB  . ASP A 1 95  ? 10.25173  -2.28342  -0.55618  1.000 18.73000 ? 896  ASP B CB  1 
ATOM   645 C CG  . ASP A 1 95  ? 11.37302  -3.16129  -0.05860  1.000 19.84000 ? 896  ASP B CG  1 
ATOM   646 O OD1 . ASP A 1 95  ? 11.27181  -3.71003  1.06221   1.000 22.11000 ? 896  ASP B OD1 1 
ATOM   647 O OD2 . ASP A 1 95  ? 12.36853  -3.30836  -0.79646  1.000 23.26000 ? 896  ASP B OD2 1 
ATOM   648 N N   . PHE A 1 96  ? 7.42284   -0.90088  0.81758   1.000 14.50000 ? 897  PHE B N   1 
ATOM   649 C CA  . PHE A 1 96  ? 6.60312   0.30314   0.72825   1.000 15.48000 ? 897  PHE B CA  1 
ATOM   650 C C   . PHE A 1 96  ? 7.41396   1.47779   1.25634   1.000 14.89000 ? 897  PHE B C   1 
ATOM   651 O O   . PHE A 1 96  ? 7.86299   1.45136   2.40903   1.000 15.85000 ? 897  PHE B O   1 
ATOM   652 C CB  . PHE A 1 96  ? 5.35455   0.16105   1.60162   1.000 15.92000 ? 897  PHE B CB  1 
ATOM   653 C CG  . PHE A 1 96  ? 4.37544   -0.89133  1.12961   1.000 14.90000 ? 897  PHE B CG  1 
ATOM   654 C CD1 . PHE A 1 96  ? 3.43651   -0.58759  0.16289   1.000 16.72000 ? 897  PHE B CD1 1 
ATOM   655 C CD2 . PHE A 1 96  ? 4.36285   -2.16491  1.68284   1.000 15.40000 ? 897  PHE B CD2 1 
ATOM   656 C CE1 . PHE A 1 96  ? 2.51866   -1.53634  -0.26990  1.000 17.38000 ? 897  PHE B CE1 1 
ATOM   657 C CE2 . PHE A 1 96  ? 3.44480   -3.11129  1.25157   1.000 15.68000 ? 897  PHE B CE2 1 
ATOM   658 C CZ  . PHE A 1 96  ? 2.51846   -2.79745  0.28778   1.000 16.43000 ? 897  PHE B CZ  1 
ATOM   659 N N   . LEU A 1 97  ? 7.57762   2.51595   0.43846   1.000 15.67000 ? 898  LEU B N   1 
ATOM   660 C CA  . LEU A 1 97  ? 8.07978   3.79202   0.93145   1.000 15.49000 ? 898  LEU B CA  1 
ATOM   661 C C   . LEU A 1 97  ? 6.88017   4.61078   1.38672   1.000 14.49000 ? 898  LEU B C   1 
ATOM   662 O O   . LEU A 1 97  ? 5.98418   4.88921   0.57843   1.000 15.19000 ? 898  LEU B O   1 
ATOM   663 C CB  . LEU A 1 97  ? 8.83801   4.53162   -0.17019  1.000 17.94000 ? 898  LEU B CB  1 
ATOM   664 C CG  . LEU A 1 97  ? 9.54891   5.79940   0.31081   1.000 16.44000 ? 898  LEU B CG  1 
ATOM   665 C CD1 . LEU A 1 97  ? 10.67271  5.43808   1.25528   1.000 20.50000 ? 898  LEU B CD1 1 
ATOM   666 C CD2 . LEU A 1 97  ? 10.08468  6.59773   -0.86796  1.000 18.87000 ? 898  LEU B CD2 1 
ATOM   667 N N   . VAL A 1 98  ? 6.84918   4.98571   2.67158   1.000 15.16000 ? 899  VAL B N   1 
ATOM   668 C CA  . VAL A 1 98  ? 5.67790   5.61348   3.27490   1.000 16.92000 ? 899  VAL B CA  1 
ATOM   669 C C   . VAL A 1 98  ? 6.05980   6.86701   4.05324   1.000 18.35000 ? 899  VAL B C   1 
ATOM   670 O O   . VAL A 1 98  ? 7.21025   7.06221   4.44272   1.000 18.84000 ? 899  VAL B O   1 
ATOM   671 C CB  . VAL A 1 98  ? 4.90297   4.65738   4.20669   1.000 14.87000 ? 899  VAL B CB  1 
ATOM   672 C CG1 . VAL A 1 98  ? 4.39887   3.45658   3.43718   1.000 16.78000 ? 899  VAL B CG1 1 
ATOM   673 C CG2 . VAL A 1 98  ? 5.77417   4.22651   5.39215   1.000 16.79000 ? 899  VAL B CG2 1 
ATOM   674 N N   . THR A 1 99  ? 5.05557   7.70577   4.31237   1.000 19.65000 ? 900  THR B N   1 
ATOM   675 C CA  . THR A 1 99  ? 5.20336   8.84344   5.21490   1.000 20.73000 ? 900  THR B CA  1 
ATOM   676 C C   . THR A 1 99  ? 3.94026   9.00741   6.05517   1.000 20.72000 ? 900  THR B C   1 
ATOM   677 O O   . THR A 1 99  ? 2.82974   8.74660   5.58937   1.000 19.13000 ? 900  THR B O   1 
ATOM   678 C CB  . THR A 1 99  ? 5.50467   10.15745  4.46907   1.000 21.01000 ? 900  THR B CB  1 
ATOM   679 O OG1 . THR A 1 99  ? 5.65483   11.21363  5.42765   1.000 23.33000 ? 900  THR B OG1 1 
ATOM   680 C CG2 . THR A 1 99  ? 4.38769   10.51552  3.50171   1.000 20.74000 ? 900  THR B CG2 1 
ATOM   681 N N   . GLU A 1 100 ? 4.12834   9.42439   7.31402   1.000 22.01000 ? 901  GLU B N   1 
ATOM   682 C CA  . GLU A 1 100 ? 3.01887   9.81140   8.17816   1.000 22.93000 ? 901  GLU B CA  1 
ATOM   683 C C   . GLU A 1 100 ? 2.55146   11.23415  7.92455   1.000 24.17000 ? 901  GLU B C   1 
ATOM   684 O O   . GLU A 1 100 ? 1.42825   11.58543  8.30092   1.000 24.94000 ? 901  GLU B O   1 
ATOM   685 C CB  . GLU A 1 100 ? 3.44429   9.76348   9.64631   1.000 29.13000 ? 901  GLU B CB  1 
ATOM   686 C CG  . GLU A 1 100 ? 3.70628   8.39766   10.21616  1.000 31.79000 ? 901  GLU B CG  1 
ATOM   687 C CD  . GLU A 1 100 ? 4.20188   8.48555   11.64335  1.000 35.14000 ? 901  GLU B CD  1 
ATOM   688 O OE1 . GLU A 1 100 ? 3.68230   9.34172   12.39135  1.000 35.54000 ? 901  GLU B OE1 1 
ATOM   689 O OE2 . GLU A 1 100 ? 5.11708   7.71671   12.00879  1.000 40.08000 ? 901  GLU B OE2 1 
ATOM   690 N N   . PHE A 1 101 ? 3.39772   12.07569  7.32845   1.000 20.88000 ? 902  PHE B N   1 
ATOM   691 C CA  . PHE A 1 101 ? 3.05482   13.47054  7.11018   1.000 21.84000 ? 902  PHE B CA  1 
ATOM   692 C C   . PHE A 1 101 ? 3.12489   13.73478  5.61452   1.000 21.17000 ? 902  PHE B C   1 
ATOM   693 O O   . PHE A 1 101 ? 2.41376   13.08376  4.85838   1.000 22.09000 ? 902  PHE B O   1 
ATOM   694 C CB  . PHE A 1 101 ? 3.87706   14.39317  7.99392   1.000 22.80000 ? 902  PHE B CB  1 
ATOM   695 C CG  . PHE A 1 101 ? 3.75130   14.09348  9.45649   1.000 25.43000 ? 902  PHE B CG  1 
ATOM   696 C CD1 . PHE A 1 101 ? 2.56082   14.33387  10.12850  1.000 25.39000 ? 902  PHE B CD1 1 
ATOM   697 C CD2 . PHE A 1 101 ? 4.82000   13.57467  10.15440  1.000 26.35000 ? 902  PHE B CD2 1 
ATOM   698 C CE1 . PHE A 1 101 ? 2.44054   14.05576  11.47590  1.000 28.23000 ? 902  PHE B CE1 1 
ATOM   699 C CE2 . PHE A 1 101 ? 4.71077   13.29379  11.50618  1.000 24.08000 ? 902  PHE B CE2 1 
ATOM   700 C CZ  . PHE A 1 101 ? 3.51993   13.53479  12.16672  1.000 27.39000 ? 902  PHE B CZ  1 
ATOM   701 N N   . ASN A 1 102 ? 3.97959   14.65543  5.17275   1.000 19.77000 ? 903  ASN B N   1 
ATOM   702 C CA  . ASN A 1 102 ? 4.12850   14.99465  3.76425   1.000 19.59000 ? 903  ASN B CA  1 
ATOM   703 C C   . ASN A 1 102 ? 5.60542   14.94463  3.39266   1.000 21.71000 ? 903  ASN B C   1 
ATOM   704 O O   . ASN A 1 102 ? 6.48771   15.00101  4.25153   1.000 24.87000 ? 903  ASN B O   1 
ATOM   705 C CB  . ASN A 1 102 ? 3.55582   16.39715  3.45954   1.000 20.48000 ? 903  ASN B CB  1 
ATOM   706 C CG  . ASN A 1 102 ? 2.05607   16.47250  3.68043   1.000 20.71000 ? 903  ASN B CG  1 
ATOM   707 O OD1 . ASN A 1 102 ? 1.31698   15.56152  3.29385   1.000 25.33000 ? 903  ASN B OD1 1 
ATOM   708 N ND2 . ASN A 1 102 ? 1.59505   17.54209  4.31666   1.000 16.70000 ? 903  ASN B ND2 1 
ATOM   709 N N   . VAL A 1 103 ? 5.87088   14.84962  2.09414   1.000 23.39000 ? 904  VAL B N   1 
ATOM   710 C CA  . VAL A 1 103 ? 7.23183   14.86922  1.57390   1.000 25.58000 ? 904  VAL B CA  1 
ATOM   711 C C   . VAL A 1 103 ? 7.31822   15.95651  0.51712   1.000 30.41000 ? 904  VAL B C   1 
ATOM   712 O O   . VAL A 1 103 ? 6.40620   16.10504  -0.30359  1.000 32.14000 ? 904  VAL B O   1 
ATOM   713 C CB  . VAL A 1 103 ? 7.64317   13.50701  0.98505   1.000 26.74000 ? 904  VAL B CB  1 
ATOM   714 C CG1 . VAL A 1 103 ? 9.01295   13.59449  0.32534   1.000 32.43000 ? 904  VAL B CG1 1 
ATOM   715 C CG2 . VAL A 1 103 ? 7.64876   12.44709  2.07369   1.000 25.02000 ? 904  VAL B CG2 1 
ATOM   716 N N   . MET A 1 104 ? 8.40911   16.70952  0.53496   1.000 33.79000 ? 905  MET B N   1 
ATOM   717 C CA  . MET A 1 104 ? 8.59496   17.76015  -0.44464  1.000 35.04000 ? 905  MET B CA  1 
ATOM   718 C C   . MET A 1 104 ? 8.81249   17.22384  -1.85734  1.000 35.72000 ? 905  MET B C   1 
ATOM   719 O O   . MET A 1 104 ? 8.44031   17.88754  -2.82343  1.000 40.97000 ? 905  MET B O   1 
ATOM   720 C CB  . MET A 1 104 ? 9.76190   18.65246  -0.04742  1.000 36.16000 ? 905  MET B CB  1 
ATOM   721 C CG  . MET A 1 104 ? 9.67519   19.29624  1.33532   1.000 38.55000 ? 905  MET B CG  1 
ATOM   722 S SD  . MET A 1 104 ? 10.34861  20.96115  1.20229   1.000 51.81000 ? 905  MET B SD  1 
ATOM   723 C CE  . MET A 1 104 ? 11.81304  20.83547  2.22028   1.000 37.19000 ? 905  MET B CE  1 
ATOM   724 N N   . GLY B 2 1   ? -16.59398 11.50432  -1.66759  1.000 37.27000 ? 739  GLY D N   1 
ATOM   725 C CA  . GLY B 2 1   ? -15.73584 10.69352  -0.82312  1.000 33.08000 ? 739  GLY D CA  1 
ATOM   726 C C   . GLY B 2 1   ? -14.57480 10.08390  -1.58403  1.000 31.82000 ? 739  GLY D C   1 
ATOM   727 O O   . GLY B 2 1   ? -14.60574 9.99401   -2.81126  1.000 34.66000 ? 739  GLY D O   1 
ATOM   728 N N   . LEU B 2 2   ? -13.54372 9.66724   -0.85570  1.000 24.91000 ? 740  LEU D N   1 
ATOM   729 C CA  . LEU B 2 2   ? -12.39325 9.05803   -1.50480  1.000 22.50000 ? 740  LEU D CA  1 
ATOM   730 C C   . LEU B 2 2   ? -12.68276 7.58489   -1.78321  1.000 18.96000 ? 740  LEU D C   1 
ATOM   731 O O   . LEU B 2 2   ? -13.32141 6.91204   -0.96364  1.000 20.31000 ? 740  LEU D O   1 
ATOM   732 C CB  . LEU B 2 2   ? -11.17439 9.15287   -0.59668  1.000 22.14000 ? 740  LEU D CB  1 
ATOM   733 C CG  . LEU B 2 2   ? -10.10244 10.23379  -0.75104  1.000 28.56000 ? 740  LEU D CG  1 
ATOM   734 C CD1 . LEU B 2 2   ? -10.66915 11.62377  -1.01074  1.000 37.73000 ? 740  LEU D CD1 1 
ATOM   735 C CD2 . LEU B 2 2   ? -9.16234  10.22862  0.45115   1.000 26.13000 ? 740  LEU D CD2 1 
ATOM   736 N N   . PRO B 2 3   ? -12.21878 7.05547   -2.91019  1.000 17.15000 ? 741  PRO D N   1 
ATOM   737 C CA  . PRO B 2 3   ? -12.41275 5.62603   -3.17639  1.000 18.46000 ? 741  PRO D CA  1 
ATOM   738 C C   . PRO B 2 3   ? -11.54599 4.79367   -2.24771  1.000 16.07000 ? 741  PRO D C   1 
ATOM   739 O O   . PRO B 2 3   ? -10.42743 5.17814   -1.90597  1.000 16.46000 ? 741  PRO D O   1 
ATOM   740 C CB  . PRO B 2 3   ? -11.95451 5.47305   -4.62895  1.000 17.51000 ? 741  PRO D CB  1 
ATOM   741 C CG  . PRO B 2 3   ? -10.97373 6.60780   -4.83244  1.000 18.34000 ? 741  PRO D CG  1 
ATOM   742 C CD  . PRO B 2 3   ? -11.48978 7.74238   -3.99525  1.000 17.92000 ? 741  PRO D CD  1 
ATOM   743 N N   . VAL B 2 4   ? -12.06520 3.62360   -1.86880  1.000 17.01000 ? 742  VAL D N   1 
ATOM   744 C CA  . VAL B 2 4   ? -11.40315 2.70273   -0.94622  1.000 15.99000 ? 742  VAL D CA  1 
ATOM   745 C C   . VAL B 2 4   ? -11.36660 1.31723   -1.57600  1.000 16.18000 ? 742  VAL D C   1 
ATOM   746 O O   . VAL B 2 4   ? -12.39087 0.82988   -2.06548  1.000 16.13000 ? 742  VAL D O   1 
ATOM   747 C CB  . VAL B 2 4   ? -12.14581 2.63231   0.39994   1.000 18.06000 ? 742  VAL D CB  1 
ATOM   748 C CG1 . VAL B 2 4   ? -11.55467 1.54710   1.28471   1.000 19.56000 ? 742  VAL D CG1 1 
ATOM   749 C CG2 . VAL B 2 4   ? -12.11680 3.97826   1.10451   1.000 21.32000 ? 742  VAL D CG2 1 
ATOM   750 N N   . THR B 2 5   ? -10.20504 0.66309   -1.51974  1.000 14.24000 ? 743  THR D N   1 
ATOM   751 C CA  . THR B 2 5   ? -10.07883 -0.71768  -1.96776  1.000 15.08000 ? 743  THR D CA  1 
ATOM   752 C C   . THR B 2 5   ? -9.32884  -1.55030  -0.94084  1.000 15.40000 ? 743  THR D C   1 
ATOM   753 O O   . THR B 2 5   ? -8.25577  -1.15449  -0.47721  1.000 15.16000 ? 743  THR D O   1 
ATOM   754 C CB  . THR B 2 5   ? -9.35378  -0.81568  -3.31389  1.000 14.95000 ? 743  THR D CB  1 
ATOM   755 O OG1 . THR B 2 5   ? -10.20018 -0.27330  -4.33175  1.000 16.55000 ? 743  THR D OG1 1 
ATOM   756 C CG2 . THR B 2 5   ? -9.03712  -2.27006  -3.66050  1.000 17.05000 ? 743  THR D CG2 1 
ATOM   757 N N   . PHE B 2 6   ? -9.89203  -2.71440  -0.61725  1.000 14.48000 ? 744  PHE D N   1 
ATOM   758 C CA  . PHE B 2 6   ? -9.20138  -3.75687  0.13130   1.000 14.30000 ? 744  PHE D CA  1 
ATOM   759 C C   . PHE B 2 6   ? -8.37069  -4.57274  -0.84944  1.000 15.19000 ? 744  PHE D C   1 
ATOM   760 O O   . PHE B 2 6   ? -8.91886  -5.22778  -1.74633  1.000 15.79000 ? 744  PHE D O   1 
ATOM   761 C CB  . PHE B 2 6   ? -10.22067 -4.63109  0.86233   1.000 17.92000 ? 744  PHE D CB  1 
ATOM   762 C CG  . PHE B 2 6   ? -10.78911 -3.98043  2.08900   1.000 17.84000 ? 744  PHE D CG  1 
ATOM   763 C CD1 . PHE B 2 6   ? -11.76402 -3.00335  1.98297   1.000 20.17000 ? 744  PHE D CD1 1 
ATOM   764 C CD2 . PHE B 2 6   ? -10.33239 -4.33179  3.34899   1.000 18.64000 ? 744  PHE D CD2 1 
ATOM   765 C CE1 . PHE B 2 6   ? -12.27535 -2.38842  3.11398   1.000 21.83000 ? 744  PHE D CE1 1 
ATOM   766 C CE2 . PHE B 2 6   ? -10.84228 -3.71803  4.47675   1.000 22.57000 ? 744  PHE D CE2 1 
ATOM   767 C CZ  . PHE B 2 6   ? -11.81146 -2.75196  4.35843   1.000 21.53000 ? 744  PHE D CZ  1 
ATOM   768 N N   . ILE B 2 7   ? -7.04821  -4.52681  -0.68820  1.000 14.10000 ? 745  ILE D N   1 
ATOM   769 C CA  . ILE B 2 7   ? -6.14331  -5.10243  -1.68173  1.000 16.33000 ? 745  ILE D CA  1 
ATOM   770 C C   . ILE B 2 7   ? -6.43261  -6.57784  -1.90690  1.000 18.20000 ? 745  ILE D C   1 
ATOM   771 O O   . ILE B 2 7   ? -6.32961  -7.07852  -3.03216  1.000 17.05000 ? 745  ILE D O   1 
ATOM   772 C CB  . ILE B 2 7   ? -4.67025  -4.85754  -1.29881  1.000 15.48000 ? 745  ILE D CB  1 
ATOM   773 C CG1 . ILE B 2 7   ? -4.34203  -3.36149  -1.32441  1.000 15.11000 ? 745  ILE D CG1 1 
ATOM   774 C CG2 . ILE B 2 7   ? -3.72024  -5.65527  -2.18941  1.000 16.40000 ? 745  ILE D CG2 1 
ATOM   775 C CD1 . ILE B 2 7   ? -4.54302  -2.67324  -2.65760  1.000 15.57000 ? 745  ILE D CD1 1 
ATOM   776 N N   . ASP B 2 8   ? -6.78315  -7.30308  -0.84312  1.000 17.36000 ? 746  ASP D N   1 
ATOM   777 C CA  . ASP B 2 8   ? -7.00934  -8.73738  -0.97634  1.000 18.54000 ? 746  ASP D CA  1 
ATOM   778 C C   . ASP B 2 8   ? -8.22704  -9.06623  -1.82087  1.000 18.50000 ? 746  ASP D C   1 
ATOM   779 O O   . ASP B 2 8   ? -8.37088  -10.21815 -2.25354  1.000 20.36000 ? 746  ASP D O   1 
ATOM   780 C CB  . ASP B 2 8   ? -7.09484  -9.38346  0.40332   1.000 19.46000 ? 746  ASP D CB  1 
ATOM   781 C CG  . ASP B 2 8   ? -5.79448  -9.25953  1.16929   1.000 19.01000 ? 746  ASP D CG  1 
ATOM   782 O OD1 . ASP B 2 8   ? -4.73784  -9.55689  0.57278   1.000 22.57000 ? 746  ASP D OD1 1 
ATOM   783 O OD2 . ASP B 2 8   ? -5.84690  -8.87018  2.34276   1.000 28.45000 ? 746  ASP D OD2 1 
ATOM   784 N N   . GLU B 2 9   ? -9.08738  -8.08796  -2.07788  1.000 18.12000 ? 747  GLU D N   1 
ATOM   785 C CA  . GLU B 2 9   ? -10.28115 -8.28098  -2.88551  1.000 19.28000 ? 747  GLU D CA  1 
ATOM   786 C C   . GLU B 2 9   ? -10.07769 -7.89559  -4.34437  1.000 21.46000 ? 747  GLU D C   1 
ATOM   787 O O   . GLU B 2 9   ? -11.02626 -7.98841  -5.13018  1.000 24.80000 ? 747  GLU D O   1 
ATOM   788 C CB  . GLU B 2 9   ? -11.45576 -7.51347  -2.26653  1.000 20.07000 ? 747  GLU D CB  1 
ATOM   789 C CG  . GLU B 2 9   ? -11.80463 -8.05935  -0.88040  1.000 20.60000 ? 747  GLU D CG  1 
ATOM   790 C CD  . GLU B 2 9   ? -12.80619 -7.22981  -0.10052  1.000 23.17000 ? 747  GLU D CD  1 
ATOM   791 O OE1 . GLU B 2 9   ? -13.54134 -6.42911  -0.71381  1.000 28.36000 ? 747  GLU D OE1 1 
ATOM   792 O OE2 . GLU B 2 9   ? -12.84335 -7.36828  1.14536   1.000 22.19000 ? 747  GLU D OE2 1 
ATOM   793 N N   . VAL B 2 10  ? -8.86866  -7.48618  -4.73097  1.000 19.14000 ? 748  VAL D N   1 
ATOM   794 C CA  . VAL B 2 10  ? -8.60762  -7.11744  -6.11756  1.000 21.27000 ? 748  VAL D CA  1 
ATOM   795 C C   . VAL B 2 10  ? -8.55964  -8.38069  -6.96298  1.000 28.67000 ? 748  VAL D C   1 
ATOM   796 O O   . VAL B 2 10  ? -7.82348  -9.32408  -6.65008  1.000 29.64000 ? 748  VAL D O   1 
ATOM   797 C CB  . VAL B 2 10  ? -7.29455  -6.32917  -6.22072  1.000 19.99000 ? 748  VAL D CB  1 
ATOM   798 C CG1 . VAL B 2 10  ? -6.89067  -6.14143  -7.68668  1.000 21.95000 ? 748  VAL D CG1 1 
ATOM   799 C CG2 . VAL B 2 10  ? -7.43672  -4.99081  -5.54023  1.000 20.38000 ? 748  VAL D CG2 1 
ATOM   800 N N   . ASP B 2 11  ? -9.33754  -8.40159  -8.04163  1.000 33.30000 ? 749  ASP D N   1 
ATOM   801 C CA  . ASP B 2 11  ? -9.40981  -9.57974  -8.89938  1.000 37.96000 ? 749  ASP D CA  1 
ATOM   802 C C   . ASP B 2 11  ? -8.17603  -9.69708  -9.78818  1.000 36.73000 ? 749  ASP D C   1 
ATOM   803 O O   . ASP B 2 11  ? -7.87924  -8.79763  -10.57435 1.000 37.78000 ? 749  ASP D O   1 
ATOM   804 C CB  . ASP B 2 11  ? -10.68023 -9.55412  -9.75227  1.000 40.54000 ? 749  ASP D CB  1 
ATOM   805 C CG  . ASP B 2 11  ? -11.10728 -10.93928 -10.20138 1.000 49.88000 ? 749  ASP D CG  1 
ATOM   806 O OD1 . ASP B 2 11  ? -11.00284 -11.88673 -9.39117  1.000 52.09000 ? 749  ASP D OD1 1 
ATOM   807 O OD2 . ASP B 2 11  ? -11.54569 -11.08175 -11.36281 1.000 52.34000 ? 749  ASP D OD2 1 
HETATM 808 O O   . HOH C 3 .   ? -11.40360 6.65200   4.17894   1.000 41.17000 ? 1001 HOH B O   1 
HETATM 809 O O   . HOH C 3 .   ? 4.83197   -17.78740 -13.08334 1.000 39.56000 ? 1002 HOH B O   1 
HETATM 810 O O   . HOH C 3 .   ? -6.68488  -11.00978 8.22121   1.000 29.87000 ? 1003 HOH B O   1 
HETATM 811 O O   . HOH C 3 .   ? -1.28234  -10.02742 12.51470  1.000 22.39000 ? 1004 HOH B O   1 
HETATM 812 O O   . HOH C 3 .   ? 2.44473   -10.14073 -10.13465 1.000 29.66000 ? 1005 HOH B O   1 
HETATM 813 O O   . HOH C 3 .   ? 13.41723  6.71032   7.53075   1.000 38.25000 ? 1006 HOH B O   1 
HETATM 814 O O   . HOH C 3 .   ? 0.78081   2.05319   -14.43763 1.000 32.39000 ? 1007 HOH B O   1 
HETATM 815 O O   . HOH C 3 .   ? 8.91020   8.93334   -4.43460  1.000 26.12000 ? 1008 HOH B O   1 
HETATM 816 O O   . HOH C 3 .   ? -2.55496  -6.72483  -13.35559 1.000 28.95000 ? 1009 HOH B O   1 
HETATM 817 O O   . HOH C 3 .   ? -11.61234 13.73889  -7.75588  1.000 28.52000 ? 1010 HOH B O   1 
HETATM 818 O O   . HOH C 3 .   ? 4.77576   -9.93118  7.64901   1.000 15.11000 ? 1011 HOH B O   1 
HETATM 819 O O   . HOH C 3 .   ? -2.61508  5.34225   12.96159  1.000 35.67000 ? 1012 HOH B O   1 
HETATM 820 O O   . HOH C 3 .   ? 6.27563   6.59317   9.90235   1.000 31.82000 ? 1013 HOH B O   1 
HETATM 821 O O   . HOH C 3 .   ? -8.84859  4.88352   -12.78613 1.000 31.66000 ? 1014 HOH B O   1 
HETATM 822 O O   . HOH C 3 .   ? 11.98048  0.55244   8.05437   1.000 32.56000 ? 1015 HOH B O   1 
HETATM 823 O O   . HOH C 3 .   ? 12.63297  7.66465   -3.82090  1.000 33.06000 ? 1016 HOH B O   1 
HETATM 824 O O   . HOH C 3 .   ? 7.30286   14.31039  6.70117   1.000 26.20000 ? 1017 HOH B O   1 
HETATM 825 O O   . HOH C 3 .   ? 3.07769   0.39741   -13.78555 1.000 29.28000 ? 1018 HOH B O   1 
HETATM 826 O O   . HOH C 3 .   ? 4.67780   -17.37168 7.52693   1.000 26.16000 ? 1019 HOH B O   1 
HETATM 827 O O   . HOH C 3 .   ? 13.25942  -8.74821  -7.72916  1.000 19.65000 ? 1020 HOH B O   1 
HETATM 828 O O   . HOH C 3 .   ? 11.12613  -2.93108  7.35197   1.000 21.55000 ? 1021 HOH B O   1 
HETATM 829 O O   . HOH C 3 .   ? -12.97157 13.89117  -1.62201  1.000 40.42000 ? 1022 HOH B O   1 
HETATM 830 O O   . HOH C 3 .   ? -5.42021  -10.15544 5.87385   1.000 25.84000 ? 1023 HOH B O   1 
HETATM 831 O O   . HOH C 3 .   ? 14.16803  -5.16358  -3.81304  1.000 27.23000 ? 1024 HOH B O   1 
HETATM 832 O O   . HOH C 3 .   ? -2.39859  -7.22660  7.42697   1.000 15.07000 ? 1025 HOH B O   1 
HETATM 833 O O   . HOH C 3 .   ? -1.90169  -16.13705 -1.21020  1.000 30.12000 ? 1026 HOH B O   1 
HETATM 834 O O   . HOH C 3 .   ? 0.29709   13.81034  -7.61753  1.000 23.14000 ? 1027 HOH B O   1 
HETATM 835 O O   . HOH C 3 .   ? 13.92800  -12.48904 0.15177   1.000 33.05000 ? 1028 HOH B O   1 
HETATM 836 O O   . HOH C 3 .   ? 6.80914   -7.60975  -4.24153  1.000 16.38000 ? 1029 HOH B O   1 
HETATM 837 O O   . HOH C 3 .   ? 6.19030   8.90991   -5.02432  1.000 21.53000 ? 1030 HOH B O   1 
HETATM 838 O O   . HOH C 3 .   ? 1.53993   12.56690  2.32793   1.000 25.60000 ? 1031 HOH B O   1 
HETATM 839 O O   . HOH C 3 .   ? -4.12259  -14.67615 5.19259   1.000 28.41000 ? 1032 HOH B O   1 
HETATM 840 O O   . HOH C 3 .   ? -6.08687  -0.21321  -13.45249 1.000 28.92000 ? 1033 HOH B O   1 
HETATM 841 O O   . HOH C 3 .   ? -9.25733  4.46150   8.76840   1.000 26.17000 ? 1034 HOH B O   1 
HETATM 842 O O   . HOH C 3 .   ? 1.46514   -10.17597 -13.29055 1.000 28.46000 ? 1035 HOH B O   1 
HETATM 843 O O   . HOH C 3 .   ? 5.23178   3.60933   -13.18300 1.000 27.66000 ? 1036 HOH B O   1 
HETATM 844 O O   . HOH C 3 .   ? 11.44901  2.88823   -2.25223  1.000 20.99000 ? 1037 HOH B O   1 
HETATM 845 O O   . HOH C 3 .   ? 4.54991   9.36047   -12.04797 1.000 31.32000 ? 1038 HOH B O   1 
HETATM 846 O O   . HOH C 3 .   ? 7.47635   2.30106   10.58859  1.000 32.58000 ? 1039 HOH B O   1 
HETATM 847 O O   . HOH C 3 .   ? 6.59361   -8.69915  -9.91726  0.50  21.07000 ? 1040 HOH B O   1 
HETATM 848 O O   . HOH C 3 .   ? -6.90851  10.98153  3.33388   1.000 30.18000 ? 1041 HOH B O   1 
HETATM 849 O O   . HOH C 3 .   ? 6.75803   9.37944   8.18811   1.000 30.46000 ? 1042 HOH B O   1 
HETATM 850 O O   . HOH C 3 .   ? 16.23561  -8.13174  -1.33228  1.000 28.08000 ? 1043 HOH B O   1 
HETATM 851 O O   . HOH C 3 .   ? -4.55648  -2.79818  12.78103  1.000 33.60000 ? 1044 HOH B O   1 
HETATM 852 O O   . HOH C 3 .   ? -3.31927  -7.03910  -9.79386  1.000 28.29000 ? 1045 HOH B O   1 
HETATM 853 O O   . HOH C 3 .   ? 11.70441  -3.87723  -3.43704  1.000 24.88000 ? 1046 HOH B O   1 
HETATM 854 O O   . HOH C 3 .   ? 12.43253  -8.35028  6.20288   1.000 35.11000 ? 1047 HOH B O   1 
HETATM 855 O O   . HOH C 3 .   ? -7.41103  -2.60837  -8.67726  1.000 21.22000 ? 1048 HOH B O   1 
HETATM 856 O O   . HOH C 3 .   ? 1.92891   -2.99475  10.31542  1.000 19.39000 ? 1049 HOH B O   1 
HETATM 857 O O   . HOH C 3 .   ? 12.84227  4.39751   -5.82281  1.000 32.71000 ? 1050 HOH B O   1 
HETATM 858 O O   . HOH C 3 .   ? -7.72718  10.05332  -16.16544 1.000 34.17000 ? 1051 HOH B O   1 
HETATM 859 O O   . HOH C 3 .   ? -0.50368  13.57287  8.66985   1.000 35.04000 ? 1052 HOH B O   1 
HETATM 860 O O   . HOH C 3 .   ? -4.10221  -14.86466 7.85596   1.000 30.87000 ? 1053 HOH B O   1 
HETATM 861 O O   . HOH C 3 .   ? -8.82741  0.91378   10.33926  1.000 27.01000 ? 1054 HOH B O   1 
HETATM 862 O O   . HOH C 3 .   ? 13.74222  -1.05662  4.79254   1.000 27.32000 ? 1055 HOH B O   1 
HETATM 863 O O   . HOH C 3 .   ? -1.81259  7.17708   -6.35470  1.000 22.22000 ? 1056 HOH B O   1 
HETATM 864 O O   . HOH C 3 .   ? -0.56946  -14.60140 9.74764   1.000 20.01000 ? 1057 HOH B O   1 
HETATM 865 O O   . HOH C 3 .   ? 1.79939   -14.86971 0.44801   1.000 22.99000 ? 1058 HOH B O   1 
HETATM 866 O O   . HOH C 3 .   ? 1.59958   -13.84004 -2.20182  1.000 23.23000 ? 1059 HOH B O   1 
HETATM 867 O O   . HOH C 3 .   ? 3.36918   -17.08545 3.60629   1.000 33.85000 ? 1060 HOH B O   1 
HETATM 868 O O   . HOH C 3 .   ? 9.41585   5.47838   -9.56073  1.000 25.21000 ? 1061 HOH B O   1 
HETATM 869 O O   . HOH C 3 .   ? -0.83628  11.19223  -8.03347  1.000 22.68000 ? 1062 HOH B O   1 
HETATM 870 O O   . HOH C 3 .   ? 10.82601  -15.35031 -5.48282  1.000 24.88000 ? 1063 HOH B O   1 
HETATM 871 O O   . HOH C 3 .   ? 11.80143  -3.44152  -7.02880  0.50  21.91000 ? 1064 HOH B O   1 
HETATM 872 O O   . HOH C 3 .   ? -6.99012  -1.19769  10.76551  1.000 20.06000 ? 1065 HOH B O   1 
HETATM 873 O O   . HOH C 3 .   ? 12.95208  -3.92373  10.75113  1.000 36.98000 ? 1066 HOH B O   1 
HETATM 874 O O   . HOH C 3 .   ? 9.27133   1.19144   -2.38255  1.000 18.17000 ? 1067 HOH B O   1 
HETATM 875 O O   . HOH C 3 .   ? -2.92775  -0.87331  -16.23611 1.000 35.30000 ? 1068 HOH B O   1 
HETATM 876 O O   . HOH C 3 .   ? -0.88789  10.09475  9.17542   1.000 33.37000 ? 1069 HOH B O   1 
HETATM 877 O O   . HOH C 3 .   ? 0.39205   -16.70429 8.22244   1.000 28.47000 ? 1070 HOH B O   1 
HETATM 878 O O   . HOH C 3 .   ? -0.47391  12.82438  5.40217   1.000 29.01000 ? 1071 HOH B O   1 
HETATM 879 O O   . HOH C 3 .   ? -2.04550  -17.13406 5.82258   1.000 22.90000 ? 1072 HOH B O   1 
HETATM 880 O O   . HOH C 3 .   ? 10.96745  6.68617   -7.56826  1.000 32.32000 ? 1073 HOH B O   1 
HETATM 881 O O   . HOH C 3 .   ? -1.51016  -10.99920 -9.64825  1.000 35.44000 ? 1074 HOH B O   1 
HETATM 882 O O   . HOH C 3 .   ? -7.50901  -5.80665  12.43642  1.000 28.46000 ? 1075 HOH B O   1 
HETATM 883 O O   . HOH C 3 .   ? -0.43581  -13.64245 12.71988  1.000 27.72000 ? 1076 HOH B O   1 
HETATM 884 O O   . HOH C 3 .   ? 12.56806  -12.82523 -2.24636  1.000 27.51000 ? 1077 HOH B O   1 
HETATM 885 O O   . HOH C 3 .   ? -0.94027  13.01645  1.42971   1.000 25.74000 ? 1078 HOH B O   1 
HETATM 886 O O   . HOH C 3 .   ? -3.85940  5.56406   -13.60061 1.000 24.49000 ? 1079 HOH B O   1 
HETATM 887 O O   . HOH C 3 .   ? 6.79949   -16.12289 1.79153   1.000 34.51000 ? 1080 HOH B O   1 
HETATM 888 O O   . HOH C 3 .   ? 5.74383   19.12572  -2.93550  1.000 34.36000 ? 1081 HOH B O   1 
HETATM 889 O O   . HOH C 3 .   ? 13.90663  4.00556   5.73282   1.000 31.14000 ? 1082 HOH B O   1 
HETATM 890 O O   . HOH C 3 .   ? 8.92896   -13.85707 3.32725   1.000 31.81000 ? 1083 HOH B O   1 
HETATM 891 O O   . HOH C 3 .   ? -2.21557  1.47909   12.70823  1.000 28.00000 ? 1084 HOH B O   1 
HETATM 892 O O   . HOH C 3 .   ? 7.18632   10.65388  -8.55616  1.000 33.66000 ? 1085 HOH B O   1 
HETATM 893 O O   . HOH C 3 .   ? -2.18076  -10.55834 20.57670  1.000 18.41000 ? 1086 HOH B O   1 
HETATM 894 O O   . HOH C 3 .   ? -11.20513 10.16756  4.06938   1.000 36.81000 ? 1087 HOH B O   1 
HETATM 895 O O   . HOH C 3 .   ? 12.91850  -12.86792 11.54487  1.000 27.57000 ? 1088 HOH B O   1 
HETATM 896 O O   . HOH C 3 .   ? -11.21676 14.27695  -4.39624  1.000 26.47000 ? 1089 HOH B O   1 
HETATM 897 O O   . HOH C 3 .   ? -0.65546  -14.67876 -3.20175  1.000 29.92000 ? 1090 HOH B O   1 
HETATM 898 O O   . HOH C 3 .   ? 6.63179   15.38260  -3.40797  1.000 43.31000 ? 1091 HOH B O   1 
HETATM 899 O O   . HOH C 3 .   ? 3.51212   -14.85233 -3.95601  1.000 29.81000 ? 1092 HOH B O   1 
HETATM 900 O O   . HOH C 3 .   ? -7.22297  -2.49336  -13.18054 1.000 31.52000 ? 1093 HOH B O   1 
HETATM 901 O O   . HOH C 3 .   ? 13.83912  -2.51963  2.51189   1.000 27.61000 ? 1094 HOH B O   1 
HETATM 902 O O   . HOH C 3 .   ? 4.92564   18.15131  -10.56396 1.000 29.87000 ? 1095 HOH B O   1 
HETATM 903 O O   . HOH C 3 .   ? 10.86393  10.32440  0.41837   1.000 36.75000 ? 1096 HOH B O   1 
HETATM 904 O O   . HOH C 3 .   ? -0.16998  7.85087   10.77179  1.000 35.86000 ? 1097 HOH B O   1 
HETATM 905 O O   . HOH C 3 .   ? -6.68164  3.62559   -12.74771 1.000 31.57000 ? 1098 HOH B O   1 
HETATM 906 O O   . HOH C 3 .   ? 0.78890   8.07971   13.00756  1.000 41.20000 ? 1099 HOH B O   1 
HETATM 907 O O   . HOH C 3 .   ? -3.28504  -5.59879  17.18429  1.000 40.20000 ? 1100 HOH B O   1 
HETATM 908 O O   . HOH C 3 .   ? 5.87244   13.43363  -2.04739  1.000 36.46000 ? 1101 HOH B O   1 
HETATM 909 O O   . HOH C 3 .   ? 13.00000  -1.29668  -4.88987  1.000 29.72000 ? 1102 HOH B O   1 
HETATM 910 O O   . HOH C 3 .   ? 8.48073   -15.78832 -4.33770  1.000 31.22000 ? 1103 HOH B O   1 
HETATM 911 O O   . HOH C 3 .   ? -8.58292  -3.60786  11.10467  1.000 28.36000 ? 1104 HOH B O   1 
HETATM 912 O O   . HOH C 3 .   ? 4.38534   -16.49234 0.46632   1.000 33.00000 ? 1105 HOH B O   1 
HETATM 913 O O   . HOH C 3 .   ? -5.74527  -4.85585  14.56369  1.000 36.17000 ? 1106 HOH B O   1 
HETATM 914 O O   . HOH C 3 .   ? -3.04612  -9.17710  -8.49592  1.000 34.62000 ? 1107 HOH B O   1 
HETATM 915 O O   . HOH C 3 .   ? 13.56920  2.17263   -8.30641  1.000 34.10000 ? 1108 HOH B O   1 
HETATM 916 O O   . HOH C 3 .   ? -7.51423  -4.43167  -10.82966 1.000 27.41000 ? 1109 HOH B O   1 
HETATM 917 O O   . HOH C 3 .   ? 15.20648  -4.36919  4.00450   1.000 34.25000 ? 1110 HOH B O   1 
HETATM 918 O O   . HOH C 3 .   ? -0.89092  -10.37699 16.40291  1.000 31.58000 ? 1111 HOH B O   1 
HETATM 919 O O   . HOH C 3 .   ? -1.23410  -8.01436  18.77722  1.000 38.47000 ? 1112 HOH B O   1 
HETATM 920 O O   . HOH C 3 .   ? 7.60321   -14.81633 5.34317   1.000 31.53000 ? 1113 HOH B O   1 
HETATM 921 O O   . HOH C 3 .   ? -0.24425  12.86772  -1.22113  1.000 31.82000 ? 1114 HOH B O   1 
HETATM 922 O O   . HOH C 3 .   ? 13.07522  0.92886   -3.32292  1.000 29.62000 ? 1115 HOH B O   1 
HETATM 923 O O   . HOH C 3 .   ? -5.23731  8.17932   9.64029   1.000 36.39000 ? 1116 HOH B O   1 
HETATM 924 O O   . HOH C 3 .   ? 6.30334   -17.26392 5.33504   1.000 37.55000 ? 1117 HOH B O   1 
HETATM 925 O O   . HOH C 3 .   ? 7.46763   4.93457   11.06375  1.000 38.69000 ? 1118 HOH B O   1 
HETATM 926 O O   . HOH C 3 .   ? -10.90333 -4.99156  8.55234   1.000 32.86000 ? 1119 HOH B O   1 
HETATM 927 O O   . HOH C 3 .   ? 2.30498   -12.64291 -10.55090 1.000 32.95000 ? 1120 HOH B O   1 
HETATM 928 O O   . HOH C 3 .   ? 1.39431   14.14855  -4.42760  1.000 30.91000 ? 1121 HOH B O   1 
HETATM 929 O O   . HOH C 3 .   ? -9.85661  -3.24910  -8.14841  1.000 34.16000 ? 1122 HOH B O   1 
HETATM 930 O O   . HOH C 3 .   ? -7.59004  1.87837   -13.92238 1.000 33.54000 ? 1123 HOH B O   1 
HETATM 931 O O   . HOH C 3 .   ? -6.52078  -14.32116 -0.61258  1.000 33.54000 ? 1124 HOH B O   1 
HETATM 932 O O   . HOH C 3 .   ? 14.10655  6.17506   -2.64698  1.000 37.98000 ? 1125 HOH B O   1 
HETATM 933 O O   . HOH C 3 .   ? -6.42016  -13.52206 7.93018   1.000 33.20000 ? 1126 HOH B O   1 
HETATM 934 O O   . HOH C 3 .   ? 16.00000  -10.66323 -0.46352  1.000 32.54000 ? 1127 HOH B O   1 
HETATM 935 O O   . HOH C 3 .   ? 6.32955   10.87320  -11.26098 1.000 35.83000 ? 1128 HOH B O   1 
HETATM 936 O O   . HOH C 3 .   ? 13.90444  -2.49967  6.96449   1.000 37.66000 ? 1129 HOH B O   1 
HETATM 937 O O   . HOH C 3 .   ? -9.70371  9.45129   -17.15225 1.000 38.01000 ? 1130 HOH B O   1 
HETATM 938 O O   . HOH C 3 .   ? 15.78781  0.48158   4.85016   1.000 36.79000 ? 1131 HOH B O   1 
HETATM 939 O O   . HOH C 3 .   ? 0.85774   6.26668   14.90197  1.000 44.13000 ? 1132 HOH B O   1 
HETATM 940 O O   . HOH C 3 .   ? -4.29463  -17.28589 -2.15058  1.000 38.87000 ? 1133 HOH B O   1 
HETATM 941 O O   . HOH C 3 .   ? -5.47303  -0.50486  12.95721  1.000 37.93000 ? 1134 HOH B O   1 
HETATM 942 O O   . HOH C 3 .   ? 6.44884   -15.48269 -0.85651  1.000 30.28000 ? 1135 HOH B O   1 
HETATM 943 O O   . HOH C 3 .   ? -14.05644 5.92353   3.75333   1.000 38.74000 ? 1136 HOH B O   1 
HETATM 944 O O   . HOH C 3 .   ? 4.89774   13.41335  -4.40328  1.000 47.71000 ? 1137 HOH B O   1 
HETATM 945 O O   . HOH C 3 .   ? -0.13929  -17.81304 -0.52577  1.000 38.46000 ? 1138 HOH B O   1 
HETATM 946 O O   . HOH C 3 .   ? 13.63581  4.11256   -0.98132  1.000 29.51000 ? 1139 HOH B O   1 
HETATM 947 O O   . HOH C 3 .   ? -10.19100 6.39708   7.25038   1.000 34.79000 ? 1140 HOH B O   1 
HETATM 948 O O   . HOH C 3 .   ? -5.84649  4.24100   -14.75484 1.000 33.92000 ? 1141 HOH B O   1 
HETATM 949 O O   . HOH C 3 .   ? -6.11623  -16.22975 4.08263   0.50  21.54000 ? 1142 HOH B O   1 
HETATM 950 O O   . HOH C 3 .   ? -6.55619  -16.43213 1.47578   1.000 26.52000 ? 1143 HOH B O   1 
HETATM 951 O O   . HOH C 3 .   ? 9.50061   10.40509  -1.98719  1.000 36.08000 ? 1144 HOH B O   1 
HETATM 952 O O   . HOH C 3 .   ? 14.37984  2.01935   -5.46261  1.000 36.63000 ? 1145 HOH B O   1 
HETATM 953 O O   . HOH C 3 .   ? 14.36585  5.19635   1.59875   1.000 34.38000 ? 1146 HOH B O   1 
HETATM 954 O O   . HOH C 3 .   ? 5.93485   21.88457  -3.12013  1.000 39.34000 ? 1147 HOH B O   1 
HETATM 955 O O   . HOH C 3 .   ? 5.88590   11.57186  -4.07059  1.000 33.21000 ? 1148 HOH B O   1 
HETATM 956 O O   . HOH C 3 .   ? 9.78176   7.98001   -11.27841 1.000 37.40000 ? 1149 HOH B O   1 
HETATM 957 O O   . HOH C 3 .   ? -5.15990  -19.11178 0.83808   1.000 36.77000 ? 1150 HOH B O   1 
HETATM 958 O O   . HOH C 3 .   ? -10.54308 -2.61389  12.60404  1.000 40.68000 ? 1151 HOH B O   1 
HETATM 959 O O   . HOH C 3 .   ? 1.29983   -18.61956 -2.59302  1.000 40.98000 ? 1152 HOH B O   1 
HETATM 960 O O   . HOH C 3 .   ? 15.96917  2.48198   -1.40346  1.000 40.17000 ? 1153 HOH B O   1 
HETATM 961 O O   . HOH D 3 .   ? -6.39055  -6.87693  -10.99272 1.000 31.91000 ? 801  HOH D O   1 
HETATM 962 O O   . HOH D 3 .   ? -7.33512  -9.65091  4.43941   1.000 28.86000 ? 802  HOH D O   1 
HETATM 963 O O   . HOH D 3 .   ? -5.05911  -9.22030  -4.19936  1.000 28.92000 ? 803  HOH D O   1 
HETATM 964 O O   . HOH D 3 .   ? -5.11682  -9.94237  -6.46358  1.000 34.51000 ? 804  HOH D O   1 
HETATM 965 O O   . HOH D 3 .   ? -7.03512  -6.34574  1.86749   1.000 20.30000 ? 805  HOH D O   1 
HETATM 966 O O   . HOH D 3 .   ? -14.94409 -6.85718  -3.18931  1.000 35.81000 ? 806  HOH D O   1 
HETATM 967 O O   . HOH D 3 .   ? -10.48263 -8.36825  2.47156   1.000 25.52000 ? 807  HOH D O   1 
HETATM 968 O O   . HOH D 3 .   ? -15.43269 -8.61356  1.52394   1.000 28.43000 ? 808  HOH D O   1 
HETATM 969 O O   . HOH D 3 .   ? -12.95699 7.28232   1.91597   1.000 30.35000 ? 809  HOH D O   1 
HETATM 970 O O   . HOH D 3 .   ? -9.72688  -1.17706  -7.10164  1.000 28.81000 ? 810  HOH D O   1 
HETATM 971 O O   . HOH D 3 .   ? -13.52252 -6.37854  -5.27047  1.000 34.40000 ? 811  HOH D O   1 
HETATM 972 O O   . HOH D 3 .   ? -13.39176 9.77480   2.15363   1.000 38.26000 ? 812  HOH D O   1 
HETATM 973 O O   . HOH D 3 .   ? -10.67640 -5.76845  -8.64943  1.000 33.10000 ? 813  HOH D O   1 
HETATM 974 O O   . HOH D 3 .   ? -7.43960  -9.47538  -13.85721 1.000 43.89000 ? 814  HOH D O   1 
HETATM 975 O O   . HOH D 3 .   ? -9.01819  -10.63722 2.99591   1.000 31.00000 ? 815  HOH D O   1 
HETATM 976 O O   . HOH D 3 .   ? -10.43946 -11.04388 0.70460   1.000 34.63000 ? 816  HOH D O   1 
HETATM 977 O O   . HOH D 3 .   ? -8.78060  -12.89837 0.55300   1.000 35.08000 ? 817  HOH D O   1 
HETATM 978 O O   . HOH D 3 .   ? -5.47075  -6.74007  -13.55752 1.000 33.07000 ? 818  HOH D O   1 
# 
